data_1QHA
#
_entry.id   1QHA
#
_cell.length_a   83.590
_cell.length_b   176.170
_cell.length_c   86.760
_cell.angle_alpha   90.00
_cell.angle_beta   90.53
_cell.angle_gamma   90.00
#
_symmetry.space_group_name_H-M   'P 1 21 1'
#
loop_
_entity.id
_entity.type
_entity.pdbx_description
1 polymer 'PROTEIN (HEXOKINASE)'
2 non-polymer alpha-D-glucopyranose
3 non-polymer 6-O-phosphono-alpha-D-glucopyranose
4 non-polymer 'MAGNESIUM ION'
5 non-polymer 'PHOSPHOAMINOPHOSPHONIC ACID-ADENYLATE ESTER'
6 water water
#
_entity_poly.entity_id   1
_entity_poly.type   'polypeptide(L)'
_entity_poly.pdbx_seq_one_letter_code
;MIAAQLLAYYFTELKDDQVKKIDKYLYAMRLSDETLIDIMTRFRKEMKNGLSRDFNPTATVKMLPTFVRSIPDGSEKGDF
IALDLGGSSFRILRVQVNHEKNQNVHMESEVYDTPENIVHGSGSQLFDHVAECLGDFMEKRKIKDKKLPVGFTFSFPCQQ
SKIDEAILITWTKRFKASGVEGADVVKLLNKAIKKRGDYDANIVAVVNDTVGTMMTCGYDDQHCEVGLIIGTGTNACYME
ELRHIDLVEGDEGRMCINTEWGAFGDDGSLEDIRTEFDREIDRGSLNPGKQLFEKMVSGMYLGELVRLILVKMAKEGLLF
EGRITPELLTRGKFNTSDVSAIEKNKEGLHNAKEILTRLGVEPSDDDCVSVQHVCTIVSFRSANLVAATLGAILNRLRDN
KGTPRLRTTVGVDGSLYKTHPQYSRRFHKTLRRLVPDSDVRFLLSESGSGKGAAMVTAVAYRLAEQHRQIEETLAHFHLT
KDMLLEVKKRMRAEMELGLRKQTHNNAVVKMLPSFVRRTPDGTENGDFLALDLGGTNFRVLLVKIRSGKKRTVEMHNKIY
AIPIEIMQGTGEELFDHIVSCISDFLDYMGIKGPRMPLGFTFSFPCQQTSLDAGILITWTKGFKATDCVGHDVVTLLRDA
IKRREEFDLDVVAVVNDTVGTMMTCAYEEPTCEVGLIVGTGSNACYMEEMKNVEMVEGDQGQMCINMEWGAFGDNGCLDD
IRTHYDRLVNEYSLNAGKQRYEKMISGMYLGEIVRNILIDFTKKGFLFRGQISETLKTRGIFETKFLSQIESDRLALLQV
RAILQQLGLNSTCDDSILVKTVCGVVSRRAAQLCGAGMAAVVDKIRENRGLDRLNVTVGVDGTLYKLHPHFSRIMHQTVK
ELSPKCNVSFLLSEDGSGKGAALITAVGVRLRTEASS
;
_entity_poly.pdbx_strand_id   A,B
#
# COMPACT_ATOMS: atom_id res chain seq x y z
N THR A 12 -1.25 -70.28 -17.70
CA THR A 12 -2.59 -70.76 -18.23
C THR A 12 -3.45 -69.60 -18.72
N GLU A 13 -4.67 -69.54 -18.25
CA GLU A 13 -5.62 -68.47 -18.09
C GLU A 13 -5.81 -68.26 -16.56
N LEU A 14 -5.09 -67.32 -15.96
CA LEU A 14 -5.18 -67.04 -14.53
C LEU A 14 -6.55 -66.50 -14.12
N LYS A 15 -7.16 -67.11 -13.11
CA LYS A 15 -8.45 -66.58 -12.65
C LYS A 15 -8.31 -65.79 -11.35
N ASP A 16 -9.03 -64.65 -11.31
CA ASP A 16 -8.98 -63.73 -10.20
C ASP A 16 -9.35 -64.36 -8.86
N ASP A 17 -8.60 -64.05 -7.82
CA ASP A 17 -8.95 -64.37 -6.44
C ASP A 17 -9.31 -63.08 -5.69
N GLN A 18 -9.59 -63.13 -4.39
CA GLN A 18 -10.13 -61.98 -3.66
C GLN A 18 -9.29 -60.72 -3.92
N VAL A 19 -8.00 -60.85 -3.66
CA VAL A 19 -6.95 -59.91 -3.85
C VAL A 19 -6.93 -59.29 -5.23
N LYS A 20 -6.98 -60.06 -6.30
CA LYS A 20 -7.07 -59.43 -7.61
C LYS A 20 -8.36 -58.66 -7.76
N LYS A 21 -9.47 -59.15 -7.27
CA LYS A 21 -10.78 -58.50 -7.37
C LYS A 21 -10.82 -57.17 -6.61
N ILE A 22 -10.26 -57.17 -5.41
CA ILE A 22 -10.15 -55.91 -4.65
C ILE A 22 -9.27 -54.88 -5.34
N ASP A 23 -8.14 -55.29 -5.94
CA ASP A 23 -7.34 -54.31 -6.71
C ASP A 23 -8.17 -53.72 -7.86
N LYS A 24 -9.07 -54.49 -8.45
CA LYS A 24 -9.96 -54.01 -9.49
C LYS A 24 -11.00 -53.08 -8.85
N TYR A 25 -11.69 -53.51 -7.83
CA TYR A 25 -12.66 -52.68 -7.12
C TYR A 25 -12.05 -51.32 -6.75
N LEU A 26 -10.85 -51.30 -6.18
CA LEU A 26 -10.23 -50.08 -5.64
C LEU A 26 -9.14 -49.55 -6.57
N TYR A 27 -9.33 -49.84 -7.86
CA TYR A 27 -8.31 -49.45 -8.84
C TYR A 27 -7.85 -48.00 -8.66
N ALA A 28 -8.82 -47.09 -8.47
CA ALA A 28 -8.63 -45.68 -8.41
C ALA A 28 -7.73 -45.26 -7.27
N MET A 29 -7.50 -46.13 -6.31
CA MET A 29 -6.57 -45.82 -5.25
C MET A 29 -5.20 -46.40 -5.51
N ARG A 30 -5.06 -47.21 -6.54
CA ARG A 30 -3.75 -47.84 -6.81
C ARG A 30 -3.04 -46.94 -7.83
N LEU A 31 -2.16 -46.07 -7.33
CA LEU A 31 -1.54 -45.04 -8.14
C LEU A 31 -0.13 -45.42 -8.61
N SER A 32 0.10 -45.50 -9.89
CA SER A 32 1.36 -45.81 -10.52
C SER A 32 2.38 -44.67 -10.59
N ASP A 33 3.65 -45.01 -10.89
CA ASP A 33 4.70 -44.01 -11.02
C ASP A 33 4.32 -42.86 -11.95
N GLU A 34 3.70 -43.11 -13.09
CA GLU A 34 3.19 -42.02 -13.91
C GLU A 34 2.19 -41.14 -13.19
N THR A 35 1.30 -41.63 -12.33
CA THR A 35 0.32 -40.73 -11.77
C THR A 35 0.91 -39.92 -10.66
N LEU A 36 1.95 -40.48 -10.03
CA LEU A 36 2.55 -39.77 -8.88
C LEU A 36 3.51 -38.70 -9.37
N ILE A 37 4.19 -38.96 -10.49
CA ILE A 37 4.99 -37.94 -11.14
C ILE A 37 4.10 -36.77 -11.59
N ASP A 38 2.89 -37.00 -12.03
CA ASP A 38 1.95 -35.93 -12.38
C ASP A 38 1.56 -35.10 -11.17
N ILE A 39 1.26 -35.69 -10.03
CA ILE A 39 0.92 -35.06 -8.76
C ILE A 39 2.07 -34.22 -8.23
N MET A 40 3.26 -34.83 -8.25
CA MET A 40 4.49 -34.12 -7.85
C MET A 40 4.70 -32.78 -8.58
N THR A 41 4.57 -32.78 -9.89
CA THR A 41 4.67 -31.66 -10.80
C THR A 41 3.51 -30.69 -10.52
N ARG A 42 2.30 -31.22 -10.30
CA ARG A 42 1.26 -30.31 -9.86
C ARG A 42 1.68 -29.66 -8.54
N PHE A 43 2.26 -30.40 -7.60
CA PHE A 43 2.56 -29.80 -6.32
C PHE A 43 3.65 -28.74 -6.51
N ARG A 44 4.58 -29.01 -7.40
CA ARG A 44 5.71 -28.16 -7.70
C ARG A 44 5.24 -26.78 -8.19
N LYS A 45 4.15 -26.72 -8.95
CA LYS A 45 3.65 -25.51 -9.53
C LYS A 45 2.84 -24.73 -8.53
N GLU A 46 2.23 -25.46 -7.60
CA GLU A 46 1.49 -24.89 -6.47
C GLU A 46 2.40 -24.23 -5.46
N MET A 47 3.59 -24.77 -5.20
CA MET A 47 4.57 -24.15 -4.30
C MET A 47 5.00 -22.81 -4.89
N LYS A 48 5.32 -22.89 -6.18
CA LYS A 48 5.83 -21.75 -6.96
C LYS A 48 4.71 -20.72 -6.95
N ASN A 49 3.53 -21.26 -7.29
CA ASN A 49 2.30 -20.49 -7.10
C ASN A 49 2.27 -19.86 -5.71
N GLY A 50 2.51 -20.58 -4.61
CA GLY A 50 2.44 -19.97 -3.31
C GLY A 50 3.47 -18.93 -2.91
N LEU A 51 4.65 -19.02 -3.49
CA LEU A 51 5.73 -18.09 -3.16
C LEU A 51 5.62 -16.79 -3.94
N SER A 52 4.96 -16.77 -5.11
CA SER A 52 4.95 -15.53 -5.89
C SER A 52 3.84 -14.56 -5.48
N ARG A 53 4.19 -13.29 -5.47
CA ARG A 53 3.16 -12.28 -5.19
C ARG A 53 2.08 -12.22 -6.27
N ASP A 54 2.25 -12.77 -7.47
CA ASP A 54 1.21 -12.72 -8.47
C ASP A 54 0.13 -13.78 -8.35
N PHE A 55 0.37 -14.81 -7.55
CA PHE A 55 -0.61 -15.86 -7.43
C PHE A 55 -0.85 -16.31 -6.01
N ASN A 56 -0.42 -15.68 -4.97
CA ASN A 56 -0.52 -16.19 -3.62
C ASN A 56 -1.89 -16.07 -2.98
N PRO A 57 -2.58 -14.97 -3.29
CA PRO A 57 -3.86 -14.64 -2.68
C PRO A 57 -4.94 -15.65 -3.00
N THR A 58 -4.79 -16.43 -4.07
CA THR A 58 -5.71 -17.49 -4.40
C THR A 58 -5.10 -18.89 -4.33
N ALA A 59 -3.82 -19.00 -4.05
CA ALA A 59 -3.10 -20.27 -3.90
C ALA A 59 -3.69 -21.17 -2.84
N THR A 60 -3.71 -22.49 -2.97
CA THR A 60 -4.24 -23.35 -1.90
C THR A 60 -3.13 -23.83 -0.97
N VAL A 61 -1.90 -23.83 -1.49
CA VAL A 61 -0.69 -24.14 -0.75
C VAL A 61 0.01 -22.86 -0.30
N LYS A 62 -0.29 -22.40 0.91
CA LYS A 62 0.06 -21.09 1.40
C LYS A 62 1.52 -20.72 1.51
N MET A 63 2.36 -21.74 1.49
CA MET A 63 3.81 -21.55 1.47
C MET A 63 4.18 -20.49 2.48
N LEU A 64 3.94 -20.65 3.79
CA LEU A 64 4.02 -19.54 4.73
C LEU A 64 5.36 -19.29 5.38
N PRO A 65 5.72 -18.02 5.51
CA PRO A 65 6.97 -17.60 6.17
C PRO A 65 6.99 -17.83 7.67
N THR A 66 8.06 -18.33 8.26
CA THR A 66 8.10 -18.73 9.70
C THR A 66 9.07 -17.91 10.53
N PHE A 67 9.88 -17.08 9.86
CA PHE A 67 10.90 -16.30 10.52
C PHE A 67 12.06 -17.09 11.09
N VAL A 68 12.21 -18.36 10.72
CA VAL A 68 13.29 -19.21 11.26
C VAL A 68 14.36 -19.20 10.20
N ARG A 69 15.54 -18.60 10.41
CA ARG A 69 16.43 -18.38 9.25
C ARG A 69 17.44 -19.49 9.04
N SER A 70 17.55 -20.37 10.06
CA SER A 70 18.43 -21.53 9.89
C SER A 70 18.36 -22.52 11.03
N ILE A 71 18.94 -23.68 10.83
CA ILE A 71 19.01 -24.83 11.77
C ILE A 71 19.96 -24.45 12.87
N PRO A 72 19.80 -24.93 14.09
CA PRO A 72 20.61 -24.55 15.24
C PRO A 72 22.09 -24.56 14.92
N ASP A 73 22.93 -23.67 15.41
CA ASP A 73 24.37 -23.78 15.07
C ASP A 73 25.18 -24.13 16.32
N GLY A 74 24.45 -24.35 17.43
CA GLY A 74 25.14 -24.81 18.62
C GLY A 74 25.52 -23.71 19.58
N SER A 75 25.21 -22.45 19.28
CA SER A 75 25.48 -21.41 20.28
C SER A 75 24.29 -21.32 21.23
N GLU A 76 23.20 -22.07 20.94
CA GLU A 76 22.03 -21.88 21.80
C GLU A 76 22.35 -22.26 23.24
N LYS A 77 21.99 -21.45 24.21
CA LYS A 77 22.23 -21.80 25.59
C LYS A 77 21.20 -21.08 26.46
N GLY A 78 20.77 -21.75 27.54
CA GLY A 78 19.78 -21.13 28.41
C GLY A 78 18.69 -22.15 28.74
N ASP A 79 17.60 -21.60 29.25
CA ASP A 79 16.53 -22.46 29.80
C ASP A 79 15.17 -21.81 29.63
N PHE A 80 14.26 -22.60 29.07
CA PHE A 80 13.01 -22.10 28.52
C PHE A 80 11.95 -23.20 28.48
N ILE A 81 10.70 -22.78 28.57
CA ILE A 81 9.57 -23.71 28.54
C ILE A 81 9.34 -24.15 27.08
N ALA A 82 8.08 -24.33 26.70
CA ALA A 82 7.83 -24.81 25.31
C ALA A 82 6.48 -25.50 25.24
N LEU A 83 5.47 -24.90 24.61
CA LEU A 83 4.14 -25.50 24.64
C LEU A 83 3.86 -26.27 23.37
N ASP A 84 3.22 -27.45 23.48
CA ASP A 84 3.01 -28.25 22.27
C ASP A 84 1.52 -28.53 22.04
N LEU A 85 0.87 -27.67 21.23
CA LEU A 85 -0.58 -27.76 21.07
C LEU A 85 -1.03 -28.03 19.64
N GLY A 86 -1.88 -29.07 19.55
CA GLY A 86 -2.51 -29.45 18.32
C GLY A 86 -2.25 -30.79 17.68
N GLY A 87 -1.41 -31.63 18.21
CA GLY A 87 -1.18 -33.00 17.83
C GLY A 87 -2.06 -33.90 18.70
N SER A 88 -1.71 -35.16 18.83
CA SER A 88 -2.48 -36.09 19.66
C SER A 88 -2.33 -35.83 21.15
N SER A 89 -1.22 -35.23 21.57
CA SER A 89 -1.09 -34.89 22.99
C SER A 89 -0.65 -33.44 23.21
N PHE A 90 -1.34 -32.76 24.09
CA PHE A 90 -0.92 -31.45 24.57
C PHE A 90 0.23 -31.66 25.57
N ARG A 91 1.47 -31.37 25.16
CA ARG A 91 2.61 -31.60 26.03
C ARG A 91 3.20 -30.30 26.54
N ILE A 92 3.89 -30.32 27.70
CA ILE A 92 4.62 -29.16 28.14
C ILE A 92 6.02 -29.53 28.60
N LEU A 93 7.06 -28.98 27.97
CA LEU A 93 8.43 -29.37 28.23
C LEU A 93 9.28 -28.35 29.01
N ARG A 94 10.46 -28.80 29.44
CA ARG A 94 11.48 -27.88 29.93
C ARG A 94 12.81 -28.25 29.29
N VAL A 95 13.45 -27.28 28.66
CA VAL A 95 14.64 -27.62 27.91
C VAL A 95 15.88 -26.87 28.37
N GLN A 96 16.93 -27.60 28.75
CA GLN A 96 18.16 -26.95 29.17
C GLN A 96 19.34 -27.27 28.26
N VAL A 97 20.13 -26.25 27.92
CA VAL A 97 21.39 -26.38 27.22
C VAL A 97 22.32 -25.19 27.51
N ASN A 98 23.61 -25.48 27.58
CA ASN A 98 24.64 -24.45 27.63
C ASN A 98 26.03 -25.10 27.60
N HIS A 99 26.44 -25.56 26.41
CA HIS A 99 27.69 -26.29 26.23
C HIS A 99 28.95 -25.47 26.45
N GLU A 100 29.22 -24.47 26.19
CA GLU A 100 30.25 -23.51 26.52
C GLU A 100 30.44 -23.24 28.00
N LYS A 101 30.28 -24.38 28.42
CA LYS A 101 30.46 -24.36 29.84
C LYS A 101 30.26 -25.74 30.46
N ASN A 102 29.43 -26.61 30.35
CA ASN A 102 29.41 -28.08 30.22
C ASN A 102 28.04 -28.56 29.76
N GLN A 103 27.22 -29.02 30.68
CA GLN A 103 25.87 -29.51 30.55
C GLN A 103 25.15 -29.50 29.23
N ASN A 104 24.82 -30.60 28.25
CA ASN A 104 24.09 -30.85 27.00
C ASN A 104 22.59 -30.66 27.19
N VAL A 105 21.89 -30.60 26.05
CA VAL A 105 20.42 -30.46 26.14
C VAL A 105 19.82 -31.56 27.01
N HIS A 106 18.89 -31.20 27.87
CA HIS A 106 18.22 -32.12 28.79
C HIS A 106 16.73 -31.82 28.82
N MET A 107 15.85 -32.80 28.62
CA MET A 107 14.42 -32.56 28.41
C MET A 107 13.49 -33.08 29.50
N GLU A 108 12.67 -32.25 30.11
CA GLU A 108 11.64 -32.76 31.03
C GLU A 108 10.26 -32.34 30.52
N SER A 109 9.30 -33.26 30.52
CA SER A 109 7.95 -32.95 30.10
C SER A 109 6.83 -33.59 30.91
N GLU A 110 5.62 -33.21 30.54
CA GLU A 110 4.38 -33.70 31.15
C GLU A 110 3.44 -34.17 30.07
N VAL A 111 2.17 -33.87 30.06
CA VAL A 111 1.17 -34.30 29.10
C VAL A 111 -0.20 -34.00 29.73
N TYR A 112 -0.95 -33.05 29.23
CA TYR A 112 -2.18 -32.64 29.91
C TYR A 112 -3.40 -33.11 29.16
N ASP A 113 -4.31 -33.80 29.81
CA ASP A 113 -5.49 -34.37 29.16
C ASP A 113 -6.42 -33.27 28.71
N THR A 114 -6.63 -33.14 27.41
CA THR A 114 -7.52 -32.09 26.92
C THR A 114 -8.75 -32.74 26.30
N PRO A 115 -9.90 -32.52 26.88
CA PRO A 115 -11.13 -33.12 26.44
C PRO A 115 -11.80 -32.48 25.24
N GLU A 116 -12.64 -33.29 24.58
CA GLU A 116 -13.36 -32.90 23.40
C GLU A 116 -14.01 -31.52 23.53
N ASN A 117 -14.62 -31.28 24.67
CA ASN A 117 -15.44 -30.11 24.90
C ASN A 117 -14.59 -28.86 24.94
N ILE A 118 -13.34 -29.06 25.32
CA ILE A 118 -12.36 -27.99 25.21
C ILE A 118 -11.87 -27.83 23.78
N VAL A 119 -11.60 -28.91 23.08
CA VAL A 119 -10.99 -28.79 21.73
C VAL A 119 -12.03 -28.18 20.79
N HIS A 120 -13.28 -28.31 21.24
CA HIS A 120 -14.42 -27.80 20.51
C HIS A 120 -15.13 -26.64 21.16
N GLY A 121 -14.79 -26.22 22.38
CA GLY A 121 -15.58 -25.15 23.01
C GLY A 121 -15.21 -23.78 22.48
N SER A 122 -15.11 -22.77 23.34
CA SER A 122 -14.70 -21.44 22.91
C SER A 122 -13.18 -21.38 22.94
N GLY A 123 -12.62 -20.37 22.27
CA GLY A 123 -11.17 -20.18 22.34
C GLY A 123 -10.76 -19.81 23.78
N SER A 124 -11.66 -19.11 24.46
CA SER A 124 -11.43 -18.72 25.83
C SER A 124 -11.28 -19.93 26.75
N GLN A 125 -12.21 -20.87 26.62
CA GLN A 125 -12.06 -22.11 27.37
C GLN A 125 -10.74 -22.80 27.03
N LEU A 126 -10.41 -22.83 25.74
CA LEU A 126 -9.25 -23.49 25.21
C LEU A 126 -7.97 -22.90 25.79
N PHE A 127 -7.84 -21.58 25.66
CA PHE A 127 -6.66 -20.90 26.18
C PHE A 127 -6.61 -20.77 27.69
N ASP A 128 -7.77 -20.77 28.34
CA ASP A 128 -7.77 -20.79 29.81
C ASP A 128 -7.20 -22.15 30.24
N HIS A 129 -7.59 -23.19 29.49
CA HIS A 129 -7.10 -24.51 29.87
C HIS A 129 -5.58 -24.61 29.67
N VAL A 130 -5.10 -24.04 28.58
CA VAL A 130 -3.65 -24.07 28.32
C VAL A 130 -2.96 -23.24 29.40
N ALA A 131 -3.57 -22.14 29.79
CA ALA A 131 -2.99 -21.27 30.84
C ALA A 131 -2.96 -22.00 32.17
N GLU A 132 -4.08 -22.65 32.49
CA GLU A 132 -4.13 -23.49 33.68
C GLU A 132 -2.98 -24.50 33.67
N CYS A 133 -2.90 -25.43 32.74
CA CYS A 133 -1.80 -26.35 32.65
C CYS A 133 -0.40 -25.77 32.77
N LEU A 134 -0.09 -24.63 32.15
CA LEU A 134 1.24 -24.02 32.25
C LEU A 134 1.57 -23.67 33.69
N GLY A 135 0.57 -23.06 34.35
CA GLY A 135 0.65 -22.72 35.76
C GLY A 135 1.04 -23.92 36.62
N ASP A 136 0.20 -24.96 36.59
CA ASP A 136 0.48 -26.16 37.37
C ASP A 136 1.85 -26.74 37.06
N PHE A 137 2.11 -26.91 35.76
CA PHE A 137 3.43 -27.38 35.34
C PHE A 137 4.50 -26.47 35.91
N MET A 138 4.23 -25.18 36.09
CA MET A 138 5.28 -24.32 36.66
C MET A 138 5.41 -24.52 38.18
N GLU A 139 4.34 -24.90 38.85
CA GLU A 139 4.44 -25.16 40.29
C GLU A 139 5.06 -26.51 40.57
N LYS A 140 4.53 -27.61 40.07
CA LYS A 140 5.14 -28.91 40.27
C LYS A 140 6.66 -28.87 40.22
N ARG A 141 7.22 -28.01 39.38
CA ARG A 141 8.65 -27.81 39.22
C ARG A 141 9.25 -26.67 40.03
N LYS A 142 8.44 -25.76 40.54
CA LYS A 142 8.87 -24.58 41.26
C LYS A 142 9.65 -23.59 40.41
N ILE A 143 9.13 -23.21 39.24
CA ILE A 143 9.83 -22.27 38.39
C ILE A 143 9.05 -21.02 38.04
N LYS A 144 7.88 -20.81 38.63
CA LYS A 144 7.12 -19.58 38.39
C LYS A 144 8.02 -18.35 38.49
N ASP A 145 9.02 -18.41 39.35
CA ASP A 145 9.85 -17.29 39.75
C ASP A 145 11.11 -17.12 38.92
N LYS A 146 11.47 -18.17 38.19
CA LYS A 146 12.62 -18.01 37.26
C LYS A 146 12.00 -17.16 36.17
N LYS A 147 12.60 -16.75 35.06
CA LYS A 147 11.75 -15.93 34.15
C LYS A 147 11.78 -16.55 32.76
N LEU A 148 11.63 -17.86 32.68
CA LEU A 148 11.93 -18.65 31.53
C LEU A 148 11.17 -18.28 30.26
N PRO A 149 11.93 -18.05 29.19
CA PRO A 149 11.41 -17.80 27.87
C PRO A 149 10.58 -19.01 27.39
N VAL A 150 9.44 -18.70 26.76
CA VAL A 150 8.47 -19.69 26.33
C VAL A 150 8.33 -19.83 24.82
N GLY A 151 8.32 -21.08 24.39
CA GLY A 151 8.12 -21.44 23.00
C GLY A 151 6.78 -22.17 22.81
N PHE A 152 6.10 -21.85 21.71
CA PHE A 152 4.72 -22.32 21.52
C PHE A 152 4.60 -23.02 20.18
N THR A 153 4.79 -24.31 20.14
CA THR A 153 4.48 -25.12 18.97
C THR A 153 2.93 -25.31 19.05
N PHE A 154 2.44 -24.72 17.94
CA PHE A 154 1.00 -24.68 17.75
C PHE A 154 0.79 -25.15 16.30
N SER A 155 0.35 -26.39 16.12
CA SER A 155 0.31 -27.04 14.81
C SER A 155 -0.84 -26.69 13.90
N PHE A 156 -1.00 -25.46 13.48
CA PHE A 156 -2.11 -24.98 12.62
C PHE A 156 -1.59 -23.85 11.74
N PRO A 157 -2.19 -23.63 10.58
CA PRO A 157 -1.73 -22.60 9.64
C PRO A 157 -1.91 -21.20 10.20
N CYS A 158 -0.89 -20.38 10.26
CA CYS A 158 -0.92 -19.12 10.96
C CYS A 158 -0.17 -18.02 10.21
N GLN A 159 -0.66 -16.78 10.17
CA GLN A 159 0.08 -15.77 9.42
C GLN A 159 0.95 -15.00 10.39
N GLN A 160 2.23 -14.97 10.07
CA GLN A 160 3.22 -14.40 10.97
C GLN A 160 3.96 -13.29 10.23
N SER A 161 4.04 -12.15 10.87
CA SER A 161 4.81 -11.04 10.30
C SER A 161 6.03 -10.95 11.22
N LYS A 162 6.05 -11.71 12.29
CA LYS A 162 7.25 -11.87 13.10
C LYS A 162 7.04 -13.13 13.95
N ILE A 163 8.11 -13.60 14.56
CA ILE A 163 8.19 -14.85 15.29
C ILE A 163 7.33 -14.90 16.52
N ASP A 164 6.93 -13.77 17.10
CA ASP A 164 6.10 -13.80 18.30
C ASP A 164 4.67 -13.40 18.03
N GLU A 165 4.23 -13.50 16.80
CA GLU A 165 2.84 -13.28 16.41
C GLU A 165 2.36 -14.58 15.74
N ALA A 166 1.14 -15.01 15.95
CA ALA A 166 0.62 -16.14 15.19
C ALA A 166 -0.89 -15.96 14.98
N ILE A 167 -1.27 -15.43 13.82
CA ILE A 167 -2.70 -15.20 13.52
C ILE A 167 -3.27 -16.46 12.86
N LEU A 168 -4.20 -17.10 13.51
CA LEU A 168 -4.78 -18.32 13.04
C LEU A 168 -5.62 -18.09 11.80
N ILE A 169 -5.17 -18.73 10.72
CA ILE A 169 -5.84 -18.70 9.46
C ILE A 169 -7.05 -19.61 9.52
N THR A 170 -6.86 -20.85 9.95
CA THR A 170 -7.94 -21.80 10.04
C THR A 170 -7.63 -23.01 10.92
N TRP A 171 -8.68 -23.53 11.58
CA TRP A 171 -8.54 -24.76 12.34
C TRP A 171 -8.49 -25.92 11.35
N THR A 172 -7.77 -26.98 11.69
CA THR A 172 -7.76 -28.23 10.98
C THR A 172 -7.64 -29.42 11.94
N LYS A 173 -7.80 -30.63 11.41
CA LYS A 173 -7.64 -31.82 12.22
C LYS A 173 -8.76 -31.86 13.24
N ARG A 174 -8.39 -32.02 14.51
CA ARG A 174 -9.43 -32.19 15.50
C ARG A 174 -10.00 -30.96 16.18
N PHE A 175 -9.43 -29.79 16.03
CA PHE A 175 -9.85 -28.68 16.88
C PHE A 175 -10.85 -27.75 16.17
N LYS A 176 -11.74 -27.15 16.93
CA LYS A 176 -12.61 -26.14 16.32
C LYS A 176 -13.19 -25.22 17.40
N ALA A 177 -12.33 -24.35 17.91
CA ALA A 177 -12.72 -23.47 19.00
C ALA A 177 -13.10 -22.11 18.43
N SER A 178 -14.22 -21.59 18.90
CA SER A 178 -14.71 -20.35 18.30
C SER A 178 -13.97 -19.12 18.84
N GLY A 179 -14.07 -18.05 18.05
CA GLY A 179 -13.43 -16.81 18.42
C GLY A 179 -11.90 -16.86 18.37
N VAL A 180 -11.25 -17.69 17.57
CA VAL A 180 -9.80 -17.76 17.49
C VAL A 180 -9.26 -17.44 16.09
N GLU A 181 -9.90 -17.99 15.07
CA GLU A 181 -9.52 -17.75 13.69
C GLU A 181 -9.52 -16.25 13.41
N GLY A 182 -8.48 -15.79 12.71
CA GLY A 182 -8.36 -14.34 12.55
C GLY A 182 -7.73 -13.72 13.78
N ALA A 183 -7.65 -14.37 14.93
CA ALA A 183 -7.01 -13.73 16.09
C ALA A 183 -5.62 -14.32 16.32
N ASP A 184 -4.75 -13.55 16.97
CA ASP A 184 -3.36 -13.89 17.22
C ASP A 184 -3.26 -14.68 18.53
N VAL A 185 -2.95 -15.96 18.40
CA VAL A 185 -2.97 -16.86 19.55
C VAL A 185 -2.02 -16.39 20.63
N VAL A 186 -1.05 -15.54 20.27
CA VAL A 186 -0.19 -15.03 21.36
C VAL A 186 -0.97 -14.08 22.25
N LYS A 187 -1.76 -13.20 21.65
CA LYS A 187 -2.62 -12.25 22.35
C LYS A 187 -3.53 -12.98 23.33
N LEU A 188 -4.30 -13.90 22.78
CA LEU A 188 -5.23 -14.81 23.42
C LEU A 188 -4.62 -15.60 24.57
N LEU A 189 -3.40 -16.10 24.45
CA LEU A 189 -2.75 -16.86 25.49
C LEU A 189 -2.36 -15.92 26.64
N ASN A 190 -1.68 -14.84 26.31
CA ASN A 190 -1.37 -13.77 27.24
C ASN A 190 -2.67 -13.34 27.93
N LYS A 191 -3.73 -13.21 27.14
CA LYS A 191 -4.95 -12.72 27.79
C LYS A 191 -5.47 -13.73 28.80
N ALA A 192 -5.37 -15.01 28.51
CA ALA A 192 -5.75 -16.01 29.51
C ALA A 192 -4.80 -15.93 30.70
N ILE A 193 -3.50 -16.02 30.43
CA ILE A 193 -2.51 -15.94 31.49
C ILE A 193 -2.79 -14.76 32.42
N LYS A 194 -2.87 -13.57 31.83
CA LYS A 194 -3.17 -12.34 32.56
C LYS A 194 -4.34 -12.47 33.52
N LYS A 195 -5.48 -12.91 33.00
CA LYS A 195 -6.68 -13.05 33.81
C LYS A 195 -6.49 -13.97 35.01
N ARG A 196 -5.44 -14.82 34.92
CA ARG A 196 -5.32 -15.80 35.99
C ARG A 196 -4.57 -15.27 37.19
N GLY A 197 -3.33 -14.81 37.10
CA GLY A 197 -2.62 -14.22 38.22
C GLY A 197 -1.44 -15.02 38.72
N ASP A 198 -1.53 -16.34 38.72
CA ASP A 198 -0.49 -17.22 39.21
C ASP A 198 0.93 -16.78 38.86
N TYR A 199 1.20 -16.43 37.61
CA TYR A 199 2.58 -16.27 37.14
C TYR A 199 2.68 -15.36 35.93
N ASP A 200 3.90 -15.11 35.50
CA ASP A 200 4.19 -14.37 34.29
C ASP A 200 4.80 -15.31 33.24
N ALA A 201 4.36 -15.07 32.01
CA ALA A 201 4.87 -15.81 30.86
C ALA A 201 5.49 -14.88 29.82
N ASN A 202 6.78 -15.06 29.50
CA ASN A 202 7.28 -14.34 28.34
C ASN A 202 7.24 -15.25 27.11
N ILE A 203 6.15 -15.18 26.35
CA ILE A 203 6.05 -16.06 25.18
C ILE A 203 6.86 -15.47 24.05
N VAL A 204 7.95 -16.09 23.57
CA VAL A 204 8.72 -15.29 22.60
C VAL A 204 8.60 -15.77 21.19
N ALA A 205 7.97 -16.92 20.98
CA ALA A 205 7.91 -17.46 19.63
C ALA A 205 6.84 -18.53 19.44
N VAL A 206 6.25 -18.49 18.24
CA VAL A 206 5.33 -19.52 17.79
C VAL A 206 5.91 -20.28 16.59
N VAL A 207 6.03 -21.60 16.63
CA VAL A 207 6.43 -22.31 15.40
C VAL A 207 5.37 -23.37 15.13
N ASN A 208 5.48 -24.03 14.04
CA ASN A 208 4.73 -25.17 13.53
C ASN A 208 5.43 -26.48 13.92
N ASP A 209 4.73 -27.53 14.06
CA ASP A 209 5.38 -28.77 14.56
C ASP A 209 6.27 -29.25 13.43
N THR A 210 6.00 -28.73 12.22
CA THR A 210 6.97 -29.08 11.16
C THR A 210 8.34 -28.46 11.37
N VAL A 211 8.37 -27.22 11.76
CA VAL A 211 9.52 -26.35 11.90
C VAL A 211 10.27 -26.81 13.13
N GLY A 212 9.53 -27.16 14.16
CA GLY A 212 10.14 -27.70 15.39
C GLY A 212 10.81 -29.03 15.11
N THR A 213 10.17 -29.85 14.27
CA THR A 213 10.75 -31.14 13.86
C THR A 213 12.04 -30.93 13.09
N MET A 214 12.00 -30.03 12.11
CA MET A 214 13.16 -29.74 11.30
C MET A 214 14.30 -29.24 12.21
N MET A 215 13.98 -28.42 13.20
CA MET A 215 15.04 -27.87 14.03
C MET A 215 15.53 -28.93 15.03
N THR A 216 14.67 -29.87 15.41
CA THR A 216 15.05 -30.86 16.42
C THR A 216 16.10 -31.74 15.76
N CYS A 217 15.80 -32.08 14.52
CA CYS A 217 16.61 -32.99 13.76
C CYS A 217 17.84 -32.28 13.25
N GLY A 218 17.76 -30.96 13.04
CA GLY A 218 18.88 -30.18 12.52
C GLY A 218 19.93 -30.02 13.61
N TYR A 219 19.45 -29.94 14.85
CA TYR A 219 20.33 -29.79 16.00
C TYR A 219 21.31 -30.96 15.98
N ASP A 220 20.89 -32.09 15.42
CA ASP A 220 21.77 -33.24 15.35
C ASP A 220 22.43 -33.40 14.00
N ASP A 221 21.83 -32.96 12.91
CA ASP A 221 22.37 -33.20 11.55
C ASP A 221 22.27 -31.89 10.78
N GLN A 222 23.41 -31.26 10.53
CA GLN A 222 23.46 -29.96 9.90
C GLN A 222 23.12 -30.04 8.44
N HIS A 223 22.68 -31.20 7.98
CA HIS A 223 22.21 -31.35 6.62
C HIS A 223 20.69 -31.23 6.57
N CYS A 224 20.04 -31.08 7.73
CA CYS A 224 18.60 -31.07 7.79
C CYS A 224 17.94 -29.84 7.18
N GLU A 225 17.13 -30.05 6.14
CA GLU A 225 16.50 -28.92 5.45
C GLU A 225 15.00 -29.03 5.30
N VAL A 226 14.45 -30.13 5.82
CA VAL A 226 13.03 -30.39 5.61
C VAL A 226 12.44 -30.87 6.92
N GLY A 227 11.25 -30.47 7.30
CA GLY A 227 10.55 -31.00 8.50
C GLY A 227 9.22 -31.61 8.00
N LEU A 228 9.02 -32.89 8.41
CA LEU A 228 7.94 -33.66 7.79
C LEU A 228 7.02 -34.24 8.84
N ILE A 229 5.69 -34.09 8.70
CA ILE A 229 4.79 -34.60 9.73
C ILE A 229 3.72 -35.46 9.04
N ILE A 230 3.65 -36.71 9.46
CA ILE A 230 2.63 -37.64 9.00
C ILE A 230 2.01 -38.25 10.26
N GLY A 231 1.18 -37.56 11.00
CA GLY A 231 0.47 -37.98 12.20
C GLY A 231 -1.04 -37.79 12.15
N THR A 232 -1.63 -37.14 13.18
CA THR A 232 -3.03 -36.78 13.11
C THR A 232 -3.22 -36.06 11.75
N GLY A 233 -2.38 -35.06 11.53
CA GLY A 233 -2.36 -34.40 10.21
C GLY A 233 -0.98 -34.65 9.54
N THR A 234 -0.81 -34.06 8.38
CA THR A 234 0.40 -34.10 7.58
C THR A 234 0.65 -32.70 7.07
N ASN A 235 1.91 -32.33 7.09
CA ASN A 235 2.48 -31.11 6.54
C ASN A 235 3.99 -31.24 6.39
N ALA A 236 4.64 -30.35 5.67
CA ALA A 236 6.08 -30.32 5.48
C ALA A 236 6.52 -28.86 5.55
N CYS A 237 7.76 -28.64 5.85
CA CYS A 237 8.42 -27.32 5.83
C CYS A 237 9.88 -27.56 5.36
N TYR A 238 10.49 -26.55 4.78
CA TYR A 238 11.80 -26.64 4.15
C TYR A 238 12.43 -25.24 4.12
N MET A 239 13.73 -25.18 3.88
CA MET A 239 14.51 -23.98 3.73
C MET A 239 14.57 -23.46 2.29
N GLU A 240 13.94 -22.27 2.10
CA GLU A 240 13.83 -21.58 0.84
C GLU A 240 14.80 -20.43 0.72
N GLU A 241 15.16 -20.06 -0.49
CA GLU A 241 16.08 -18.92 -0.69
C GLU A 241 15.24 -17.66 -0.50
N LEU A 242 15.59 -16.84 0.48
CA LEU A 242 14.86 -15.58 0.66
C LEU A 242 14.73 -14.86 -0.70
N ARG A 243 15.61 -15.13 -1.66
CA ARG A 243 15.39 -14.48 -2.95
C ARG A 243 14.00 -14.84 -3.48
N HIS A 244 13.48 -16.02 -3.25
CA HIS A 244 12.23 -16.45 -3.85
C HIS A 244 10.99 -16.27 -2.98
N ILE A 245 11.12 -15.68 -1.80
CA ILE A 245 9.94 -15.51 -0.95
C ILE A 245 9.43 -14.09 -1.13
N ASP A 246 8.53 -13.90 -2.08
CA ASP A 246 8.03 -12.58 -2.43
C ASP A 246 7.34 -11.96 -1.24
N LEU A 247 6.74 -12.69 -0.32
CA LEU A 247 5.99 -12.02 0.74
C LEU A 247 6.90 -11.52 1.86
N VAL A 248 8.19 -11.85 1.73
CA VAL A 248 9.14 -11.29 2.70
C VAL A 248 10.10 -10.36 1.95
N GLU A 249 10.24 -9.17 2.50
CA GLU A 249 11.18 -8.19 1.98
C GLU A 249 12.62 -8.49 2.38
N GLY A 250 13.41 -8.96 1.45
CA GLY A 250 14.80 -9.24 1.73
C GLY A 250 15.22 -10.25 0.66
N ASP A 251 16.50 -10.39 0.44
CA ASP A 251 16.95 -11.27 -0.64
C ASP A 251 18.24 -11.97 -0.27
N GLU A 252 18.59 -12.07 0.99
CA GLU A 252 19.80 -12.75 1.42
C GLU A 252 19.55 -13.94 2.32
N GLY A 253 20.43 -14.94 2.24
CA GLY A 253 20.28 -16.12 3.10
C GLY A 253 18.98 -16.85 2.84
N ARG A 254 18.60 -17.72 3.81
CA ARG A 254 17.38 -18.50 3.69
C ARG A 254 16.41 -18.39 4.83
N MET A 255 15.16 -18.79 4.54
CA MET A 255 14.11 -18.85 5.49
C MET A 255 13.21 -20.05 5.29
N CYS A 256 13.04 -20.77 6.41
CA CYS A 256 12.22 -21.99 6.38
C CYS A 256 10.81 -21.57 5.94
N ILE A 257 10.22 -22.36 5.06
CA ILE A 257 8.84 -22.19 4.66
C ILE A 257 7.98 -23.38 5.03
N ASN A 258 6.83 -23.05 5.59
CA ASN A 258 5.84 -24.03 6.06
C ASN A 258 4.71 -24.12 5.04
N THR A 259 4.77 -25.14 4.18
CA THR A 259 3.96 -25.15 3.00
C THR A 259 2.44 -25.29 3.27
N GLU A 260 2.05 -25.96 4.35
CA GLU A 260 0.62 -26.25 4.50
C GLU A 260 0.08 -27.07 3.31
N TRP A 261 0.81 -28.13 2.97
CA TRP A 261 0.43 -29.01 1.90
C TRP A 261 -0.83 -29.81 2.13
N GLY A 262 -1.41 -29.82 3.31
CA GLY A 262 -2.67 -30.48 3.58
C GLY A 262 -3.81 -29.90 2.72
N ALA A 263 -3.75 -28.60 2.46
CA ALA A 263 -4.79 -27.94 1.66
C ALA A 263 -4.54 -28.08 0.16
N PHE A 264 -3.47 -28.81 -0.23
CA PHE A 264 -3.29 -29.10 -1.66
C PHE A 264 -4.59 -29.60 -2.22
N GLY A 265 -5.07 -29.12 -3.38
CA GLY A 265 -6.27 -29.71 -4.02
C GLY A 265 -7.58 -29.16 -3.47
N ASP A 266 -7.54 -28.19 -2.55
CA ASP A 266 -8.82 -27.67 -2.05
C ASP A 266 -9.69 -27.32 -3.23
N ASP A 267 -9.31 -26.22 -3.86
CA ASP A 267 -9.74 -25.85 -5.24
C ASP A 267 -9.69 -27.17 -6.00
N GLY A 268 -10.64 -27.60 -6.80
CA GLY A 268 -10.65 -29.00 -7.18
C GLY A 268 -9.44 -29.44 -7.95
N SER A 269 -8.18 -29.18 -7.62
CA SER A 269 -7.16 -29.66 -8.54
C SER A 269 -6.74 -31.11 -8.33
N LEU A 270 -7.34 -31.81 -7.39
CA LEU A 270 -7.05 -33.25 -7.22
C LEU A 270 -8.31 -34.09 -7.43
N GLU A 271 -9.34 -33.48 -8.00
CA GLU A 271 -10.63 -34.09 -8.18
C GLU A 271 -10.57 -35.34 -9.04
N ASP A 272 -9.56 -35.46 -9.86
CA ASP A 272 -9.33 -36.69 -10.59
C ASP A 272 -8.68 -37.74 -9.70
N ILE A 273 -7.94 -37.47 -8.64
CA ILE A 273 -7.45 -38.62 -7.88
C ILE A 273 -8.33 -38.97 -6.68
N ARG A 274 -9.04 -37.96 -6.16
CA ARG A 274 -10.01 -38.19 -5.09
C ARG A 274 -11.12 -39.15 -5.44
N THR A 275 -11.62 -40.00 -4.53
CA THR A 275 -12.73 -40.87 -4.91
C THR A 275 -14.00 -40.64 -4.11
N GLU A 276 -15.04 -41.40 -4.45
CA GLU A 276 -16.27 -41.42 -3.67
C GLU A 276 -15.97 -41.62 -2.20
N PHE A 277 -14.97 -42.41 -1.87
CA PHE A 277 -14.66 -42.67 -0.45
C PHE A 277 -14.19 -41.39 0.20
N ASP A 278 -13.41 -40.60 -0.47
CA ASP A 278 -12.81 -39.33 0.02
C ASP A 278 -13.87 -38.21 0.01
N ARG A 279 -14.86 -38.28 -0.87
CA ARG A 279 -15.95 -37.35 -0.88
C ARG A 279 -16.96 -37.68 0.23
N GLU A 280 -17.05 -38.95 0.63
CA GLU A 280 -17.95 -39.16 1.72
C GLU A 280 -17.26 -38.80 3.03
N ILE A 281 -15.99 -39.08 3.21
CA ILE A 281 -15.33 -38.66 4.42
C ILE A 281 -15.41 -37.18 4.60
N ASP A 282 -15.18 -36.37 3.59
CA ASP A 282 -15.29 -34.92 3.71
C ASP A 282 -16.65 -34.46 4.21
N ARG A 283 -17.75 -35.05 3.85
CA ARG A 283 -19.10 -34.75 4.25
C ARG A 283 -19.37 -34.85 5.72
N GLY A 284 -18.58 -35.61 6.47
CA GLY A 284 -18.83 -35.88 7.88
C GLY A 284 -17.75 -35.26 8.75
N SER A 285 -16.78 -34.59 8.15
CA SER A 285 -15.66 -34.05 8.93
C SER A 285 -16.00 -32.68 9.49
N LEU A 286 -15.14 -32.13 10.34
CA LEU A 286 -15.31 -30.87 11.03
C LEU A 286 -15.07 -29.63 10.14
N ASN A 287 -14.38 -29.81 9.04
CA ASN A 287 -14.03 -28.81 8.06
C ASN A 287 -14.18 -29.29 6.63
N PRO A 288 -15.45 -29.41 6.15
CA PRO A 288 -15.69 -29.97 4.83
C PRO A 288 -15.25 -29.00 3.74
N GLY A 289 -14.58 -29.48 2.68
CA GLY A 289 -14.10 -28.57 1.66
C GLY A 289 -12.69 -28.10 1.99
N LYS A 290 -12.16 -28.52 3.15
CA LYS A 290 -10.82 -28.09 3.54
C LYS A 290 -9.91 -29.25 3.87
N GLN A 291 -8.61 -29.05 3.72
CA GLN A 291 -7.53 -30.01 3.86
C GLN A 291 -7.71 -31.33 3.08
N LEU A 292 -8.10 -31.29 1.85
CA LEU A 292 -8.39 -32.44 1.04
C LEU A 292 -7.27 -33.41 0.73
N PHE A 293 -6.04 -33.02 0.54
CA PHE A 293 -4.91 -33.91 0.32
C PHE A 293 -4.63 -34.54 1.68
N GLU A 294 -4.71 -33.86 2.80
CA GLU A 294 -4.45 -34.41 4.13
C GLU A 294 -5.43 -35.52 4.50
N LYS A 295 -6.67 -35.38 4.04
CA LYS A 295 -7.72 -36.35 4.22
C LYS A 295 -7.49 -37.63 3.46
N MET A 296 -6.54 -37.61 2.54
CA MET A 296 -6.23 -38.83 1.80
C MET A 296 -5.04 -39.54 2.44
N VAL A 297 -4.32 -38.83 3.29
CA VAL A 297 -3.05 -39.30 3.83
C VAL A 297 -2.97 -39.61 5.30
N SER A 298 -3.43 -38.76 6.20
CA SER A 298 -3.10 -38.73 7.58
C SER A 298 -3.81 -39.65 8.53
N GLY A 299 -3.25 -39.83 9.74
CA GLY A 299 -3.72 -40.73 10.73
C GLY A 299 -5.12 -40.60 11.23
N MET A 300 -5.60 -39.36 11.25
CA MET A 300 -6.98 -39.14 11.75
C MET A 300 -8.00 -39.62 10.73
N TYR A 301 -7.57 -39.80 9.48
CA TYR A 301 -8.52 -40.22 8.45
C TYR A 301 -8.37 -41.61 7.89
N LEU A 302 -7.21 -42.27 8.00
CA LEU A 302 -7.05 -43.54 7.25
C LEU A 302 -8.02 -44.59 7.78
N GLY A 303 -8.34 -44.54 9.08
CA GLY A 303 -9.23 -45.56 9.62
C GLY A 303 -10.68 -45.46 9.19
N GLU A 304 -11.22 -44.25 9.04
CA GLU A 304 -12.55 -44.03 8.51
C GLU A 304 -12.73 -44.35 7.05
N LEU A 305 -11.70 -44.03 6.27
CA LEU A 305 -11.59 -44.38 4.86
C LEU A 305 -11.70 -45.90 4.65
N VAL A 306 -11.02 -46.74 5.42
CA VAL A 306 -11.18 -48.19 5.29
C VAL A 306 -12.60 -48.65 5.66
N ARG A 307 -13.13 -48.11 6.73
CA ARG A 307 -14.48 -48.42 7.20
C ARG A 307 -15.48 -48.09 6.13
N LEU A 308 -15.45 -46.92 5.49
CA LEU A 308 -16.28 -46.59 4.38
C LEU A 308 -16.20 -47.60 3.28
N ILE A 309 -15.03 -48.11 2.94
CA ILE A 309 -14.92 -49.08 1.88
C ILE A 309 -15.56 -50.41 2.26
N LEU A 310 -15.36 -50.80 3.51
CA LEU A 310 -15.93 -52.02 4.06
C LEU A 310 -17.46 -51.95 4.06
N VAL A 311 -18.04 -50.81 4.42
CA VAL A 311 -19.54 -50.73 4.41
C VAL A 311 -20.07 -50.93 3.00
N LYS A 312 -19.39 -50.25 2.05
CA LYS A 312 -19.92 -50.39 0.68
C LYS A 312 -19.67 -51.82 0.19
N MET A 313 -18.49 -52.41 0.46
CA MET A 313 -18.25 -53.81 0.07
C MET A 313 -19.22 -54.74 0.77
N ALA A 314 -19.60 -54.45 2.00
CA ALA A 314 -20.56 -55.29 2.69
C ALA A 314 -21.90 -55.11 2.02
N LYS A 315 -22.32 -53.86 1.75
CA LYS A 315 -23.62 -53.69 1.08
C LYS A 315 -23.70 -54.43 -0.26
N GLU A 316 -22.60 -54.69 -0.91
CA GLU A 316 -22.66 -55.31 -2.24
C GLU A 316 -22.49 -56.81 -2.09
N GLY A 317 -22.26 -57.29 -0.87
CA GLY A 317 -22.11 -58.73 -0.67
C GLY A 317 -20.71 -59.23 -0.88
N LEU A 318 -19.68 -58.42 -0.93
CA LEU A 318 -18.31 -58.89 -1.15
C LEU A 318 -17.63 -59.28 0.15
N LEU A 319 -18.17 -58.69 1.24
CA LEU A 319 -17.61 -58.94 2.58
C LEU A 319 -18.77 -59.43 3.49
N PHE A 320 -18.37 -60.34 4.40
CA PHE A 320 -19.28 -60.89 5.37
C PHE A 320 -20.50 -61.57 4.80
N GLU A 321 -20.46 -62.02 3.56
CA GLU A 321 -21.62 -62.54 2.87
C GLU A 321 -22.81 -61.57 2.91
N GLY A 322 -22.52 -60.28 2.97
CA GLY A 322 -23.51 -59.21 2.97
C GLY A 322 -24.00 -58.73 4.31
N ARG A 323 -23.50 -59.28 5.42
CA ARG A 323 -23.96 -58.89 6.73
C ARG A 323 -23.43 -57.51 7.02
N ILE A 324 -24.16 -56.69 7.73
CA ILE A 324 -23.67 -55.33 8.06
C ILE A 324 -24.15 -55.16 9.50
N THR A 325 -23.31 -54.71 10.41
CA THR A 325 -23.85 -54.56 11.76
C THR A 325 -23.92 -53.07 12.01
N PRO A 326 -24.57 -52.60 13.03
CA PRO A 326 -24.56 -51.22 13.46
C PRO A 326 -23.17 -50.74 13.87
N GLU A 327 -22.29 -51.57 14.42
CA GLU A 327 -20.91 -51.14 14.68
C GLU A 327 -20.19 -50.83 13.36
N LEU A 328 -20.26 -51.69 12.36
CA LEU A 328 -19.60 -51.43 11.10
C LEU A 328 -20.13 -50.13 10.50
N LEU A 329 -21.34 -49.70 10.82
CA LEU A 329 -21.91 -48.49 10.26
C LEU A 329 -21.62 -47.18 10.97
N THR A 330 -21.00 -47.13 12.11
CA THR A 330 -20.78 -46.07 13.03
C THR A 330 -19.44 -45.34 12.82
N ARG A 331 -19.51 -44.03 12.62
CA ARG A 331 -18.38 -43.17 12.51
C ARG A 331 -17.31 -43.58 13.55
N GLY A 332 -16.04 -43.70 13.11
CA GLY A 332 -14.98 -43.87 14.11
C GLY A 332 -14.76 -45.31 14.55
N LYS A 333 -15.51 -46.34 14.16
CA LYS A 333 -15.30 -47.61 14.87
C LYS A 333 -14.13 -48.43 14.35
N PHE A 334 -13.53 -48.06 13.21
CA PHE A 334 -12.38 -48.77 12.70
C PHE A 334 -11.19 -47.82 12.70
N ASN A 335 -10.26 -47.82 13.66
CA ASN A 335 -9.30 -46.71 13.58
C ASN A 335 -7.97 -47.03 12.95
N THR A 336 -7.16 -46.00 12.76
CA THR A 336 -5.93 -46.16 12.05
C THR A 336 -4.97 -47.09 12.78
N SER A 337 -5.13 -47.26 14.08
CA SER A 337 -4.27 -48.21 14.81
C SER A 337 -4.83 -49.62 14.57
N ASP A 338 -6.07 -49.71 14.06
CA ASP A 338 -6.60 -50.96 13.59
C ASP A 338 -5.98 -51.30 12.25
N VAL A 339 -5.71 -50.30 11.40
CA VAL A 339 -5.14 -50.53 10.10
C VAL A 339 -3.68 -51.01 10.27
N SER A 340 -3.01 -50.43 11.22
CA SER A 340 -1.65 -50.81 11.58
C SER A 340 -1.58 -52.28 12.06
N ALA A 341 -2.42 -52.61 13.04
CA ALA A 341 -2.35 -53.95 13.60
C ALA A 341 -2.67 -54.98 12.54
N ILE A 342 -3.51 -54.70 11.57
CA ILE A 342 -3.89 -55.71 10.57
C ILE A 342 -2.76 -55.90 9.56
N GLU A 343 -1.99 -54.83 9.36
CA GLU A 343 -0.92 -54.90 8.37
C GLU A 343 0.35 -55.51 8.96
N LYS A 344 0.32 -55.92 10.21
CA LYS A 344 1.46 -56.64 10.79
C LYS A 344 1.82 -57.88 10.02
N ASN A 345 3.10 -58.15 9.80
CA ASN A 345 3.60 -59.29 9.07
C ASN A 345 3.18 -60.63 9.66
N LYS A 346 3.44 -60.85 10.96
CA LYS A 346 3.13 -62.20 11.44
C LYS A 346 1.63 -62.26 11.77
N GLU A 347 1.30 -61.52 12.79
CA GLU A 347 0.07 -61.40 13.50
C GLU A 347 -1.06 -60.64 12.79
N GLY A 348 -0.90 -60.12 11.59
CA GLY A 348 -1.91 -59.38 10.89
C GLY A 348 -3.28 -60.00 10.70
N LEU A 349 -3.43 -61.05 9.91
CA LEU A 349 -4.67 -61.76 9.73
C LEU A 349 -5.36 -62.14 11.02
N HIS A 350 -4.63 -62.50 12.08
CA HIS A 350 -5.17 -62.82 13.37
C HIS A 350 -5.65 -61.62 14.19
N ASN A 351 -4.98 -60.49 13.98
CA ASN A 351 -5.44 -59.19 14.47
C ASN A 351 -6.75 -58.79 13.71
N ALA A 352 -6.80 -59.06 12.44
CA ALA A 352 -7.97 -58.80 11.63
C ALA A 352 -9.18 -59.56 12.20
N LYS A 353 -8.92 -60.81 12.58
CA LYS A 353 -9.97 -61.66 13.14
C LYS A 353 -10.54 -60.96 14.36
N GLU A 354 -9.75 -60.54 15.32
CA GLU A 354 -10.26 -60.07 16.60
C GLU A 354 -11.13 -58.83 16.35
N ILE A 355 -10.56 -57.92 15.59
CA ILE A 355 -11.04 -56.56 15.35
C ILE A 355 -12.40 -56.67 14.69
N LEU A 356 -12.51 -57.56 13.70
CA LEU A 356 -13.74 -57.72 12.94
C LEU A 356 -14.84 -58.42 13.73
N THR A 357 -14.47 -59.40 14.56
CA THR A 357 -15.36 -60.06 15.46
C THR A 357 -15.94 -59.10 16.48
N ARG A 358 -15.20 -58.12 16.97
CA ARG A 358 -15.75 -57.09 17.84
C ARG A 358 -16.71 -56.16 17.10
N LEU A 359 -16.57 -56.12 15.78
CA LEU A 359 -17.55 -55.41 14.99
C LEU A 359 -18.81 -56.22 14.78
N GLY A 360 -18.92 -57.46 15.26
CA GLY A 360 -20.18 -58.21 15.19
C GLY A 360 -20.37 -58.94 13.86
N VAL A 361 -19.45 -58.80 12.93
CA VAL A 361 -19.60 -59.39 11.62
C VAL A 361 -19.27 -60.84 11.37
N GLU A 362 -18.88 -61.62 12.34
CA GLU A 362 -18.59 -63.05 12.18
C GLU A 362 -17.67 -63.35 11.01
N PRO A 363 -16.49 -62.76 11.10
CA PRO A 363 -15.59 -62.74 9.95
C PRO A 363 -15.11 -64.15 9.65
N SER A 364 -15.05 -64.53 8.39
CA SER A 364 -14.44 -65.80 7.98
C SER A 364 -12.97 -65.48 7.64
N ASP A 365 -12.16 -66.49 7.40
CA ASP A 365 -10.76 -66.25 7.03
C ASP A 365 -10.62 -65.55 5.70
N ASP A 366 -11.41 -65.82 4.69
CA ASP A 366 -11.42 -64.96 3.50
C ASP A 366 -11.66 -63.50 3.87
N ASP A 367 -12.60 -63.23 4.80
CA ASP A 367 -12.91 -61.84 5.12
C ASP A 367 -11.70 -61.14 5.70
N CYS A 368 -10.92 -61.79 6.54
CA CYS A 368 -9.72 -61.17 7.08
C CYS A 368 -8.69 -60.82 6.02
N VAL A 369 -8.57 -61.63 4.96
CA VAL A 369 -7.51 -61.42 3.96
C VAL A 369 -7.95 -60.22 3.09
N SER A 370 -9.27 -60.19 2.82
CA SER A 370 -9.85 -59.06 2.09
C SER A 370 -9.68 -57.72 2.77
N VAL A 371 -9.99 -57.62 4.04
CA VAL A 371 -9.83 -56.40 4.83
C VAL A 371 -8.38 -56.03 4.94
N GLN A 372 -7.45 -56.95 5.21
CA GLN A 372 -6.04 -56.59 5.26
C GLN A 372 -5.68 -55.93 3.94
N HIS A 373 -6.21 -56.49 2.84
CA HIS A 373 -5.84 -55.94 1.56
C HIS A 373 -6.38 -54.54 1.38
N VAL A 374 -7.62 -54.24 1.79
CA VAL A 374 -8.11 -52.86 1.64
C VAL A 374 -7.25 -51.98 2.54
N CYS A 375 -6.82 -52.47 3.70
CA CYS A 375 -6.02 -51.62 4.57
C CYS A 375 -4.69 -51.27 3.88
N THR A 376 -4.07 -52.28 3.27
CA THR A 376 -2.85 -52.11 2.54
C THR A 376 -3.06 -51.18 1.36
N ILE A 377 -4.13 -51.27 0.56
CA ILE A 377 -4.24 -50.26 -0.50
C ILE A 377 -4.38 -48.84 0.05
N VAL A 378 -5.16 -48.51 1.05
CA VAL A 378 -5.44 -47.22 1.64
C VAL A 378 -4.16 -46.61 2.22
N SER A 379 -3.42 -47.37 2.99
CA SER A 379 -2.21 -46.83 3.63
C SER A 379 -1.07 -46.65 2.62
N PHE A 380 -1.05 -47.42 1.54
CA PHE A 380 -0.03 -47.39 0.53
C PHE A 380 -0.24 -46.14 -0.38
N ARG A 381 -1.52 -45.89 -0.69
CA ARG A 381 -1.86 -44.66 -1.38
C ARG A 381 -1.42 -43.40 -0.64
N SER A 382 -1.54 -43.38 0.66
CA SER A 382 -1.11 -42.34 1.54
C SER A 382 0.43 -42.21 1.47
N ALA A 383 1.16 -43.32 1.62
CA ALA A 383 2.60 -43.26 1.52
C ALA A 383 3.05 -42.82 0.13
N ASN A 384 2.42 -43.30 -0.93
CA ASN A 384 2.74 -42.82 -2.27
C ASN A 384 2.51 -41.31 -2.42
N LEU A 385 1.36 -40.77 -2.04
CA LEU A 385 1.10 -39.36 -2.01
C LEU A 385 2.14 -38.47 -1.35
N VAL A 386 2.53 -38.70 -0.11
CA VAL A 386 3.55 -37.89 0.54
C VAL A 386 4.90 -37.99 -0.13
N ALA A 387 5.19 -39.09 -0.80
CA ALA A 387 6.42 -39.27 -1.56
C ALA A 387 6.38 -38.33 -2.77
N ALA A 388 5.27 -38.23 -3.48
CA ALA A 388 5.12 -37.28 -4.56
C ALA A 388 5.25 -35.82 -4.12
N THR A 389 4.61 -35.41 -3.01
CA THR A 389 4.77 -34.00 -2.65
C THR A 389 6.14 -33.72 -2.06
N LEU A 390 6.72 -34.64 -1.27
CA LEU A 390 8.08 -34.41 -0.77
C LEU A 390 9.01 -34.38 -2.00
N GLY A 391 8.76 -35.27 -2.96
CA GLY A 391 9.56 -35.30 -4.18
C GLY A 391 9.64 -33.91 -4.81
N ALA A 392 8.55 -33.13 -4.70
CA ALA A 392 8.52 -31.81 -5.30
C ALA A 392 9.38 -30.83 -4.51
N ILE A 393 9.29 -30.93 -3.19
CA ILE A 393 10.11 -30.10 -2.32
C ILE A 393 11.58 -30.45 -2.47
N LEU A 394 11.94 -31.70 -2.72
CA LEU A 394 13.34 -32.08 -2.86
C LEU A 394 13.91 -31.56 -4.19
N ASN A 395 13.20 -31.64 -5.29
CA ASN A 395 13.56 -31.15 -6.58
C ASN A 395 13.74 -29.62 -6.53
N ARG A 396 12.90 -28.99 -5.70
CA ARG A 396 13.02 -27.55 -5.59
C ARG A 396 14.37 -27.24 -4.93
N LEU A 397 14.66 -27.91 -3.84
CA LEU A 397 15.91 -27.84 -3.14
C LEU A 397 17.09 -28.12 -4.07
N ARG A 398 17.00 -29.16 -4.89
CA ARG A 398 18.09 -29.41 -5.84
C ARG A 398 18.19 -28.23 -6.81
N ASP A 399 17.06 -27.72 -7.29
CA ASP A 399 17.15 -26.61 -8.24
C ASP A 399 17.60 -25.33 -7.61
N ASN A 400 17.42 -25.11 -6.31
CA ASN A 400 18.02 -23.92 -5.69
C ASN A 400 19.51 -24.12 -5.48
N LYS A 401 19.96 -25.36 -5.22
CA LYS A 401 21.41 -25.54 -5.10
C LYS A 401 22.11 -25.41 -6.45
N GLY A 402 21.54 -25.83 -7.56
CA GLY A 402 22.24 -25.83 -8.84
C GLY A 402 23.18 -27.00 -9.09
N THR A 403 23.12 -28.08 -8.33
CA THR A 403 23.87 -29.32 -8.55
C THR A 403 23.08 -30.34 -9.37
N PRO A 404 23.71 -31.43 -9.75
CA PRO A 404 23.08 -32.51 -10.49
C PRO A 404 22.36 -33.45 -9.54
N ARG A 405 22.91 -33.52 -8.34
CA ARG A 405 22.44 -34.42 -7.29
C ARG A 405 22.19 -33.53 -6.07
N LEU A 406 21.40 -34.00 -5.13
CA LEU A 406 21.22 -33.24 -3.89
C LEU A 406 21.47 -34.26 -2.77
N ARG A 407 21.94 -33.85 -1.64
CA ARG A 407 22.13 -34.57 -0.42
C ARG A 407 21.32 -33.82 0.64
N THR A 408 20.41 -34.51 1.32
CA THR A 408 19.61 -33.85 2.34
C THR A 408 19.13 -34.80 3.40
N THR A 409 18.94 -34.30 4.61
CA THR A 409 18.22 -34.96 5.66
C THR A 409 16.80 -34.39 5.80
N VAL A 410 15.80 -35.25 5.92
CA VAL A 410 14.44 -34.86 6.29
C VAL A 410 14.16 -35.24 7.75
N GLY A 411 13.77 -34.38 8.65
CA GLY A 411 13.39 -34.70 10.03
C GLY A 411 11.92 -35.11 10.05
N VAL A 412 11.54 -36.17 10.74
CA VAL A 412 10.22 -36.74 10.58
C VAL A 412 9.54 -37.04 11.92
N ASP A 413 8.26 -36.70 12.00
CA ASP A 413 7.47 -37.09 13.16
C ASP A 413 6.03 -37.40 12.84
N GLY A 414 5.24 -37.90 13.78
CA GLY A 414 3.87 -38.32 13.54
C GLY A 414 3.56 -39.76 13.87
N SER A 415 2.52 -40.02 14.66
CA SER A 415 2.12 -41.34 15.06
C SER A 415 1.98 -42.37 13.96
N LEU A 416 1.36 -42.13 12.83
CA LEU A 416 1.22 -43.14 11.78
C LEU A 416 2.56 -43.61 11.24
N TYR A 417 3.45 -42.68 10.90
CA TYR A 417 4.78 -43.00 10.39
C TYR A 417 5.52 -43.87 11.42
N LYS A 418 5.41 -43.57 12.70
CA LYS A 418 6.11 -44.27 13.73
C LYS A 418 5.58 -45.68 13.98
N THR A 419 4.26 -45.80 14.05
CA THR A 419 3.68 -47.08 14.42
C THR A 419 3.31 -47.98 13.29
N HIS A 420 3.09 -47.58 12.04
CA HIS A 420 2.55 -48.57 11.07
C HIS A 420 3.70 -49.50 10.71
N PRO A 421 3.47 -50.79 10.62
CA PRO A 421 4.50 -51.78 10.34
C PRO A 421 5.15 -51.75 8.98
N GLN A 422 4.51 -51.24 7.96
CA GLN A 422 4.94 -51.15 6.60
C GLN A 422 5.11 -49.72 6.04
N TYR A 423 4.46 -48.68 6.58
CA TYR A 423 4.41 -47.37 5.96
C TYR A 423 5.74 -46.71 5.64
N SER A 424 6.51 -46.30 6.60
CA SER A 424 7.81 -45.68 6.39
C SER A 424 8.67 -46.37 5.36
N ARG A 425 8.65 -47.69 5.32
CA ARG A 425 9.41 -48.44 4.33
C ARG A 425 8.93 -48.13 2.94
N ARG A 426 7.64 -48.21 2.66
CA ARG A 426 7.15 -48.03 1.30
C ARG A 426 7.24 -46.55 0.88
N PHE A 427 7.03 -45.64 1.84
CA PHE A 427 7.24 -44.22 1.62
C PHE A 427 8.66 -43.96 1.13
N HIS A 428 9.64 -44.42 1.89
CA HIS A 428 11.05 -44.12 1.68
C HIS A 428 11.50 -44.66 0.34
N LYS A 429 10.81 -45.74 -0.01
CA LYS A 429 11.10 -46.43 -1.27
C LYS A 429 10.50 -45.71 -2.47
N THR A 430 9.19 -45.42 -2.42
CA THR A 430 8.59 -44.73 -3.56
C THR A 430 9.29 -43.38 -3.68
N LEU A 431 9.66 -42.80 -2.53
CA LEU A 431 10.30 -41.49 -2.58
C LEU A 431 11.58 -41.53 -3.41
N ARG A 432 12.45 -42.46 -3.00
CA ARG A 432 13.74 -42.65 -3.63
C ARG A 432 13.63 -42.98 -5.09
N ARG A 433 12.57 -43.68 -5.47
CA ARG A 433 12.39 -43.98 -6.89
C ARG A 433 11.86 -42.80 -7.69
N LEU A 434 11.16 -41.86 -7.04
CA LEU A 434 10.59 -40.71 -7.74
C LEU A 434 11.63 -39.62 -7.95
N VAL A 435 12.64 -39.59 -7.09
CA VAL A 435 13.69 -38.58 -7.11
C VAL A 435 15.05 -39.24 -7.13
N PRO A 436 15.41 -39.89 -8.24
CA PRO A 436 16.64 -40.64 -8.35
C PRO A 436 17.94 -39.86 -8.21
N ASP A 437 17.93 -38.54 -8.33
CA ASP A 437 19.15 -37.74 -8.19
C ASP A 437 19.37 -37.15 -6.82
N SER A 438 18.59 -37.59 -5.85
CA SER A 438 18.68 -37.02 -4.49
C SER A 438 19.24 -38.11 -3.58
N ASP A 439 20.12 -37.82 -2.65
CA ASP A 439 20.49 -38.81 -1.64
C ASP A 439 19.93 -38.37 -0.31
N VAL A 440 18.85 -39.04 0.11
CA VAL A 440 18.14 -38.58 1.29
C VAL A 440 18.37 -39.49 2.50
N ARG A 441 18.48 -38.81 3.64
CA ARG A 441 18.42 -39.49 4.93
C ARG A 441 17.11 -39.14 5.63
N PHE A 442 16.43 -40.09 6.27
CA PHE A 442 15.25 -39.81 7.07
C PHE A 442 15.58 -39.87 8.52
N LEU A 443 15.51 -38.82 9.32
CA LEU A 443 15.89 -38.94 10.73
C LEU A 443 14.64 -38.82 11.57
N LEU A 444 14.28 -39.81 12.36
CA LEU A 444 13.07 -39.81 13.17
C LEU A 444 13.22 -38.97 14.42
N SER A 445 12.46 -37.88 14.57
CA SER A 445 12.51 -37.10 15.81
C SER A 445 12.05 -37.95 16.98
N GLU A 446 12.87 -38.86 17.50
CA GLU A 446 12.46 -39.78 18.55
C GLU A 446 11.66 -39.16 19.70
N SER A 447 12.06 -37.98 20.19
CA SER A 447 11.36 -37.37 21.27
C SER A 447 10.69 -36.01 21.07
N GLY A 448 9.92 -35.80 20.01
CA GLY A 448 9.06 -34.64 19.92
C GLY A 448 9.73 -33.46 19.26
N SER A 449 8.99 -32.36 19.20
CA SER A 449 9.46 -31.17 18.49
C SER A 449 10.01 -30.16 19.49
N GLY A 450 10.05 -30.46 20.78
CA GLY A 450 10.41 -29.46 21.78
C GLY A 450 11.88 -29.02 21.77
N LYS A 451 12.81 -29.94 21.53
CA LYS A 451 14.21 -29.54 21.44
C LYS A 451 14.28 -28.40 20.41
N GLY A 452 13.69 -28.68 19.22
CA GLY A 452 13.76 -27.69 18.17
C GLY A 452 13.07 -26.37 18.47
N ALA A 453 11.81 -26.43 18.89
CA ALA A 453 11.11 -25.22 19.35
C ALA A 453 12.00 -24.51 20.37
N ALA A 454 12.54 -25.18 21.38
CA ALA A 454 13.46 -24.53 22.31
C ALA A 454 14.63 -23.84 21.63
N MET A 455 15.17 -24.35 20.54
CA MET A 455 16.28 -23.75 19.82
C MET A 455 15.89 -22.45 19.11
N VAL A 456 14.70 -22.37 18.54
CA VAL A 456 14.03 -21.20 18.02
C VAL A 456 13.74 -20.20 19.14
N THR A 457 13.14 -20.71 20.22
CA THR A 457 12.86 -19.80 21.32
C THR A 457 14.16 -19.11 21.78
N ALA A 458 15.27 -19.81 21.56
CA ALA A 458 16.54 -19.34 22.10
C ALA A 458 17.07 -18.26 21.16
N VAL A 459 16.99 -18.44 19.83
CA VAL A 459 17.39 -17.40 18.91
C VAL A 459 16.50 -16.18 18.93
N ALA A 460 15.20 -16.26 19.03
CA ALA A 460 14.22 -15.25 19.21
C ALA A 460 14.29 -14.51 20.53
N TYR A 461 14.74 -15.13 21.59
CA TYR A 461 14.98 -14.47 22.88
C TYR A 461 16.13 -13.47 22.89
N ARG A 462 17.27 -13.83 22.33
CA ARG A 462 18.47 -13.07 22.13
C ARG A 462 18.23 -11.87 21.22
N LEU A 463 17.44 -12.09 20.17
CA LEU A 463 17.02 -11.07 19.22
C LEU A 463 16.10 -10.02 19.82
N ALA A 464 15.26 -10.41 20.74
CA ALA A 464 14.36 -9.52 21.45
C ALA A 464 15.08 -8.70 22.50
N GLU A 465 16.18 -9.23 23.07
CA GLU A 465 16.96 -8.45 24.04
C GLU A 465 17.67 -7.29 23.32
N GLN A 466 18.11 -7.60 22.11
CA GLN A 466 18.71 -6.54 21.28
C GLN A 466 17.65 -5.48 20.96
N HIS A 467 16.48 -5.99 20.57
CA HIS A 467 15.43 -5.10 20.10
C HIS A 467 15.04 -4.24 21.29
N ARG A 468 14.96 -4.84 22.46
CA ARG A 468 14.56 -4.09 23.66
C ARG A 468 15.59 -3.01 23.98
N GLN A 469 16.89 -3.26 23.78
CA GLN A 469 17.93 -2.30 24.05
C GLN A 469 17.99 -1.20 22.97
N ILE A 470 17.72 -1.53 21.70
CA ILE A 470 17.59 -0.46 20.72
C ILE A 470 16.46 0.48 21.08
N GLU A 471 15.29 -0.03 21.48
CA GLU A 471 14.12 0.80 21.79
C GLU A 471 14.32 1.75 22.96
N GLU A 472 15.06 1.22 23.95
CA GLU A 472 15.46 1.96 25.14
C GLU A 472 16.36 3.13 24.77
N THR A 473 17.30 2.95 23.85
CA THR A 473 18.08 4.12 23.43
C THR A 473 17.16 5.11 22.70
N LEU A 474 16.37 4.58 21.75
CA LEU A 474 15.52 5.42 20.96
C LEU A 474 14.42 6.13 21.74
N ALA A 475 13.87 5.49 22.75
CA ALA A 475 12.81 6.13 23.53
C ALA A 475 13.33 7.45 24.10
N HIS A 476 14.64 7.66 24.19
CA HIS A 476 15.13 8.92 24.71
C HIS A 476 14.78 10.09 23.79
N PHE A 477 14.44 9.82 22.55
CA PHE A 477 14.16 10.90 21.59
C PHE A 477 12.66 11.13 21.58
N HIS A 478 11.86 10.32 22.25
CA HIS A 478 10.41 10.45 22.26
C HIS A 478 9.86 11.52 23.19
N LEU A 479 9.19 12.53 22.70
CA LEU A 479 8.75 13.66 23.50
C LEU A 479 7.23 13.59 23.60
N THR A 480 6.75 13.35 24.80
CA THR A 480 5.39 13.44 25.28
C THR A 480 4.81 14.85 25.10
N LYS A 481 3.48 14.96 24.92
CA LYS A 481 2.75 16.19 24.83
C LYS A 481 2.90 17.18 25.99
N ASP A 482 3.33 16.79 27.17
CA ASP A 482 3.45 17.79 28.23
C ASP A 482 4.88 18.29 28.41
N MET A 483 5.79 17.43 27.96
CA MET A 483 7.19 17.79 27.78
C MET A 483 7.31 18.85 26.71
N LEU A 484 6.49 18.68 25.68
CA LEU A 484 6.56 19.56 24.47
C LEU A 484 6.02 20.93 24.87
N LEU A 485 4.91 20.79 25.63
CA LEU A 485 4.23 21.84 26.36
C LEU A 485 5.14 22.53 27.35
N GLU A 486 6.02 21.80 28.03
CA GLU A 486 6.95 22.47 28.98
C GLU A 486 8.06 23.17 28.21
N VAL A 487 8.34 22.64 27.00
CA VAL A 487 9.37 23.27 26.15
C VAL A 487 8.87 24.57 25.57
N LYS A 488 7.60 24.59 25.13
CA LYS A 488 6.95 25.85 24.75
C LYS A 488 6.98 26.85 25.89
N LYS A 489 6.57 26.43 27.09
CA LYS A 489 6.56 27.35 28.22
C LYS A 489 7.97 27.83 28.51
N ARG A 490 8.95 26.93 28.41
CA ARG A 490 10.35 27.34 28.52
C ARG A 490 10.77 28.31 27.39
N MET A 491 10.40 28.03 26.14
CA MET A 491 10.75 28.95 25.06
C MET A 491 10.15 30.32 25.40
N ARG A 492 8.88 30.32 25.78
CA ARG A 492 8.18 31.50 26.19
C ARG A 492 8.85 32.27 27.32
N ALA A 493 9.49 31.63 28.29
CA ALA A 493 10.13 32.44 29.33
C ALA A 493 11.45 33.09 28.94
N GLU A 494 12.12 32.51 27.95
CA GLU A 494 13.36 33.05 27.42
C GLU A 494 13.07 34.26 26.53
N MET A 495 11.93 34.21 25.86
CA MET A 495 11.54 35.35 25.01
C MET A 495 11.54 36.57 25.90
N GLU A 496 10.65 36.63 26.88
CA GLU A 496 10.57 37.65 27.91
C GLU A 496 11.94 38.09 28.40
N LEU A 497 12.77 37.15 28.84
CA LEU A 497 14.09 37.48 29.37
C LEU A 497 14.93 38.29 28.40
N GLY A 498 14.85 37.95 27.12
CA GLY A 498 15.73 38.58 26.12
C GLY A 498 15.19 39.96 25.76
N LEU A 499 13.87 40.13 25.89
CA LEU A 499 13.30 41.44 25.69
C LEU A 499 13.57 42.40 26.86
N ARG A 500 13.54 41.93 28.11
CA ARG A 500 13.71 42.76 29.28
C ARG A 500 15.11 43.39 29.35
N LYS A 501 15.16 44.71 29.46
CA LYS A 501 16.38 45.50 29.48
C LYS A 501 17.37 44.98 30.51
N GLN A 502 16.82 44.52 31.62
CA GLN A 502 17.65 44.06 32.71
C GLN A 502 17.93 42.58 32.75
N THR A 503 17.53 41.84 31.70
CA THR A 503 17.79 40.41 31.75
C THR A 503 18.64 39.88 30.62
N HIS A 504 19.03 40.68 29.64
CA HIS A 504 20.00 40.27 28.63
C HIS A 504 21.25 39.59 29.17
N ASN A 505 21.10 38.37 29.68
CA ASN A 505 22.20 37.56 30.24
C ASN A 505 21.71 36.11 30.10
N ASN A 506 21.44 35.32 31.11
CA ASN A 506 20.78 34.03 30.99
C ASN A 506 19.67 34.13 29.93
N ALA A 507 19.79 35.27 29.23
CA ALA A 507 19.07 35.54 28.00
C ALA A 507 20.05 35.01 26.95
N VAL A 508 20.03 33.69 26.88
CA VAL A 508 20.66 33.00 25.76
C VAL A 508 19.82 33.30 24.50
N VAL A 509 18.52 33.52 24.59
CA VAL A 509 17.70 33.95 23.47
C VAL A 509 17.65 35.49 23.41
N LYS A 510 18.41 36.12 22.56
CA LYS A 510 18.63 37.53 22.48
C LYS A 510 17.52 38.44 22.01
N MET A 511 16.52 37.94 21.29
CA MET A 511 15.47 38.83 20.81
C MET A 511 16.09 40.09 20.23
N LEU A 512 16.85 40.04 19.16
CA LEU A 512 17.42 41.16 18.47
C LEU A 512 16.51 41.91 17.51
N PRO A 513 16.51 43.23 17.65
CA PRO A 513 15.66 44.15 16.88
C PRO A 513 16.21 44.24 15.46
N SER A 514 15.38 44.09 14.46
CA SER A 514 15.82 44.13 13.07
C SER A 514 15.73 45.59 12.59
N PHE A 515 14.91 46.35 13.33
CA PHE A 515 14.64 47.73 12.92
C PHE A 515 13.78 47.72 11.67
N VAL A 516 13.06 46.63 11.39
CA VAL A 516 12.06 46.69 10.32
C VAL A 516 10.72 46.89 10.98
N ARG A 517 10.06 48.02 10.72
CA ARG A 517 8.95 48.44 11.56
C ARG A 517 7.60 48.03 11.08
N ARG A 518 7.52 47.47 9.89
CA ARG A 518 6.25 47.05 9.34
C ARG A 518 6.50 46.14 8.14
N THR A 519 5.44 45.47 7.75
CA THR A 519 5.55 44.59 6.56
C THR A 519 5.37 45.47 5.35
N PRO A 520 5.46 44.94 4.14
CA PRO A 520 5.42 45.75 2.93
C PRO A 520 4.09 46.46 2.77
N ASP A 521 4.09 47.54 2.02
CA ASP A 521 2.97 48.47 1.96
C ASP A 521 2.83 49.03 0.55
N GLY A 522 2.59 48.19 -0.44
CA GLY A 522 2.46 48.50 -1.82
C GLY A 522 3.10 49.71 -2.45
N THR A 523 3.94 50.45 -1.76
CA THR A 523 4.59 51.65 -2.23
C THR A 523 6.06 51.46 -2.49
N GLU A 524 6.70 50.37 -2.10
CA GLU A 524 8.13 50.17 -2.37
C GLU A 524 8.44 50.10 -3.86
N ASN A 525 9.44 50.87 -4.31
CA ASN A 525 9.66 50.98 -5.75
C ASN A 525 11.12 51.18 -6.11
N GLY A 526 11.65 50.43 -7.08
CA GLY A 526 13.05 50.70 -7.44
C GLY A 526 13.86 49.46 -7.83
N ASP A 527 15.13 49.73 -8.08
CA ASP A 527 16.19 48.85 -8.48
C ASP A 527 17.27 48.63 -7.45
N PHE A 528 17.32 47.44 -6.85
CA PHE A 528 18.19 47.20 -5.71
C PHE A 528 19.15 46.06 -5.99
N LEU A 529 20.33 46.13 -5.41
CA LEU A 529 21.22 44.98 -5.35
C LEU A 529 20.97 44.36 -3.96
N ALA A 530 21.12 43.03 -3.86
CA ALA A 530 20.98 42.40 -2.57
C ALA A 530 22.06 41.31 -2.51
N LEU A 531 22.38 40.87 -1.32
CA LEU A 531 23.46 39.89 -1.12
C LEU A 531 22.85 38.79 -0.25
N ASP A 532 23.16 37.51 -0.44
CA ASP A 532 22.60 36.46 0.41
C ASP A 532 23.72 35.59 0.99
N LEU A 533 24.16 35.86 2.20
CA LEU A 533 25.26 35.10 2.78
C LEU A 533 24.86 34.37 4.05
N GLY A 534 25.04 33.09 4.22
CA GLY A 534 24.79 32.38 5.43
C GLY A 534 24.19 30.99 5.30
N GLY A 535 23.33 30.81 4.32
CA GLY A 535 22.73 29.56 3.92
C GLY A 535 23.61 28.78 2.95
N THR A 536 23.01 27.82 2.26
CA THR A 536 23.69 26.96 1.31
C THR A 536 24.35 27.67 0.18
N ASN A 537 23.79 28.74 -0.41
CA ASN A 537 24.59 29.42 -1.44
C ASN A 537 24.80 30.89 -1.10
N PHE A 538 26.00 31.36 -1.51
CA PHE A 538 26.28 32.79 -1.40
C PHE A 538 25.76 33.40 -2.73
N ARG A 539 24.72 34.21 -2.69
CA ARG A 539 24.26 34.80 -3.92
C ARG A 539 24.22 36.31 -4.01
N VAL A 540 24.45 36.79 -5.26
CA VAL A 540 24.34 38.22 -5.57
C VAL A 540 23.13 38.45 -6.47
N LEU A 541 22.24 39.37 -6.21
CA LEU A 541 20.94 39.53 -6.78
C LEU A 541 20.71 40.96 -7.31
N LEU A 542 19.89 41.13 -8.32
CA LEU A 542 19.33 42.36 -8.82
C LEU A 542 17.82 42.25 -8.68
N VAL A 543 17.21 43.13 -7.90
CA VAL A 543 15.76 43.04 -7.67
C VAL A 543 15.06 44.36 -8.05
N LYS A 544 14.31 44.34 -9.14
CA LYS A 544 13.54 45.49 -9.58
C LYS A 544 12.07 45.37 -9.15
N ILE A 545 11.62 46.31 -8.35
CA ILE A 545 10.25 46.36 -7.87
C ILE A 545 9.51 47.59 -8.41
N ARG A 546 8.33 47.43 -9.01
CA ARG A 546 7.62 48.65 -9.44
C ARG A 546 6.32 48.65 -8.65
N SER A 547 5.88 49.81 -8.21
CA SER A 547 4.59 49.84 -7.51
C SER A 547 3.36 50.10 -8.35
N GLY A 548 3.40 50.44 -9.61
CA GLY A 548 2.25 50.87 -10.38
C GLY A 548 0.87 50.36 -9.99
N LYS A 549 -0.01 50.34 -11.02
CA LYS A 549 -1.34 49.76 -10.82
C LYS A 549 -1.15 48.35 -11.39
N LYS A 550 0.11 48.16 -11.78
CA LYS A 550 0.60 46.90 -12.27
C LYS A 550 1.65 46.21 -11.40
N ARG A 551 1.75 46.47 -10.10
CA ARG A 551 2.61 45.76 -9.17
C ARG A 551 3.41 44.64 -9.80
N THR A 552 4.73 44.73 -9.86
CA THR A 552 5.57 43.69 -10.43
C THR A 552 6.91 43.61 -9.67
N VAL A 553 7.56 42.48 -9.85
CA VAL A 553 8.82 42.16 -9.17
C VAL A 553 9.67 41.39 -10.18
N GLU A 554 10.83 41.89 -10.53
CA GLU A 554 11.75 41.24 -11.43
C GLU A 554 13.01 40.81 -10.68
N MET A 555 13.34 39.52 -10.73
CA MET A 555 14.58 39.11 -10.03
C MET A 555 15.65 38.57 -10.93
N HIS A 556 16.88 38.86 -10.59
CA HIS A 556 18.04 38.26 -11.19
C HIS A 556 18.97 37.80 -10.09
N ASN A 557 19.58 36.62 -10.22
CA ASN A 557 20.66 36.30 -9.32
C ASN A 557 21.71 35.41 -9.98
N LYS A 558 22.80 35.31 -9.20
CA LYS A 558 23.90 34.43 -9.57
C LYS A 558 24.58 33.88 -8.30
N ILE A 559 24.65 32.57 -8.14
CA ILE A 559 25.40 31.90 -7.10
C ILE A 559 26.91 32.03 -7.31
N TYR A 560 27.65 32.29 -6.24
CA TYR A 560 29.11 32.33 -6.24
C TYR A 560 29.64 31.43 -5.12
N ALA A 561 30.62 30.57 -5.45
CA ALA A 561 31.17 29.67 -4.42
C ALA A 561 31.98 30.50 -3.42
N ILE A 562 32.17 29.98 -2.22
CA ILE A 562 33.15 30.61 -1.33
C ILE A 562 34.08 29.45 -0.93
N PRO A 563 35.26 29.38 -1.52
CA PRO A 563 36.18 28.26 -1.33
C PRO A 563 36.67 28.20 0.10
N ILE A 564 36.37 27.17 0.90
CA ILE A 564 36.65 27.24 2.32
C ILE A 564 38.03 27.77 2.72
N GLU A 565 38.95 28.03 1.80
CA GLU A 565 40.12 28.81 2.10
C GLU A 565 39.76 30.31 2.16
N ILE A 566 38.47 30.63 2.33
CA ILE A 566 38.06 32.01 2.53
C ILE A 566 37.05 32.02 3.66
N MET A 567 36.38 30.90 3.81
CA MET A 567 35.33 30.73 4.80
C MET A 567 35.81 30.86 6.23
N GLN A 568 36.98 30.30 6.39
CA GLN A 568 37.76 30.19 7.61
C GLN A 568 39.17 30.55 7.09
N GLY A 569 39.31 31.84 6.86
CA GLY A 569 40.48 32.58 6.46
C GLY A 569 40.24 33.95 7.14
N THR A 570 40.71 35.04 6.59
CA THR A 570 40.50 36.36 7.18
C THR A 570 39.20 37.05 6.78
N GLY A 571 38.86 38.15 7.44
CA GLY A 571 37.68 38.96 7.20
C GLY A 571 37.78 39.90 6.02
N GLU A 572 38.96 40.51 5.87
CA GLU A 572 39.23 41.37 4.72
C GLU A 572 39.24 40.46 3.49
N GLU A 573 39.81 39.28 3.66
CA GLU A 573 39.86 38.27 2.63
C GLU A 573 38.50 37.64 2.36
N LEU A 574 37.57 37.81 3.28
CA LEU A 574 36.23 37.23 3.10
C LEU A 574 35.36 38.25 2.37
N PHE A 575 35.44 39.50 2.84
CA PHE A 575 34.74 40.57 2.18
C PHE A 575 35.38 40.97 0.87
N ASP A 576 36.68 40.66 0.71
CA ASP A 576 37.32 41.11 -0.54
C ASP A 576 36.77 40.24 -1.66
N HIS A 577 36.50 39.00 -1.32
CA HIS A 577 35.79 38.02 -2.09
C HIS A 577 34.34 38.41 -2.32
N ILE A 578 33.50 38.60 -1.32
CA ILE A 578 32.15 39.08 -1.59
C ILE A 578 32.16 40.18 -2.65
N VAL A 579 33.07 41.13 -2.58
CA VAL A 579 33.14 42.23 -3.49
C VAL A 579 33.78 41.93 -4.82
N SER A 580 34.62 40.90 -5.00
CA SER A 580 34.92 40.58 -6.40
C SER A 580 33.61 40.08 -7.05
N CYS A 581 32.90 39.22 -6.38
CA CYS A 581 31.66 38.66 -6.82
C CYS A 581 30.62 39.73 -7.08
N ILE A 582 30.57 40.86 -6.38
CA ILE A 582 29.59 41.89 -6.65
C ILE A 582 29.96 42.62 -7.95
N SER A 583 31.24 42.84 -8.14
CA SER A 583 31.81 43.43 -9.34
C SER A 583 31.43 42.61 -10.59
N ASP A 584 31.65 41.29 -10.43
CA ASP A 584 31.31 40.37 -11.48
C ASP A 584 29.81 40.37 -11.84
N PHE A 585 28.94 40.40 -10.86
CA PHE A 585 27.50 40.41 -11.06
C PHE A 585 26.97 41.67 -11.73
N LEU A 586 27.62 42.82 -11.56
CA LEU A 586 27.22 44.04 -12.24
C LEU A 586 27.63 44.00 -13.69
N ASP A 587 28.81 43.53 -14.05
CA ASP A 587 29.15 43.32 -15.45
C ASP A 587 28.08 42.39 -16.05
N TYR A 588 27.81 41.29 -15.33
CA TYR A 588 26.91 40.25 -15.79
C TYR A 588 25.55 40.81 -16.15
N MET A 589 25.05 41.70 -15.30
CA MET A 589 23.73 42.29 -15.45
C MET A 589 23.80 43.53 -16.34
N GLY A 590 25.00 43.90 -16.75
CA GLY A 590 25.20 45.09 -17.55
C GLY A 590 25.00 46.40 -16.80
N ILE A 591 25.14 46.48 -15.49
CA ILE A 591 24.80 47.72 -14.80
C ILE A 591 25.95 48.37 -14.03
N LYS A 592 27.19 48.12 -14.41
CA LYS A 592 28.27 48.70 -13.64
C LYS A 592 28.28 50.20 -13.96
N GLY A 593 28.54 51.01 -12.92
CA GLY A 593 28.44 52.46 -13.05
C GLY A 593 27.53 53.09 -12.00
N PRO A 594 26.23 52.96 -12.16
CA PRO A 594 25.24 53.54 -11.28
C PRO A 594 25.50 53.27 -9.80
N ARG A 595 25.61 54.31 -8.96
CA ARG A 595 25.71 54.05 -7.52
C ARG A 595 24.34 53.41 -7.18
N MET A 596 24.36 52.26 -6.53
CA MET A 596 23.11 51.54 -6.30
C MET A 596 22.98 51.14 -4.85
N PRO A 597 21.78 51.18 -4.33
CA PRO A 597 21.49 50.75 -2.96
C PRO A 597 21.47 49.23 -2.88
N LEU A 598 21.92 48.64 -1.80
CA LEU A 598 22.09 47.22 -1.55
C LEU A 598 21.49 46.82 -0.21
N GLY A 599 20.83 45.69 -0.15
CA GLY A 599 20.26 45.07 1.04
C GLY A 599 21.13 43.84 1.36
N PHE A 600 21.69 43.76 2.56
CA PHE A 600 22.64 42.70 2.92
C PHE A 600 21.98 41.67 3.82
N THR A 601 21.57 40.52 3.24
CA THR A 601 20.99 39.46 4.07
C THR A 601 22.13 38.59 4.63
N PHE A 602 22.44 38.72 5.91
CA PHE A 602 23.60 38.07 6.51
C PHE A 602 23.10 37.24 7.68
N SER A 603 23.04 35.95 7.45
CA SER A 603 22.35 34.97 8.29
C SER A 603 23.04 34.52 9.59
N PHE A 604 23.45 35.47 10.40
CA PHE A 604 24.12 35.26 11.67
C PHE A 604 23.63 36.32 12.64
N PRO A 605 23.74 36.07 13.93
CA PRO A 605 23.36 37.05 14.95
C PRO A 605 24.19 38.33 14.99
N CYS A 606 23.49 39.46 15.00
CA CYS A 606 24.14 40.76 14.98
C CYS A 606 23.45 41.73 15.94
N GLN A 607 24.25 42.53 16.65
CA GLN A 607 23.59 43.60 17.44
C GLN A 607 23.35 44.84 16.58
N GLN A 608 22.12 45.26 16.37
CA GLN A 608 21.84 46.38 15.50
C GLN A 608 21.41 47.68 16.20
N THR A 609 22.08 48.79 15.87
CA THR A 609 21.60 50.11 16.31
C THR A 609 20.77 50.78 15.22
N SER A 610 20.55 50.07 14.12
CA SER A 610 19.67 50.60 13.10
C SER A 610 19.71 49.69 11.87
N LEU A 611 18.80 49.98 10.94
CA LEU A 611 18.73 49.21 9.73
C LEU A 611 20.09 49.02 9.07
N ASP A 612 20.99 50.00 9.06
CA ASP A 612 22.17 49.85 8.23
C ASP A 612 23.49 49.63 8.95
N ALA A 613 23.42 49.11 10.18
CA ALA A 613 24.61 48.67 10.88
C ALA A 613 24.27 47.43 11.70
N GLY A 614 25.26 46.55 11.88
CA GLY A 614 25.04 45.35 12.69
C GLY A 614 26.38 44.71 13.02
N ILE A 615 26.65 44.61 14.31
CA ILE A 615 27.91 44.06 14.83
C ILE A 615 27.79 42.55 14.98
N LEU A 616 28.73 41.79 14.42
CA LEU A 616 28.55 40.34 14.51
C LEU A 616 28.63 39.88 15.96
N ILE A 617 27.59 39.28 16.54
CA ILE A 617 27.68 38.75 17.89
C ILE A 617 28.48 37.44 17.99
N THR A 618 28.17 36.46 17.17
CA THR A 618 29.01 35.28 17.06
C THR A 618 28.96 34.70 15.65
N TRP A 619 29.98 33.92 15.31
CA TRP A 619 29.79 33.00 14.18
C TRP A 619 28.91 31.86 14.67
N THR A 620 27.98 31.34 13.90
CA THR A 620 27.16 30.15 14.08
C THR A 620 27.32 29.38 12.76
N LYS A 621 26.73 28.19 12.75
CA LYS A 621 26.74 27.28 11.63
C LYS A 621 28.16 26.93 11.24
N GLY A 622 28.52 26.85 9.97
CA GLY A 622 29.85 26.60 9.54
C GLY A 622 30.85 27.73 9.41
N PHE A 623 30.51 28.97 9.59
CA PHE A 623 31.41 30.10 9.40
C PHE A 623 32.35 30.39 10.56
N LYS A 624 33.60 30.76 10.26
CA LYS A 624 34.56 31.13 11.24
C LYS A 624 35.73 31.94 10.73
N ALA A 625 35.39 32.97 9.93
CA ALA A 625 36.45 33.80 9.39
C ALA A 625 36.88 34.82 10.43
N THR A 626 38.19 35.00 10.56
CA THR A 626 38.78 35.84 11.59
C THR A 626 38.65 37.33 11.41
N ASP A 627 38.50 38.03 12.53
CA ASP A 627 38.40 39.48 12.57
C ASP A 627 37.03 39.96 12.15
N CYS A 628 36.05 39.08 12.40
CA CYS A 628 34.68 39.42 12.12
C CYS A 628 33.87 39.76 13.35
N VAL A 629 33.81 38.87 14.33
CA VAL A 629 33.00 39.11 15.52
C VAL A 629 33.41 40.41 16.22
N GLY A 630 32.43 41.16 16.70
CA GLY A 630 32.72 42.46 17.29
C GLY A 630 32.85 43.53 16.22
N HIS A 631 33.06 43.18 14.95
CA HIS A 631 33.01 44.17 13.90
C HIS A 631 31.63 44.43 13.29
N ASP A 632 31.51 45.60 12.69
CA ASP A 632 30.25 45.95 12.01
C ASP A 632 30.34 45.36 10.60
N VAL A 633 29.32 44.58 10.20
CA VAL A 633 29.47 43.95 8.87
C VAL A 633 29.30 44.95 7.76
N VAL A 634 28.45 45.93 7.91
CA VAL A 634 28.28 46.99 6.91
C VAL A 634 29.55 47.81 6.82
N THR A 635 30.33 47.87 7.92
CA THR A 635 31.66 48.48 7.85
C THR A 635 32.62 47.59 7.10
N LEU A 636 32.75 46.30 7.41
CA LEU A 636 33.66 45.45 6.58
C LEU A 636 33.22 45.45 5.12
N LEU A 637 31.90 45.53 4.89
CA LEU A 637 31.41 45.59 3.51
C LEU A 637 31.92 46.87 2.86
N ARG A 638 31.71 48.03 3.49
CA ARG A 638 32.19 49.31 3.00
C ARG A 638 33.69 49.39 2.76
N ASP A 639 34.51 48.81 3.61
CA ASP A 639 35.95 48.77 3.42
C ASP A 639 36.31 48.06 2.10
N ALA A 640 35.78 46.85 1.93
CA ALA A 640 36.25 46.05 0.78
C ALA A 640 35.91 46.74 -0.54
N ILE A 641 34.88 47.58 -0.47
CA ILE A 641 34.42 48.34 -1.63
C ILE A 641 35.41 49.46 -1.92
N LYS A 642 36.03 50.04 -0.88
CA LYS A 642 37.05 51.05 -1.05
C LYS A 642 38.38 50.42 -1.47
N ARG A 643 38.71 49.26 -0.87
CA ARG A 643 39.91 48.57 -1.36
C ARG A 643 39.79 48.38 -2.88
N ARG A 644 38.60 47.94 -3.31
CA ARG A 644 38.41 47.76 -4.74
C ARG A 644 38.65 49.04 -5.51
N GLU A 645 38.24 50.18 -4.97
CA GLU A 645 38.47 51.44 -5.68
C GLU A 645 38.20 51.18 -7.17
N GLU A 646 37.10 50.50 -7.39
CA GLU A 646 36.54 50.30 -8.73
C GLU A 646 35.16 50.97 -8.61
N PHE A 647 34.09 50.22 -8.49
CA PHE A 647 32.79 50.82 -8.30
C PHE A 647 32.48 51.17 -6.85
N ASP A 648 31.30 51.71 -6.71
CA ASP A 648 30.70 52.29 -5.53
C ASP A 648 29.23 51.86 -5.44
N LEU A 649 28.73 51.63 -4.24
CA LEU A 649 27.31 51.42 -4.05
C LEU A 649 26.91 51.97 -2.68
N ASP A 650 25.64 52.00 -2.39
CA ASP A 650 25.16 52.52 -1.09
C ASP A 650 24.48 51.48 -0.24
N VAL A 651 25.24 50.93 0.75
CA VAL A 651 24.67 49.87 1.58
C VAL A 651 23.63 50.49 2.50
N VAL A 652 22.42 49.97 2.48
CA VAL A 652 21.36 50.58 3.29
C VAL A 652 20.87 49.69 4.41
N ALA A 653 21.14 48.38 4.36
CA ALA A 653 20.41 47.48 5.26
C ALA A 653 21.15 46.17 5.41
N VAL A 654 21.15 45.62 6.62
CA VAL A 654 21.78 44.38 6.96
C VAL A 654 20.58 43.58 7.54
N VAL A 655 20.38 42.38 6.99
CA VAL A 655 19.15 41.69 7.41
C VAL A 655 19.34 40.23 7.66
N ASN A 656 18.60 39.74 8.63
CA ASN A 656 18.66 38.29 8.97
C ASN A 656 17.78 37.56 7.95
N ASP A 657 18.19 36.39 7.49
CA ASP A 657 17.48 35.62 6.48
C ASP A 657 16.01 35.47 6.86
N THR A 658 15.85 35.45 8.18
CA THR A 658 14.56 35.26 8.86
C THR A 658 13.65 36.43 8.55
N VAL A 659 14.13 37.64 8.76
CA VAL A 659 13.34 38.84 8.51
C VAL A 659 13.12 39.00 7.01
N GLY A 660 14.10 38.72 6.18
CA GLY A 660 13.98 38.70 4.74
C GLY A 660 12.93 37.73 4.22
N THR A 661 12.80 36.53 4.77
CA THR A 661 11.78 35.56 4.37
C THR A 661 10.38 36.01 4.76
N MET A 662 10.22 36.50 5.99
CA MET A 662 8.90 36.99 6.43
C MET A 662 8.40 38.08 5.48
N MET A 663 9.25 39.06 5.19
CA MET A 663 8.91 40.20 4.33
C MET A 663 8.60 39.75 2.92
N THR A 664 9.45 38.91 2.33
CA THR A 664 9.15 38.30 1.04
C THR A 664 7.68 37.86 1.00
N CYS A 665 7.37 36.94 1.89
CA CYS A 665 6.12 36.23 2.00
C CYS A 665 4.95 37.15 2.29
N ALA A 666 5.20 38.22 3.00
CA ALA A 666 4.18 39.20 3.35
C ALA A 666 4.02 40.21 2.22
N TYR A 667 4.93 40.28 1.27
CA TYR A 667 4.78 41.15 0.11
C TYR A 667 3.38 40.94 -0.49
N GLU A 668 2.86 39.74 -0.22
CA GLU A 668 1.54 39.44 -0.73
C GLU A 668 0.53 39.03 0.32
N GLU A 669 0.96 38.74 1.53
CA GLU A 669 0.04 38.19 2.53
C GLU A 669 0.14 39.01 3.80
N PRO A 670 -0.87 39.84 4.04
CA PRO A 670 -0.87 40.75 5.17
C PRO A 670 -0.89 40.06 6.51
N THR A 671 -1.30 38.81 6.56
CA THR A 671 -1.35 38.02 7.79
C THR A 671 0.02 37.52 8.27
N CYS A 672 1.03 37.51 7.42
CA CYS A 672 2.30 36.88 7.72
C CYS A 672 3.21 37.73 8.59
N GLU A 673 3.23 37.48 9.91
CA GLU A 673 3.93 38.34 10.85
C GLU A 673 5.10 37.61 11.48
N VAL A 674 5.35 36.43 10.97
CA VAL A 674 6.36 35.53 11.52
C VAL A 674 7.26 35.02 10.40
N GLY A 675 8.52 34.76 10.67
CA GLY A 675 9.42 34.17 9.67
C GLY A 675 10.16 33.00 10.32
N LEU A 676 10.24 31.88 9.61
CA LEU A 676 10.87 30.68 10.07
C LEU A 676 11.95 30.20 9.08
N ILE A 677 13.14 29.94 9.64
CA ILE A 677 14.12 29.19 8.88
C ILE A 677 14.42 27.81 9.43
N VAL A 678 14.29 26.74 8.66
CA VAL A 678 14.76 25.40 8.90
C VAL A 678 15.59 24.86 7.74
N GLY A 679 16.92 25.11 7.74
CA GLY A 679 17.78 24.68 6.66
C GLY A 679 19.12 24.26 7.28
N THR A 680 20.18 24.86 6.80
CA THR A 680 21.47 24.61 7.45
C THR A 680 21.41 24.98 8.92
N GLY A 681 20.83 26.12 9.29
CA GLY A 681 20.57 26.42 10.71
C GLY A 681 19.07 26.62 10.93
N SER A 682 18.66 26.97 12.16
CA SER A 682 17.24 27.19 12.40
C SER A 682 16.96 28.44 13.19
N ASN A 683 15.94 29.23 12.81
CA ASN A 683 15.73 30.50 13.50
C ASN A 683 14.35 31.04 13.21
N ALA A 684 13.92 32.04 13.98
CA ALA A 684 12.57 32.59 13.74
C ALA A 684 12.53 34.06 14.12
N CYS A 685 11.55 34.77 13.57
CA CYS A 685 11.37 36.20 13.77
C CYS A 685 9.87 36.42 13.78
N TYR A 686 9.43 37.48 14.43
CA TYR A 686 8.01 37.82 14.45
C TYR A 686 7.96 39.33 14.69
N MET A 687 6.80 39.92 14.37
CA MET A 687 6.52 41.32 14.69
C MET A 687 6.19 41.49 16.16
N GLU A 688 7.06 42.15 16.94
CA GLU A 688 6.80 42.39 18.37
C GLU A 688 6.37 43.81 18.68
N GLU A 689 5.52 44.05 19.66
CA GLU A 689 5.03 45.38 20.01
C GLU A 689 6.18 46.15 20.66
N MET A 690 6.33 47.42 20.36
CA MET A 690 7.49 48.14 20.89
C MET A 690 7.45 48.34 22.40
N LYS A 691 6.26 48.51 23.01
CA LYS A 691 6.26 48.57 24.47
C LYS A 691 6.97 47.36 25.07
N ASN A 692 7.13 46.28 24.31
CA ASN A 692 7.75 45.07 24.79
C ASN A 692 9.23 44.99 24.47
N VAL A 693 9.68 45.66 23.41
CA VAL A 693 11.10 45.70 23.06
C VAL A 693 11.85 46.73 23.90
N GLU A 694 12.15 46.37 25.15
CA GLU A 694 12.80 47.24 26.09
C GLU A 694 14.10 47.90 25.67
N MET A 695 14.80 47.29 24.72
CA MET A 695 16.13 47.83 24.38
C MET A 695 15.99 48.84 23.27
N VAL A 696 14.78 49.14 22.85
CA VAL A 696 14.67 50.18 21.80
C VAL A 696 13.69 51.24 22.25
N GLU A 697 14.20 52.45 22.48
CA GLU A 697 13.41 53.57 22.98
C GLU A 697 12.25 53.82 22.01
N GLY A 698 11.04 54.01 22.51
CA GLY A 698 9.89 54.22 21.61
C GLY A 698 8.87 53.13 21.96
N ASP A 699 7.63 53.51 22.20
CA ASP A 699 6.64 52.59 22.74
C ASP A 699 5.48 52.63 21.75
N GLN A 700 5.90 53.15 20.60
CA GLN A 700 4.91 53.37 19.53
C GLN A 700 5.19 52.47 18.34
N GLY A 701 4.22 51.63 18.00
CA GLY A 701 4.27 50.82 16.81
C GLY A 701 4.68 49.38 16.94
N GLN A 702 5.64 48.97 16.11
CA GLN A 702 6.07 47.58 16.03
C GLN A 702 7.50 47.43 15.57
N MET A 703 7.94 46.17 15.63
CA MET A 703 9.32 45.92 15.22
C MET A 703 9.53 44.43 15.05
N CYS A 704 10.25 44.09 14.00
CA CYS A 704 10.60 42.69 13.78
C CYS A 704 11.77 42.33 14.68
N ILE A 705 11.60 41.22 15.37
CA ILE A 705 12.64 40.70 16.26
C ILE A 705 13.28 39.45 15.70
N ASN A 706 14.57 39.44 15.44
CA ASN A 706 15.33 38.25 15.08
C ASN A 706 15.69 37.51 16.40
N MET A 707 14.99 36.38 16.64
CA MET A 707 15.04 35.71 17.93
C MET A 707 16.41 35.15 18.30
N GLU A 708 17.13 34.67 17.28
CA GLU A 708 18.36 33.95 17.54
C GLU A 708 18.02 32.80 18.49
N TRP A 709 16.96 32.10 18.03
CA TRP A 709 16.36 31.01 18.78
C TRP A 709 17.23 29.78 18.92
N GLY A 710 18.25 29.58 18.08
CA GLY A 710 19.04 28.35 18.15
C GLY A 710 19.82 28.29 19.47
N ALA A 711 20.04 29.44 20.11
CA ALA A 711 20.88 29.44 21.33
C ALA A 711 20.09 28.94 22.53
N PHE A 712 18.80 28.67 22.36
CA PHE A 712 17.92 28.14 23.42
C PHE A 712 18.51 26.84 23.96
N GLY A 713 18.58 26.68 25.26
CA GLY A 713 19.24 25.50 25.83
C GLY A 713 20.73 25.75 26.00
N ASP A 714 21.21 26.98 25.74
CA ASP A 714 22.63 27.23 26.01
C ASP A 714 22.97 27.46 27.48
N ASN A 715 22.00 27.71 28.33
CA ASN A 715 22.25 27.88 29.75
C ASN A 715 21.92 26.61 30.52
N GLY A 716 21.20 25.66 29.92
CA GLY A 716 20.92 24.39 30.56
C GLY A 716 19.49 23.94 30.45
N CYS A 717 18.57 24.87 30.21
CA CYS A 717 17.14 24.59 30.29
C CYS A 717 16.66 23.61 29.25
N LEU A 718 17.53 22.95 28.46
CA LEU A 718 17.02 21.74 27.77
C LEU A 718 17.76 20.47 28.19
N ASP A 719 18.75 20.59 29.10
CA ASP A 719 19.63 19.54 29.51
C ASP A 719 18.97 18.19 29.71
N ASP A 720 17.75 18.32 30.17
CA ASP A 720 16.66 17.48 30.35
C ASP A 720 16.28 16.52 29.23
N ILE A 721 16.32 17.06 28.02
CA ILE A 721 15.94 16.29 26.85
C ILE A 721 17.13 16.04 25.94
N ARG A 722 18.28 16.62 26.23
CA ARG A 722 19.48 16.35 25.45
C ARG A 722 20.04 14.98 25.80
N THR A 723 20.48 14.26 24.79
CA THR A 723 20.95 12.91 24.92
C THR A 723 22.46 12.84 24.77
N HIS A 724 22.99 11.65 25.09
CA HIS A 724 24.39 11.37 24.84
C HIS A 724 24.78 11.83 23.44
N TYR A 725 24.00 11.47 22.42
CA TYR A 725 24.29 11.80 21.05
C TYR A 725 24.30 13.28 20.70
N ASP A 726 23.44 14.09 21.29
CA ASP A 726 23.39 15.53 21.16
C ASP A 726 24.62 16.18 21.80
N ARG A 727 25.04 15.69 22.98
CA ARG A 727 26.24 16.27 23.61
C ARG A 727 27.49 15.92 22.81
N LEU A 728 27.53 14.69 22.23
CA LEU A 728 28.67 14.36 21.39
C LEU A 728 28.69 15.31 20.18
N VAL A 729 27.53 15.58 19.55
CA VAL A 729 27.56 16.38 18.32
C VAL A 729 28.06 17.79 18.62
N ASN A 730 27.53 18.27 19.75
CA ASN A 730 27.91 19.58 20.23
C ASN A 730 29.37 19.66 20.62
N GLU A 731 29.90 18.67 21.36
CA GLU A 731 31.31 18.81 21.82
C GLU A 731 32.27 18.88 20.66
N TYR A 732 31.90 18.20 19.57
CA TYR A 732 32.77 18.06 18.44
C TYR A 732 32.56 19.15 17.41
N SER A 733 31.80 20.20 17.77
CA SER A 733 31.45 21.21 16.79
C SER A 733 32.30 22.47 16.82
N LEU A 734 32.20 23.27 15.77
CA LEU A 734 32.95 24.50 15.62
C LEU A 734 32.54 25.40 16.76
N ASN A 735 31.35 25.24 17.30
CA ASN A 735 30.94 26.11 18.41
C ASN A 735 30.37 25.41 19.62
N ALA A 736 31.16 24.58 20.28
CA ALA A 736 30.82 23.86 21.49
C ALA A 736 30.10 24.73 22.50
N GLY A 737 28.98 24.22 23.01
CA GLY A 737 28.22 24.93 24.00
C GLY A 737 27.11 25.78 23.45
N LYS A 738 27.11 26.12 22.15
CA LYS A 738 26.06 27.05 21.70
C LYS A 738 25.07 26.46 20.74
N GLN A 739 24.02 27.20 20.41
CA GLN A 739 23.04 26.83 19.40
C GLN A 739 22.55 25.40 19.60
N ARG A 740 22.40 25.06 20.87
CA ARG A 740 21.97 23.74 21.27
C ARG A 740 20.63 23.32 20.73
N TYR A 741 19.63 24.19 20.82
CA TYR A 741 18.30 23.89 20.25
C TYR A 741 18.46 23.76 18.73
N GLU A 742 19.24 24.66 18.13
CA GLU A 742 19.44 24.56 16.69
C GLU A 742 20.07 23.21 16.34
N LYS A 743 20.96 22.74 17.21
CA LYS A 743 21.59 21.45 17.04
C LYS A 743 20.72 20.24 17.16
N MET A 744 19.52 20.26 17.70
CA MET A 744 18.57 19.18 17.60
C MET A 744 17.55 19.37 16.47
N ILE A 745 17.64 20.42 15.64
CA ILE A 745 16.74 20.67 14.56
C ILE A 745 17.25 20.71 13.13
N SER A 746 18.20 21.55 12.76
CA SER A 746 18.66 21.89 11.45
C SER A 746 19.32 20.71 10.72
N GLY A 747 19.53 20.94 9.44
CA GLY A 747 20.13 20.05 8.51
C GLY A 747 21.62 19.96 8.49
N MET A 748 22.33 20.90 9.11
CA MET A 748 23.78 20.65 9.33
C MET A 748 23.99 19.61 10.43
N TYR A 749 23.10 19.44 11.39
CA TYR A 749 23.35 18.64 12.58
C TYR A 749 22.55 17.35 12.69
N LEU A 750 21.37 17.27 12.10
CA LEU A 750 20.57 16.05 12.21
C LEU A 750 21.33 14.77 11.92
N GLY A 751 22.03 14.69 10.81
CA GLY A 751 22.70 13.47 10.36
C GLY A 751 23.94 13.14 11.20
N GLU A 752 24.49 14.18 11.88
CA GLU A 752 25.55 13.93 12.86
C GLU A 752 24.97 13.27 14.09
N ILE A 753 23.74 13.58 14.51
CA ILE A 753 23.16 12.82 15.61
C ILE A 753 23.00 11.35 15.23
N VAL A 754 22.43 11.10 14.03
CA VAL A 754 22.14 9.77 13.53
C VAL A 754 23.45 9.00 13.41
N ARG A 755 24.48 9.65 12.85
CA ARG A 755 25.77 9.02 12.67
C ARG A 755 26.26 8.53 14.03
N ASN A 756 26.10 9.34 15.07
CA ASN A 756 26.55 8.97 16.40
C ASN A 756 25.72 7.85 16.96
N ILE A 757 24.40 7.86 16.74
CA ILE A 757 23.56 6.74 17.11
C ILE A 757 24.07 5.46 16.45
N LEU A 758 24.37 5.49 15.18
CA LEU A 758 24.82 4.32 14.46
C LEU A 758 26.19 3.80 14.90
N ILE A 759 27.14 4.67 15.17
CA ILE A 759 28.43 4.32 15.72
C ILE A 759 28.22 3.45 16.98
N ASP A 760 27.46 3.98 17.92
CA ASP A 760 27.09 3.20 19.08
C ASP A 760 26.53 1.81 18.81
N PHE A 761 25.42 1.81 18.05
CA PHE A 761 24.73 0.54 17.78
C PHE A 761 25.71 -0.42 17.08
N THR A 762 26.64 0.14 16.28
CA THR A 762 27.62 -0.74 15.68
C THR A 762 28.67 -1.29 16.63
N LYS A 763 29.08 -0.58 17.67
CA LYS A 763 29.99 -1.03 18.69
C LYS A 763 29.27 -2.14 19.50
N LYS A 764 27.98 -1.88 19.75
CA LYS A 764 27.19 -2.84 20.54
C LYS A 764 26.89 -4.10 19.73
N GLY A 765 27.35 -4.14 18.50
CA GLY A 765 27.03 -5.26 17.62
C GLY A 765 25.65 -5.30 17.01
N PHE A 766 24.81 -4.26 16.97
CA PHE A 766 23.46 -4.44 16.47
C PHE A 766 23.31 -4.20 14.98
N LEU A 767 24.38 -3.89 14.27
CA LEU A 767 24.29 -3.21 12.96
C LEU A 767 25.67 -3.20 12.31
N PHE A 768 25.79 -3.29 11.00
CA PHE A 768 27.06 -3.31 10.31
C PHE A 768 28.03 -4.39 10.76
N ARG A 769 27.53 -5.62 10.93
CA ARG A 769 28.34 -6.79 11.28
C ARG A 769 29.33 -6.47 12.39
N GLY A 770 29.19 -5.30 13.00
CA GLY A 770 29.85 -4.86 14.17
C GLY A 770 31.12 -4.08 13.94
N GLN A 771 31.48 -3.87 12.70
CA GLN A 771 32.66 -3.12 12.30
C GLN A 771 32.33 -1.65 12.06
N ILE A 772 33.09 -0.74 12.65
CA ILE A 772 32.91 0.68 12.47
C ILE A 772 33.90 1.07 11.38
N SER A 773 33.37 1.42 10.25
CA SER A 773 34.17 1.61 9.05
C SER A 773 34.58 3.06 8.85
N GLU A 774 35.38 3.31 7.85
CA GLU A 774 35.90 4.67 7.64
C GLU A 774 34.80 5.57 7.14
N THR A 775 33.76 5.02 6.54
CA THR A 775 32.63 5.79 6.07
C THR A 775 31.75 6.26 7.22
N LEU A 776 31.32 5.32 8.06
CA LEU A 776 30.56 5.70 9.25
C LEU A 776 31.30 6.69 10.14
N LYS A 777 32.63 6.72 10.15
CA LYS A 777 33.36 7.73 10.92
C LYS A 777 33.71 9.02 10.23
N THR A 778 33.07 9.36 9.12
CA THR A 778 33.19 10.59 8.40
C THR A 778 32.05 11.56 8.66
N ARG A 779 32.41 12.73 9.18
CA ARG A 779 31.45 13.78 9.43
C ARG A 779 30.70 14.15 8.14
N GLY A 780 29.39 14.34 8.21
CA GLY A 780 28.73 14.94 7.04
C GLY A 780 28.09 13.92 6.13
N ILE A 781 28.43 12.64 6.31
CA ILE A 781 27.87 11.57 5.47
C ILE A 781 26.40 11.68 5.28
N PHE A 782 25.61 11.94 6.30
CA PHE A 782 24.16 12.05 6.26
C PHE A 782 23.61 13.47 6.16
N GLU A 783 23.74 13.99 4.97
CA GLU A 783 23.27 15.24 4.41
C GLU A 783 21.73 15.28 4.38
N THR A 784 21.18 16.48 4.31
CA THR A 784 19.73 16.68 4.23
C THR A 784 19.15 15.98 3.01
N LYS A 785 19.95 15.87 1.92
CA LYS A 785 19.43 15.13 0.79
C LYS A 785 19.31 13.64 1.05
N PHE A 786 20.20 12.91 1.70
CA PHE A 786 19.96 11.49 1.89
C PHE A 786 18.98 11.16 3.01
N LEU A 787 18.91 12.02 4.04
CA LEU A 787 17.95 11.78 5.12
C LEU A 787 16.53 11.94 4.56
N SER A 788 16.39 12.88 3.65
CA SER A 788 15.11 13.09 2.95
C SER A 788 14.78 11.88 2.10
N GLN A 789 15.69 11.36 1.27
CA GLN A 789 15.42 10.14 0.50
C GLN A 789 15.18 8.91 1.39
N ILE A 790 16.00 8.74 2.43
CA ILE A 790 15.93 7.53 3.22
C ILE A 790 14.56 7.38 3.84
N GLU A 791 14.03 8.47 4.36
CA GLU A 791 12.73 8.47 5.00
C GLU A 791 11.52 8.64 4.12
N SER A 792 11.63 8.74 2.80
CA SER A 792 10.44 8.92 1.99
C SER A 792 9.49 7.70 2.03
N ASP A 793 8.19 8.02 1.96
CA ASP A 793 7.17 6.99 2.03
C ASP A 793 7.02 6.15 0.78
N ARG A 794 7.59 6.47 -0.36
CA ARG A 794 7.42 5.63 -1.54
C ARG A 794 8.59 4.65 -1.68
N LEU A 795 9.36 4.46 -0.61
CA LEU A 795 10.57 3.68 -0.68
C LEU A 795 10.50 2.20 -0.36
N ALA A 796 10.81 1.39 -1.37
CA ALA A 796 11.00 -0.04 -1.16
C ALA A 796 12.27 -0.14 -0.29
N LEU A 797 12.33 -1.16 0.52
CA LEU A 797 13.47 -1.40 1.38
C LEU A 797 14.69 -1.72 0.55
N LEU A 798 14.57 -2.35 -0.59
CA LEU A 798 15.72 -2.55 -1.49
C LEU A 798 16.41 -1.22 -1.83
N GLN A 799 15.63 -0.17 -2.04
CA GLN A 799 16.18 1.12 -2.33
C GLN A 799 16.85 1.85 -1.17
N VAL A 800 16.33 1.66 0.04
CA VAL A 800 16.94 2.24 1.24
C VAL A 800 18.34 1.64 1.32
N ARG A 801 18.46 0.37 1.01
CA ARG A 801 19.75 -0.31 1.06
C ARG A 801 20.78 0.18 0.04
N ALA A 802 20.32 0.39 -1.19
CA ALA A 802 21.11 0.85 -2.32
C ALA A 802 21.77 2.20 -2.03
N ILE A 803 20.93 3.09 -1.51
CA ILE A 803 21.41 4.43 -1.14
C ILE A 803 22.55 4.32 -0.13
N LEU A 804 22.26 3.64 0.96
CA LEU A 804 23.25 3.43 2.03
C LEU A 804 24.53 2.83 1.48
N GLN A 805 24.39 1.86 0.56
CA GLN A 805 25.59 1.27 -0.07
C GLN A 805 26.29 2.26 -0.97
N GLN A 806 25.47 3.15 -1.55
CA GLN A 806 26.02 4.24 -2.38
C GLN A 806 26.92 5.08 -1.47
N LEU A 807 26.40 5.43 -0.29
CA LEU A 807 27.17 6.23 0.65
C LEU A 807 28.47 5.53 0.97
N GLY A 808 28.55 4.22 0.88
CA GLY A 808 29.79 3.53 1.29
C GLY A 808 29.55 2.64 2.49
N LEU A 809 28.28 2.40 2.84
CA LEU A 809 27.98 1.58 4.01
C LEU A 809 27.66 0.16 3.56
N ASN A 810 28.26 -0.84 4.21
CA ASN A 810 27.92 -2.23 3.85
C ASN A 810 26.64 -2.67 4.57
N SER A 811 25.50 -2.17 4.15
CA SER A 811 24.24 -2.40 4.82
C SER A 811 23.55 -3.63 4.25
N THR A 812 23.00 -4.44 5.14
CA THR A 812 22.13 -5.56 4.74
C THR A 812 20.69 -5.08 4.88
N CYS A 813 19.72 -5.84 4.43
CA CYS A 813 18.33 -5.51 4.58
C CYS A 813 17.95 -5.07 5.99
N ASP A 814 18.21 -5.92 6.97
CA ASP A 814 17.90 -5.55 8.36
C ASP A 814 18.71 -4.36 8.87
N ASP A 815 19.96 -4.11 8.54
CA ASP A 815 20.62 -2.87 8.93
C ASP A 815 19.83 -1.65 8.37
N SER A 816 19.33 -1.88 7.14
CA SER A 816 18.73 -0.79 6.38
C SER A 816 17.44 -0.42 7.08
N ILE A 817 16.82 -1.42 7.67
CA ILE A 817 15.61 -1.21 8.45
C ILE A 817 15.85 -0.41 9.72
N LEU A 818 16.96 -0.68 10.40
CA LEU A 818 17.18 0.09 11.65
C LEU A 818 17.78 1.45 11.35
N VAL A 819 18.54 1.59 10.24
CA VAL A 819 19.06 2.95 9.92
C VAL A 819 17.91 3.92 9.61
N LYS A 820 16.93 3.45 8.85
CA LYS A 820 15.70 4.20 8.57
C LYS A 820 14.87 4.45 9.79
N THR A 821 14.67 3.56 10.74
CA THR A 821 14.05 3.83 12.01
C THR A 821 14.81 4.83 12.87
N VAL A 822 16.15 4.76 12.90
CA VAL A 822 16.93 5.79 13.57
C VAL A 822 16.74 7.18 12.96
N CYS A 823 16.80 7.32 11.61
CA CYS A 823 16.52 8.59 10.96
C CYS A 823 15.17 9.22 11.27
N GLY A 824 14.08 8.43 11.33
CA GLY A 824 12.75 8.99 11.56
C GLY A 824 12.63 9.45 12.99
N VAL A 825 13.26 8.65 13.90
CA VAL A 825 13.16 9.08 15.30
C VAL A 825 13.78 10.45 15.50
N VAL A 826 14.95 10.72 14.91
CA VAL A 826 15.65 11.99 15.08
C VAL A 826 14.90 13.14 14.37
N SER A 827 14.56 12.87 13.11
CA SER A 827 13.88 13.89 12.30
C SER A 827 12.48 14.21 12.81
N ARG A 828 11.82 13.26 13.42
CA ARG A 828 10.58 13.48 14.13
C ARG A 828 10.75 14.32 15.39
N ARG A 829 11.76 14.12 16.23
CA ARG A 829 11.96 14.93 17.42
C ARG A 829 12.29 16.37 16.94
N ALA A 830 13.07 16.49 15.88
CA ALA A 830 13.43 17.80 15.36
C ALA A 830 12.18 18.60 14.97
N ALA A 831 11.20 18.07 14.28
CA ALA A 831 10.02 18.82 13.88
C ALA A 831 9.10 19.17 15.05
N GLN A 832 9.08 18.30 16.08
CA GLN A 832 8.25 18.59 17.23
C GLN A 832 8.80 19.72 18.10
N LEU A 833 10.11 19.73 18.22
CA LEU A 833 10.86 20.68 19.01
C LEU A 833 10.73 22.06 18.38
N CYS A 834 10.78 22.09 17.03
CA CYS A 834 10.55 23.27 16.22
C CYS A 834 9.13 23.78 16.49
N GLY A 835 8.14 22.91 16.43
CA GLY A 835 6.77 23.26 16.66
C GLY A 835 6.53 23.69 18.10
N ALA A 836 7.28 23.19 19.09
CA ALA A 836 7.09 23.73 20.44
C ALA A 836 7.51 25.21 20.37
N GLY A 837 8.54 25.48 19.58
CA GLY A 837 9.14 26.81 19.56
C GLY A 837 8.17 27.78 18.90
N MET A 838 7.65 27.41 17.75
CA MET A 838 6.68 28.17 17.02
C MET A 838 5.39 28.24 17.82
N ALA A 839 5.03 27.19 18.58
CA ALA A 839 3.81 27.34 19.38
C ALA A 839 3.96 28.50 20.36
N ALA A 840 5.15 28.77 20.84
CA ALA A 840 5.36 29.83 21.82
C ALA A 840 5.25 31.20 21.12
N VAL A 841 6.00 31.36 20.04
CA VAL A 841 5.93 32.60 19.27
C VAL A 841 4.48 32.94 18.97
N VAL A 842 3.73 32.06 18.30
CA VAL A 842 2.35 32.38 18.00
C VAL A 842 1.47 32.49 19.23
N ASP A 843 1.78 31.93 20.41
CA ASP A 843 0.88 32.19 21.54
C ASP A 843 1.24 33.53 22.19
N LYS A 844 2.51 33.94 22.06
CA LYS A 844 2.95 35.21 22.54
C LYS A 844 2.35 36.38 21.71
N ILE A 845 2.35 36.24 20.39
CA ILE A 845 1.79 37.29 19.58
C ILE A 845 0.31 37.47 19.90
N ARG A 846 -0.42 36.38 20.05
CA ARG A 846 -1.83 36.41 20.45
C ARG A 846 -1.96 37.11 21.80
N GLU A 847 -1.29 36.60 22.81
CA GLU A 847 -1.28 37.16 24.16
C GLU A 847 -0.96 38.64 24.09
N ASN A 848 0.20 39.05 23.59
CA ASN A 848 0.56 40.43 23.37
C ASN A 848 -0.67 41.27 22.96
N ARG A 849 -1.49 40.75 22.05
CA ARG A 849 -2.60 41.49 21.49
C ARG A 849 -3.89 41.23 22.23
N GLY A 850 -3.80 40.61 23.41
CA GLY A 850 -5.00 40.37 24.18
C GLY A 850 -6.07 39.74 23.28
N LEU A 851 -5.68 38.93 22.31
CA LEU A 851 -6.66 38.20 21.51
C LEU A 851 -7.06 36.85 22.10
N ASP A 852 -8.28 36.40 21.80
CA ASP A 852 -8.80 35.13 22.32
C ASP A 852 -8.46 34.03 21.30
N ARG A 853 -8.32 34.51 20.07
CA ARG A 853 -8.05 33.61 18.95
C ARG A 853 -7.18 34.37 17.95
N LEU A 854 -6.13 33.73 17.43
CA LEU A 854 -5.24 34.41 16.50
C LEU A 854 -5.12 33.76 15.14
N ASN A 855 -5.29 34.44 14.02
CA ASN A 855 -4.99 33.83 12.71
C ASN A 855 -3.67 34.38 12.21
N VAL A 856 -2.66 33.52 12.02
CA VAL A 856 -1.37 34.09 11.60
C VAL A 856 -0.68 33.22 10.57
N THR A 857 0.19 33.83 9.75
CA THR A 857 0.88 33.07 8.70
C THR A 857 2.38 33.21 8.83
N VAL A 858 3.09 32.09 8.76
CA VAL A 858 4.56 32.08 8.90
C VAL A 858 5.13 31.90 7.50
N GLY A 859 6.05 32.78 7.15
CA GLY A 859 6.83 32.55 5.92
C GLY A 859 8.06 31.73 6.30
N VAL A 860 8.32 30.63 5.61
CA VAL A 860 9.39 29.69 5.98
C VAL A 860 10.24 29.36 4.76
N ASP A 861 11.50 29.11 4.99
CA ASP A 861 12.40 28.65 3.94
C ASP A 861 13.37 27.62 4.49
N GLY A 862 14.21 27.00 3.70
CA GLY A 862 15.22 26.09 4.24
C GLY A 862 15.19 24.77 3.49
N THR A 863 16.36 24.27 3.18
CA THR A 863 16.44 23.04 2.41
C THR A 863 15.82 21.86 3.13
N LEU A 864 15.92 21.82 4.43
CA LEU A 864 15.42 20.70 5.22
C LEU A 864 13.88 20.76 5.25
N TYR A 865 13.39 21.97 5.46
CA TYR A 865 11.96 22.20 5.46
C TYR A 865 11.46 21.85 4.06
N LYS A 866 12.17 22.25 3.00
CA LYS A 866 11.74 21.91 1.67
C LYS A 866 11.85 20.44 1.30
N LEU A 867 12.95 19.74 1.55
CA LEU A 867 13.18 18.38 1.11
C LEU A 867 12.64 17.30 2.01
N HIS A 868 12.56 17.45 3.31
CA HIS A 868 12.19 16.35 4.18
C HIS A 868 10.71 16.01 3.97
N PRO A 869 10.45 14.74 3.71
CA PRO A 869 9.16 14.14 3.65
C PRO A 869 8.19 14.33 4.79
N HIS A 870 8.63 14.37 6.03
CA HIS A 870 7.76 14.39 7.15
C HIS A 870 7.92 15.65 7.97
N PHE A 871 9.10 16.29 7.90
CA PHE A 871 9.33 17.38 8.85
C PHE A 871 8.18 18.39 8.93
N SER A 872 7.89 19.05 7.81
CA SER A 872 6.90 20.11 7.78
C SER A 872 5.53 19.60 8.21
N ARG A 873 5.16 18.38 7.82
CA ARG A 873 3.88 17.82 8.30
C ARG A 873 3.94 17.60 9.80
N ILE A 874 5.06 17.17 10.42
CA ILE A 874 4.90 17.02 11.88
C ILE A 874 5.00 18.32 12.64
N MET A 875 5.73 19.30 12.10
CA MET A 875 5.89 20.55 12.85
C MET A 875 4.51 21.19 12.95
N HIS A 876 3.90 21.31 11.75
CA HIS A 876 2.56 21.90 11.66
C HIS A 876 1.59 21.26 12.62
N GLN A 877 1.58 19.94 12.74
CA GLN A 877 0.73 19.18 13.67
C GLN A 877 1.04 19.64 15.09
N THR A 878 2.33 19.81 15.35
CA THR A 878 2.76 20.08 16.72
C THR A 878 2.21 21.44 17.16
N VAL A 879 2.27 22.38 16.22
CA VAL A 879 1.91 23.77 16.49
C VAL A 879 0.40 23.89 16.68
N LYS A 880 -0.31 23.10 15.88
CA LYS A 880 -1.76 23.04 16.02
C LYS A 880 -2.10 22.34 17.32
N GLU A 881 -1.41 21.29 17.77
CA GLU A 881 -1.77 20.77 19.07
C GLU A 881 -1.30 21.58 20.27
N LEU A 882 -0.33 22.46 20.22
CA LEU A 882 0.15 23.09 21.44
C LEU A 882 -0.33 24.54 21.55
N SER A 883 -0.63 25.20 20.44
CA SER A 883 -1.29 26.51 20.54
C SER A 883 -2.66 26.47 19.87
N PRO A 884 -3.62 25.83 20.51
CA PRO A 884 -4.90 25.50 19.93
C PRO A 884 -5.78 26.71 19.70
N LYS A 885 -5.35 27.87 20.20
CA LYS A 885 -6.16 29.07 20.01
C LYS A 885 -5.63 29.89 18.83
N CYS A 886 -4.60 29.36 18.16
CA CYS A 886 -4.04 30.08 17.03
C CYS A 886 -4.33 29.19 15.82
N ASN A 887 -4.38 29.83 14.69
CA ASN A 887 -4.72 29.16 13.44
C ASN A 887 -3.58 29.63 12.52
N VAL A 888 -2.57 28.77 12.43
CA VAL A 888 -1.36 29.14 11.71
C VAL A 888 -1.22 28.37 10.41
N SER A 889 -1.10 29.19 9.37
CA SER A 889 -0.83 28.77 8.03
C SER A 889 0.67 29.01 7.79
N PHE A 890 1.29 28.15 7.01
CA PHE A 890 2.72 28.29 6.70
C PHE A 890 2.85 28.46 5.19
N LEU A 891 3.61 29.41 4.74
CA LEU A 891 3.74 29.62 3.31
C LEU A 891 5.20 29.42 2.95
N LEU A 892 5.49 28.55 1.98
CA LEU A 892 6.84 28.35 1.53
C LEU A 892 7.34 29.54 0.74
N SER A 893 8.56 29.99 0.99
CA SER A 893 9.15 31.00 0.11
C SER A 893 9.79 30.26 -1.07
N GLU A 894 9.22 30.31 -2.26
CA GLU A 894 9.72 29.59 -3.40
C GLU A 894 10.93 30.20 -4.07
N ASP A 895 11.20 31.48 -3.92
CA ASP A 895 12.33 32.08 -4.55
C ASP A 895 13.31 32.79 -3.65
N GLY A 896 13.62 32.28 -2.44
CA GLY A 896 14.72 32.92 -1.71
C GLY A 896 14.25 34.23 -1.08
N SER A 897 14.97 34.80 -0.13
CA SER A 897 14.47 35.96 0.60
C SER A 897 14.91 37.31 0.04
N GLY A 898 15.34 37.38 -1.22
CA GLY A 898 15.88 38.55 -1.89
C GLY A 898 14.85 39.62 -2.17
N LYS A 899 13.66 39.15 -2.51
CA LYS A 899 12.55 40.06 -2.80
C LYS A 899 12.37 40.86 -1.51
N GLY A 900 12.27 40.09 -0.42
CA GLY A 900 12.09 40.59 0.92
C GLY A 900 13.21 41.53 1.34
N ALA A 901 14.45 41.26 0.97
CA ALA A 901 15.52 42.12 1.49
C ALA A 901 15.45 43.46 0.76
N ALA A 902 15.11 43.34 -0.50
CA ALA A 902 14.93 44.43 -1.43
C ALA A 902 13.83 45.37 -0.94
N LEU A 903 12.74 44.78 -0.51
CA LEU A 903 11.60 45.52 0.00
C LEU A 903 12.09 46.33 1.21
N ILE A 904 13.02 45.73 1.96
CA ILE A 904 13.53 46.37 3.15
C ILE A 904 14.51 47.44 2.73
N THR A 905 15.31 47.15 1.72
CA THR A 905 16.18 48.19 1.14
C THR A 905 15.30 49.34 0.64
N ALA A 906 14.09 49.12 0.17
CA ALA A 906 13.25 50.23 -0.28
C ALA A 906 12.90 51.21 0.83
N VAL A 907 12.49 50.68 1.97
CA VAL A 907 12.27 51.38 3.22
C VAL A 907 13.56 52.05 3.71
N GLY A 908 14.64 51.27 3.67
CA GLY A 908 15.95 51.88 3.96
C GLY A 908 15.94 53.24 3.25
N VAL A 909 16.28 53.25 1.96
CA VAL A 909 16.38 54.46 1.18
C VAL A 909 15.39 55.54 1.56
N ARG A 910 14.15 55.17 1.81
CA ARG A 910 13.16 56.13 2.30
C ARG A 910 13.76 56.66 3.62
N LEU A 911 13.35 55.98 4.69
CA LEU A 911 13.92 56.28 6.01
C LEU A 911 15.43 56.43 5.78
N ARG A 912 15.83 57.64 5.43
CA ARG A 912 17.22 57.97 5.15
C ARG A 912 17.33 59.48 4.93
N THR A 913 17.48 59.02 2.95
CA THR A 913 17.32 60.20 2.11
C THR A 913 15.83 60.56 2.06
N GLU A 914 15.38 60.95 3.26
CA GLU A 914 14.01 61.25 3.59
C GLU A 914 13.39 62.33 2.71
N ASP B 16 50.22 25.83 -37.30
CA ASP B 16 50.11 26.89 -36.25
C ASP B 16 48.74 27.58 -36.22
N ASP B 17 47.18 25.98 -36.44
CA ASP B 17 46.30 27.08 -36.91
C ASP B 17 45.59 27.65 -35.70
N GLN B 18 44.72 28.65 -35.93
CA GLN B 18 43.96 29.11 -34.76
C GLN B 18 42.92 28.07 -34.39
N VAL B 19 42.52 27.25 -35.35
CA VAL B 19 41.49 26.25 -35.19
C VAL B 19 41.98 25.08 -34.37
N LYS B 20 43.28 24.78 -34.51
CA LYS B 20 43.90 23.69 -33.77
C LYS B 20 44.08 24.11 -32.32
N LYS B 21 44.34 25.39 -32.12
CA LYS B 21 44.50 25.89 -30.74
C LYS B 21 43.19 25.76 -29.99
N ILE B 22 42.11 26.27 -30.56
CA ILE B 22 40.77 26.24 -29.97
C ILE B 22 40.35 24.81 -29.67
N ASP B 23 40.65 23.90 -30.61
CA ASP B 23 40.28 22.50 -30.47
C ASP B 23 40.85 21.92 -29.20
N LYS B 24 42.05 22.41 -28.88
CA LYS B 24 42.81 22.02 -27.71
C LYS B 24 42.24 22.76 -26.51
N TYR B 25 42.05 24.07 -26.64
CA TYR B 25 41.36 24.81 -25.57
C TYR B 25 40.02 24.18 -25.19
N LEU B 26 39.23 23.74 -26.17
CA LEU B 26 37.89 23.20 -25.91
C LEU B 26 37.84 21.70 -26.05
N TYR B 27 39.00 21.08 -25.90
CA TYR B 27 39.10 19.62 -25.98
C TYR B 27 37.99 18.86 -25.27
N ALA B 28 37.59 19.25 -24.07
CA ALA B 28 36.59 18.50 -23.34
C ALA B 28 35.15 18.61 -23.88
N MET B 29 34.92 19.47 -24.85
CA MET B 29 33.61 19.60 -25.47
C MET B 29 33.58 18.72 -26.72
N ARG B 30 34.75 18.32 -27.21
CA ARG B 30 34.76 17.54 -28.45
C ARG B 30 34.59 16.06 -28.12
N LEU B 31 33.36 15.59 -28.08
CA LEU B 31 33.10 14.24 -27.58
C LEU B 31 33.43 13.17 -28.58
N SER B 32 34.15 12.10 -28.22
CA SER B 32 34.36 11.03 -29.22
C SER B 32 33.21 10.03 -29.30
N ASP B 33 33.23 9.16 -30.31
CA ASP B 33 32.21 8.13 -30.44
C ASP B 33 32.20 7.18 -29.25
N GLU B 34 33.38 6.94 -28.69
CA GLU B 34 33.52 6.06 -27.53
C GLU B 34 32.88 6.70 -26.30
N THR B 35 33.17 7.99 -26.06
CA THR B 35 32.46 8.71 -25.00
C THR B 35 30.96 8.76 -25.30
N LEU B 36 30.51 8.87 -26.53
CA LEU B 36 29.07 8.96 -26.80
C LEU B 36 28.41 7.60 -26.58
N ILE B 37 29.15 6.54 -26.98
CA ILE B 37 28.64 5.18 -26.68
C ILE B 37 28.55 5.00 -25.16
N ASP B 38 29.45 5.68 -24.44
CA ASP B 38 29.39 5.56 -22.97
C ASP B 38 28.18 6.36 -22.50
N ILE B 39 27.93 7.57 -23.01
CA ILE B 39 26.78 8.36 -22.55
C ILE B 39 25.49 7.53 -22.74
N MET B 40 25.38 6.87 -23.85
CA MET B 40 24.21 6.13 -24.30
C MET B 40 23.87 4.96 -23.40
N THR B 41 24.91 4.23 -22.97
CA THR B 41 24.74 3.12 -22.04
C THR B 41 24.19 3.67 -20.73
N ARG B 42 24.78 4.72 -20.18
CA ARG B 42 24.26 5.35 -18.96
C ARG B 42 22.79 5.78 -19.12
N PHE B 43 22.43 6.39 -20.28
CA PHE B 43 21.04 6.81 -20.48
C PHE B 43 20.17 5.56 -20.52
N ARG B 44 20.71 4.47 -21.05
CA ARG B 44 20.06 3.19 -21.12
C ARG B 44 19.74 2.62 -19.72
N LYS B 45 20.60 2.83 -18.75
CA LYS B 45 20.38 2.45 -17.37
C LYS B 45 19.45 3.40 -16.61
N GLU B 46 19.55 4.72 -16.89
CA GLU B 46 18.59 5.63 -16.29
C GLU B 46 17.13 5.38 -16.63
N MET B 47 16.84 4.99 -17.86
CA MET B 47 15.50 4.64 -18.36
C MET B 47 14.96 3.42 -17.61
N LYS B 48 15.83 2.42 -17.52
CA LYS B 48 15.58 1.25 -16.68
C LYS B 48 15.27 1.69 -15.26
N ASN B 49 16.13 2.54 -14.69
CA ASN B 49 15.88 3.01 -13.35
C ASN B 49 14.53 3.70 -13.25
N GLY B 50 14.21 4.55 -14.24
CA GLY B 50 12.97 5.32 -14.09
C GLY B 50 11.71 4.52 -14.31
N LEU B 51 11.73 3.45 -15.06
CA LEU B 51 10.57 2.60 -15.23
C LEU B 51 10.31 1.63 -14.06
N SER B 52 11.34 1.40 -13.25
CA SER B 52 11.27 0.39 -12.18
C SER B 52 10.57 0.89 -10.94
N ARG B 53 9.71 0.07 -10.37
CA ARG B 53 9.08 0.43 -9.10
C ARG B 53 10.18 0.51 -8.02
N ASP B 54 11.18 -0.34 -8.12
CA ASP B 54 12.25 -0.19 -7.13
C ASP B 54 12.93 1.15 -7.25
N PHE B 55 13.56 1.51 -8.35
CA PHE B 55 14.40 2.67 -8.47
C PHE B 55 13.87 4.01 -8.86
N ASN B 56 12.62 4.19 -9.21
CA ASN B 56 12.07 5.46 -9.67
C ASN B 56 12.15 6.59 -8.66
N PRO B 57 11.87 6.35 -7.39
CA PRO B 57 11.85 7.40 -6.39
C PRO B 57 13.14 8.17 -6.38
N THR B 58 14.28 7.57 -6.65
CA THR B 58 15.56 8.27 -6.83
C THR B 58 16.00 8.50 -8.26
N ALA B 59 15.39 7.87 -9.26
CA ALA B 59 15.87 8.01 -10.64
C ALA B 59 15.80 9.46 -11.11
N THR B 60 16.80 9.98 -11.80
CA THR B 60 16.71 11.36 -12.31
C THR B 60 15.90 11.48 -13.61
N VAL B 61 15.74 10.34 -14.30
CA VAL B 61 15.06 10.32 -15.59
C VAL B 61 13.70 9.73 -15.35
N LYS B 62 12.72 10.58 -15.11
CA LYS B 62 11.45 10.20 -14.53
C LYS B 62 10.61 9.26 -15.33
N MET B 63 10.79 9.09 -16.63
CA MET B 63 10.06 8.05 -17.37
C MET B 63 8.59 8.02 -17.05
N LEU B 64 7.92 9.16 -17.09
CA LEU B 64 6.58 9.48 -16.90
C LEU B 64 5.50 8.96 -17.82
N PRO B 65 4.53 8.25 -17.27
CA PRO B 65 3.37 7.76 -18.00
C PRO B 65 2.54 8.88 -18.55
N THR B 66 2.03 8.78 -19.77
CA THR B 66 1.30 9.88 -20.41
C THR B 66 -0.17 9.56 -20.66
N PHE B 67 -0.58 8.34 -20.37
CA PHE B 67 -1.92 7.85 -20.64
C PHE B 67 -2.21 7.99 -22.12
N VAL B 68 -1.19 8.08 -23.00
CA VAL B 68 -1.54 7.99 -24.44
C VAL B 68 -1.18 6.61 -24.94
N ARG B 69 -2.11 5.84 -25.49
CA ARG B 69 -1.83 4.46 -25.84
C ARG B 69 -1.53 4.11 -27.29
N SER B 70 -1.62 5.03 -28.24
CA SER B 70 -1.24 4.87 -29.61
C SER B 70 -1.40 6.20 -30.36
N ILE B 71 -0.75 6.15 -31.51
CA ILE B 71 -0.75 7.32 -32.41
C ILE B 71 -2.07 7.31 -33.11
N PRO B 72 -2.50 8.41 -33.67
CA PRO B 72 -3.86 8.55 -34.21
C PRO B 72 -4.20 7.44 -35.17
N ASP B 73 -5.46 6.98 -35.19
CA ASP B 73 -5.85 5.86 -36.04
C ASP B 73 -6.83 6.27 -37.12
N GLY B 74 -6.93 7.54 -37.48
CA GLY B 74 -7.84 7.97 -38.53
C GLY B 74 -9.31 8.09 -38.12
N SER B 75 -9.71 7.57 -36.98
CA SER B 75 -11.09 7.60 -36.52
C SER B 75 -11.52 8.79 -35.67
N GLU B 76 -10.60 9.70 -35.28
CA GLU B 76 -10.99 10.91 -34.57
C GLU B 76 -11.76 11.91 -35.45
N LYS B 77 -12.72 12.57 -34.81
CA LYS B 77 -13.54 13.59 -35.44
C LYS B 77 -14.06 14.52 -34.34
N GLY B 78 -14.14 15.80 -34.71
CA GLY B 78 -14.60 16.82 -33.77
C GLY B 78 -13.88 18.15 -34.03
N ASP B 79 -14.11 19.09 -33.14
CA ASP B 79 -13.66 20.48 -33.23
C ASP B 79 -13.06 20.89 -31.89
N PHE B 80 -11.74 21.05 -31.89
CA PHE B 80 -11.01 21.15 -30.63
C PHE B 80 -10.22 22.43 -30.41
N ILE B 81 -10.39 23.08 -29.28
CA ILE B 81 -9.55 24.19 -28.86
C ILE B 81 -8.28 23.57 -28.25
N ALA B 82 -7.10 24.10 -28.52
CA ALA B 82 -5.87 23.56 -27.99
C ALA B 82 -4.91 24.64 -27.49
N LEU B 83 -4.49 24.43 -26.23
CA LEU B 83 -3.41 25.32 -25.77
C LEU B 83 -2.05 24.62 -25.83
N ASP B 84 -1.07 25.49 -26.11
CA ASP B 84 0.33 25.12 -26.12
C ASP B 84 1.11 26.13 -25.26
N LEU B 85 1.44 25.92 -24.02
CA LEU B 85 2.27 26.91 -23.28
C LEU B 85 3.57 26.20 -22.91
N GLY B 86 4.70 26.87 -22.81
CA GLY B 86 5.95 26.30 -22.39
C GLY B 86 7.19 26.40 -23.25
N GLY B 87 7.08 26.43 -24.56
CA GLY B 87 8.12 26.70 -25.51
C GLY B 87 8.27 28.17 -25.90
N SER B 88 8.75 28.50 -27.10
CA SER B 88 9.12 29.88 -27.38
C SER B 88 7.94 30.82 -27.54
N SER B 89 6.76 30.25 -27.76
CA SER B 89 5.55 31.02 -27.86
C SER B 89 4.33 30.32 -27.30
N PHE B 90 3.47 31.08 -26.66
CA PHE B 90 2.17 30.63 -26.19
C PHE B 90 1.10 30.76 -27.26
N ARG B 91 0.58 29.59 -27.68
CA ARG B 91 -0.37 29.54 -28.74
C ARG B 91 -1.59 28.73 -28.37
N ILE B 92 -2.67 29.16 -29.00
CA ILE B 92 -4.04 28.71 -28.92
C ILE B 92 -4.57 28.41 -30.32
N LEU B 93 -4.87 27.15 -30.57
CA LEU B 93 -5.26 26.72 -31.90
C LEU B 93 -6.70 26.24 -31.90
N ARG B 94 -7.35 26.28 -33.06
CA ARG B 94 -8.68 25.65 -33.15
C ARG B 94 -8.56 24.59 -34.25
N VAL B 95 -8.55 23.34 -33.85
CA VAL B 95 -8.31 22.25 -34.77
C VAL B 95 -9.59 21.55 -35.19
N GLN B 96 -9.83 21.47 -36.50
CA GLN B 96 -11.07 20.80 -36.92
C GLN B 96 -10.66 19.60 -37.77
N VAL B 97 -11.29 18.48 -37.52
CA VAL B 97 -10.87 17.22 -38.15
C VAL B 97 -12.10 16.43 -38.55
N ASN B 98 -12.22 16.03 -39.80
CA ASN B 98 -13.29 15.12 -40.20
C ASN B 98 -12.82 14.11 -41.23
N HIS B 99 -13.47 12.95 -41.29
CA HIS B 99 -13.01 11.87 -42.17
C HIS B 99 -13.83 11.78 -43.46
N GLU B 100 -14.79 10.67 -42.64
CA GLU B 100 -15.69 10.08 -43.62
C GLU B 100 -16.93 10.95 -43.84
N LYS B 101 -15.46 10.65 -46.06
CA LYS B 101 -15.72 11.52 -47.18
C LYS B 101 -14.53 12.22 -47.81
N ASN B 102 -14.90 14.96 -47.07
CA ASN B 102 -13.75 14.43 -47.80
C ASN B 102 -12.45 15.05 -47.31
N GLN B 103 -11.38 14.29 -47.33
CA GLN B 103 -10.02 14.59 -46.92
C GLN B 103 -9.67 15.93 -46.31
N ASN B 104 -8.43 15.67 -44.47
CA ASN B 104 -8.79 17.01 -44.01
C ASN B 104 -8.53 17.11 -42.50
N VAL B 105 -7.99 18.22 -42.06
CA VAL B 105 -7.69 18.64 -40.73
C VAL B 105 -7.42 20.17 -40.86
N HIS B 106 -8.25 21.03 -40.32
CA HIS B 106 -7.99 22.45 -40.53
C HIS B 106 -7.52 23.11 -39.22
N MET B 107 -6.48 23.94 -39.31
CA MET B 107 -6.05 24.63 -38.09
C MET B 107 -5.87 26.14 -38.24
N GLU B 108 -6.30 26.86 -37.22
CA GLU B 108 -6.06 28.31 -37.18
C GLU B 108 -5.50 28.58 -35.79
N SER B 109 -4.55 29.47 -35.62
CA SER B 109 -4.05 29.70 -34.26
C SER B 109 -3.59 31.13 -34.05
N GLU B 110 -3.35 31.50 -32.79
CA GLU B 110 -2.89 32.87 -32.54
C GLU B 110 -1.76 32.85 -31.52
N VAL B 111 -0.69 33.59 -31.74
CA VAL B 111 0.34 33.71 -30.70
C VAL B 111 -0.15 34.81 -29.75
N TYR B 112 0.03 34.67 -28.44
CA TYR B 112 -0.35 35.67 -27.45
C TYR B 112 0.90 35.98 -26.64
N ASP B 113 1.22 37.24 -26.36
CA ASP B 113 2.46 37.43 -25.61
C ASP B 113 2.26 37.09 -24.13
N THR B 114 3.35 36.72 -23.50
CA THR B 114 3.42 36.48 -22.09
C THR B 114 4.69 37.12 -21.53
N PRO B 115 4.58 38.29 -20.94
CA PRO B 115 5.72 38.99 -20.39
C PRO B 115 6.45 38.36 -19.24
N GLU B 116 7.59 38.95 -18.89
CA GLU B 116 8.40 38.50 -17.77
C GLU B 116 7.65 38.41 -16.46
N ASN B 117 6.79 39.35 -16.12
CA ASN B 117 5.99 39.34 -14.91
C ASN B 117 5.02 38.17 -14.85
N ILE B 118 4.61 37.62 -15.98
CA ILE B 118 3.68 36.52 -16.01
C ILE B 118 4.40 35.18 -15.80
N VAL B 119 5.49 34.95 -16.53
CA VAL B 119 6.19 33.67 -16.52
C VAL B 119 6.91 33.43 -15.20
N HIS B 120 7.25 34.57 -14.59
CA HIS B 120 7.93 34.60 -13.31
C HIS B 120 7.06 35.03 -12.17
N GLY B 121 5.76 35.22 -12.34
CA GLY B 121 4.96 35.69 -11.21
C GLY B 121 4.30 34.60 -10.39
N SER B 122 3.08 34.93 -9.89
CA SER B 122 2.35 33.91 -9.12
C SER B 122 1.68 32.98 -10.12
N GLY B 123 1.40 31.76 -9.69
CA GLY B 123 0.73 30.79 -10.54
C GLY B 123 -0.66 31.26 -10.97
N SER B 124 -1.33 31.99 -10.10
CA SER B 124 -2.61 32.62 -10.31
C SER B 124 -2.56 33.61 -11.48
N GLN B 125 -1.60 34.51 -11.31
CA GLN B 125 -1.35 35.51 -12.37
C GLN B 125 -1.10 34.80 -13.69
N LEU B 126 -0.51 33.60 -13.70
CA LEU B 126 -0.16 32.95 -14.96
C LEU B 126 -1.42 32.37 -15.57
N PHE B 127 -2.19 31.67 -14.74
CA PHE B 127 -3.38 31.00 -15.22
C PHE B 127 -4.49 32.02 -15.48
N ASP B 128 -4.50 33.12 -14.73
CA ASP B 128 -5.46 34.19 -15.04
C ASP B 128 -5.15 34.68 -16.46
N HIS B 129 -3.84 34.86 -16.67
CA HIS B 129 -3.30 35.20 -17.98
C HIS B 129 -3.72 34.24 -19.06
N VAL B 130 -3.55 32.95 -18.83
CA VAL B 130 -4.00 31.94 -19.79
C VAL B 130 -5.49 31.99 -20.06
N ALA B 131 -6.33 32.17 -19.04
CA ALA B 131 -7.78 32.09 -19.24
C ALA B 131 -8.25 33.35 -19.97
N GLU B 132 -7.46 34.42 -19.80
CA GLU B 132 -7.80 35.66 -20.51
C GLU B 132 -7.44 35.56 -21.98
N CYS B 133 -6.39 34.85 -22.38
CA CYS B 133 -6.11 34.68 -23.81
C CYS B 133 -7.07 33.66 -24.41
N LEU B 134 -7.50 32.69 -23.58
CA LEU B 134 -8.45 31.71 -24.11
C LEU B 134 -9.77 32.41 -24.39
N GLY B 135 -10.12 33.36 -23.51
CA GLY B 135 -11.44 34.01 -23.59
C GLY B 135 -11.46 34.84 -24.87
N ASP B 136 -10.41 35.63 -25.01
CA ASP B 136 -10.24 36.42 -26.23
C ASP B 136 -10.29 35.57 -27.48
N PHE B 137 -9.58 34.45 -27.46
CA PHE B 137 -9.51 33.54 -28.59
C PHE B 137 -10.89 33.14 -29.07
N MET B 138 -11.72 32.57 -28.19
CA MET B 138 -13.03 32.04 -28.54
C MET B 138 -14.02 33.17 -28.88
N GLU B 139 -13.82 34.26 -28.15
CA GLU B 139 -14.55 35.50 -28.32
C GLU B 139 -14.51 35.97 -29.77
N LYS B 140 -13.30 36.19 -30.30
CA LYS B 140 -13.15 36.68 -31.65
C LYS B 140 -13.59 35.71 -32.74
N ARG B 141 -13.71 34.43 -32.42
CA ARG B 141 -14.17 33.46 -33.40
C ARG B 141 -15.64 33.12 -33.13
N LYS B 142 -16.14 33.60 -32.01
CA LYS B 142 -17.49 33.30 -31.57
C LYS B 142 -17.76 31.82 -31.32
N ILE B 143 -16.94 31.17 -30.48
CA ILE B 143 -17.13 29.76 -30.18
C ILE B 143 -17.31 29.46 -28.70
N LYS B 144 -17.44 30.49 -27.90
CA LYS B 144 -17.72 30.44 -26.48
C LYS B 144 -18.80 29.44 -26.11
N ASP B 145 -19.84 29.33 -26.92
CA ASP B 145 -20.98 28.48 -26.57
C ASP B 145 -20.98 27.20 -27.38
N LYS B 146 -20.07 27.11 -28.34
CA LYS B 146 -19.94 25.93 -29.17
C LYS B 146 -19.37 24.78 -28.36
N LYS B 147 -19.14 25.05 -27.08
CA LYS B 147 -18.60 24.20 -26.09
C LYS B 147 -17.66 23.09 -26.57
N LEU B 148 -16.45 23.52 -26.97
CA LEU B 148 -15.43 22.61 -27.47
C LEU B 148 -14.45 22.13 -26.42
N PRO B 149 -14.20 20.81 -26.42
CA PRO B 149 -13.30 20.17 -25.46
C PRO B 149 -11.94 20.87 -25.64
N VAL B 150 -11.24 21.06 -24.52
CA VAL B 150 -9.95 21.73 -24.60
C VAL B 150 -8.79 20.78 -24.37
N GLY B 151 -7.72 20.93 -25.14
CA GLY B 151 -6.52 20.12 -24.99
C GLY B 151 -5.39 21.05 -24.58
N PHE B 152 -4.60 20.68 -23.59
CA PHE B 152 -3.58 21.54 -23.03
C PHE B 152 -2.17 20.96 -23.22
N THR B 153 -1.41 21.49 -24.16
CA THR B 153 0.01 21.12 -24.25
C THR B 153 0.82 21.94 -23.27
N PHE B 154 1.20 21.40 -22.13
CA PHE B 154 1.91 22.17 -21.08
C PHE B 154 3.29 21.54 -21.00
N SER B 155 4.35 22.11 -21.54
CA SER B 155 5.60 21.37 -21.68
C SER B 155 6.54 21.34 -20.50
N PHE B 156 6.12 20.64 -19.45
CA PHE B 156 6.83 20.55 -18.18
C PHE B 156 6.52 19.17 -17.62
N PRO B 157 7.44 18.63 -16.82
CA PRO B 157 7.21 17.29 -16.25
C PRO B 157 6.06 17.38 -15.26
N CYS B 158 5.06 16.56 -15.39
CA CYS B 158 3.85 16.48 -14.57
C CYS B 158 3.61 15.00 -14.24
N GLN B 159 3.12 14.73 -13.04
CA GLN B 159 2.81 13.36 -12.64
C GLN B 159 1.33 13.16 -12.91
N GLN B 160 0.90 12.27 -13.78
CA GLN B 160 -0.44 12.04 -14.19
C GLN B 160 -0.88 10.60 -13.87
N SER B 161 -2.10 10.47 -13.36
CA SER B 161 -2.60 9.11 -13.14
C SER B 161 -3.71 8.88 -14.14
N LYS B 162 -3.96 9.94 -14.90
CA LYS B 162 -4.98 9.86 -15.95
C LYS B 162 -4.79 11.03 -16.91
N ILE B 163 -5.39 10.99 -18.09
CA ILE B 163 -5.18 11.96 -19.12
C ILE B 163 -5.62 13.38 -18.79
N ASP B 164 -6.49 13.55 -17.79
CA ASP B 164 -7.01 14.88 -17.46
C ASP B 164 -6.61 15.37 -16.09
N GLU B 165 -5.46 14.85 -15.65
CA GLU B 165 -4.83 15.48 -14.46
C GLU B 165 -3.40 15.80 -14.89
N ALA B 166 -2.85 16.90 -14.39
CA ALA B 166 -1.44 17.15 -14.66
C ALA B 166 -0.83 17.78 -13.43
N ILE B 167 -0.15 17.00 -12.59
CA ILE B 167 0.45 17.60 -11.39
C ILE B 167 1.87 18.05 -11.66
N LEU B 168 2.12 19.34 -11.53
CA LEU B 168 3.44 19.86 -11.81
C LEU B 168 4.50 19.36 -10.84
N ILE B 169 5.46 18.60 -11.41
CA ILE B 169 6.61 18.21 -10.63
C ILE B 169 7.61 19.34 -10.46
N THR B 170 8.11 20.00 -11.51
CA THR B 170 9.11 21.07 -11.32
C THR B 170 9.16 22.00 -12.53
N TRP B 171 9.29 23.32 -12.31
CA TRP B 171 9.47 24.19 -13.47
C TRP B 171 10.79 23.80 -14.15
N THR B 172 10.83 24.18 -15.46
CA THR B 172 12.10 24.11 -16.18
C THR B 172 12.16 25.28 -17.15
N LYS B 173 13.25 25.43 -17.89
CA LYS B 173 13.42 26.50 -18.83
C LYS B 173 13.25 27.87 -18.22
N ARG B 174 12.30 28.59 -18.83
CA ARG B 174 12.05 30.00 -18.48
C ARG B 174 10.95 30.27 -17.45
N PHE B 175 9.99 29.40 -17.25
CA PHE B 175 8.87 29.67 -16.34
C PHE B 175 9.27 29.45 -14.88
N LYS B 176 8.77 30.26 -13.96
CA LYS B 176 8.98 30.03 -12.54
C LYS B 176 7.89 30.66 -11.66
N ALA B 177 6.66 30.15 -11.76
CA ALA B 177 5.54 30.73 -11.05
C ALA B 177 5.20 30.01 -9.76
N SER B 178 4.98 30.82 -8.71
CA SER B 178 4.66 30.34 -7.37
C SER B 178 3.27 29.72 -7.31
N GLY B 179 3.09 28.75 -6.43
CA GLY B 179 1.80 28.12 -6.21
C GLY B 179 1.42 27.06 -7.20
N VAL B 180 2.35 26.67 -8.06
CA VAL B 180 1.97 25.72 -9.13
C VAL B 180 2.62 24.38 -8.87
N GLU B 181 3.92 24.39 -8.55
CA GLU B 181 4.62 23.17 -8.22
C GLU B 181 3.93 22.41 -7.10
N GLY B 182 3.57 21.17 -7.40
CA GLY B 182 2.90 20.31 -6.43
C GLY B 182 1.40 20.27 -6.68
N ALA B 183 0.88 21.16 -7.52
CA ALA B 183 -0.56 21.28 -7.75
C ALA B 183 -0.92 20.74 -9.15
N ASP B 184 -2.20 20.46 -9.33
CA ASP B 184 -2.71 19.95 -10.58
C ASP B 184 -3.04 21.19 -11.43
N VAL B 185 -2.35 21.48 -12.52
CA VAL B 185 -2.57 22.77 -13.17
C VAL B 185 -3.85 22.88 -13.97
N VAL B 186 -4.56 21.80 -14.23
CA VAL B 186 -5.91 21.83 -14.75
C VAL B 186 -6.95 22.29 -13.74
N LYS B 187 -6.70 22.07 -12.45
CA LYS B 187 -7.59 22.62 -11.43
C LYS B 187 -7.18 24.10 -11.29
N LEU B 188 -5.91 24.36 -11.50
CA LEU B 188 -5.48 25.75 -11.35
C LEU B 188 -6.09 26.55 -12.52
N LEU B 189 -6.24 25.91 -13.68
CA LEU B 189 -6.72 26.52 -14.89
C LEU B 189 -8.22 26.75 -14.76
N ASN B 190 -8.96 25.65 -14.56
CA ASN B 190 -10.37 25.75 -14.14
C ASN B 190 -10.59 26.85 -13.10
N LYS B 191 -9.73 26.95 -12.11
CA LYS B 191 -9.97 27.93 -11.05
C LYS B 191 -9.97 29.30 -11.73
N ALA B 192 -8.97 29.46 -12.63
CA ALA B 192 -8.79 30.75 -13.28
C ALA B 192 -9.96 31.11 -14.18
N ILE B 193 -10.43 30.12 -14.92
CA ILE B 193 -11.53 30.31 -15.86
C ILE B 193 -12.79 30.59 -15.03
N LYS B 194 -12.98 29.77 -14.00
CA LYS B 194 -14.15 29.93 -13.12
C LYS B 194 -14.10 31.39 -12.64
N LYS B 195 -12.91 31.82 -12.24
CA LYS B 195 -12.78 33.16 -11.71
C LYS B 195 -13.24 34.22 -12.69
N ARG B 196 -13.07 33.99 -13.99
CA ARG B 196 -13.63 34.96 -14.95
C ARG B 196 -14.86 34.28 -15.52
N GLY B 197 -16.04 34.78 -15.18
CA GLY B 197 -17.27 34.14 -15.59
C GLY B 197 -17.46 34.09 -17.08
N ASP B 198 -16.56 34.67 -17.86
CA ASP B 198 -16.81 34.83 -19.29
C ASP B 198 -17.39 33.67 -20.03
N TYR B 199 -16.87 32.47 -19.85
CA TYR B 199 -17.22 31.29 -20.63
C TYR B 199 -16.97 30.03 -19.78
N ASP B 200 -17.30 28.85 -20.30
CA ASP B 200 -16.77 27.66 -19.72
C ASP B 200 -15.97 26.89 -20.77
N ALA B 201 -14.99 26.18 -20.21
CA ALA B 201 -14.07 25.37 -21.01
C ALA B 201 -13.99 23.97 -20.44
N ASN B 202 -14.27 22.98 -21.27
CA ASN B 202 -14.09 21.58 -20.88
C ASN B 202 -12.65 21.14 -21.19
N ILE B 203 -11.75 21.34 -20.22
CA ILE B 203 -10.39 20.86 -20.30
C ILE B 203 -10.29 19.35 -20.21
N VAL B 204 -10.17 18.52 -21.22
CA VAL B 204 -10.16 17.09 -21.09
C VAL B 204 -8.84 16.38 -21.20
N ALA B 205 -7.69 17.00 -21.45
CA ALA B 205 -6.45 16.26 -21.64
C ALA B 205 -5.28 17.19 -21.38
N VAL B 206 -4.21 16.69 -20.81
CA VAL B 206 -2.96 17.42 -20.75
C VAL B 206 -1.92 16.52 -21.44
N VAL B 207 -1.02 17.15 -22.19
CA VAL B 207 0.01 16.37 -22.95
C VAL B 207 1.30 17.14 -22.93
N ASN B 208 2.46 16.52 -22.89
CA ASN B 208 3.75 17.17 -23.05
C ASN B 208 3.95 17.51 -24.55
N ASP B 209 4.87 18.42 -24.86
CA ASP B 209 5.13 18.79 -26.24
C ASP B 209 5.74 17.65 -27.02
N THR B 210 6.47 16.75 -26.41
CA THR B 210 6.98 15.58 -27.12
C THR B 210 5.90 14.65 -27.63
N VAL B 211 4.92 14.33 -26.80
CA VAL B 211 3.80 13.46 -27.20
C VAL B 211 2.90 13.99 -28.32
N GLY B 212 2.53 15.26 -28.26
CA GLY B 212 1.79 15.94 -29.33
C GLY B 212 2.59 15.97 -30.65
N THR B 213 3.90 16.27 -30.53
CA THR B 213 4.77 16.16 -31.67
C THR B 213 4.67 14.78 -32.31
N MET B 214 4.82 13.76 -31.45
CA MET B 214 4.78 12.39 -31.95
C MET B 214 3.39 12.18 -32.54
N MET B 215 2.36 12.73 -31.88
CA MET B 215 0.99 12.44 -32.36
C MET B 215 0.76 13.14 -33.68
N THR B 216 1.35 14.33 -33.85
CA THR B 216 1.22 15.08 -35.08
C THR B 216 1.90 14.30 -36.20
N CYS B 217 3.17 13.97 -35.95
CA CYS B 217 3.89 13.20 -36.96
C CYS B 217 3.23 11.86 -37.19
N GLY B 218 2.53 11.29 -36.22
CA GLY B 218 2.01 9.91 -36.32
C GLY B 218 0.69 9.85 -37.06
N TYR B 219 0.05 11.01 -37.18
CA TYR B 219 -1.17 11.13 -37.97
C TYR B 219 -0.82 10.81 -39.42
N ASP B 220 0.42 11.14 -39.81
CA ASP B 220 0.83 10.95 -41.19
C ASP B 220 1.75 9.75 -41.40
N ASP B 221 2.42 9.30 -40.34
CA ASP B 221 3.38 8.21 -40.52
C ASP B 221 3.19 7.14 -39.43
N GLN B 222 2.58 6.03 -39.87
CA GLN B 222 2.28 4.95 -39.00
C GLN B 222 3.47 4.31 -38.32
N HIS B 223 4.73 4.62 -38.62
CA HIS B 223 5.76 4.03 -37.78
C HIS B 223 6.37 5.10 -36.88
N CYS B 224 5.66 6.21 -36.70
CA CYS B 224 6.21 7.17 -35.76
C CYS B 224 6.07 6.64 -34.31
N GLU B 225 7.12 6.46 -33.56
CA GLU B 225 6.97 5.95 -32.20
C GLU B 225 7.77 6.81 -31.18
N VAL B 226 8.40 7.86 -31.71
CA VAL B 226 9.19 8.76 -30.91
C VAL B 226 8.75 10.20 -31.20
N GLY B 227 8.79 11.08 -30.20
CA GLY B 227 8.53 12.50 -30.37
C GLY B 227 9.72 13.20 -29.71
N LEU B 228 10.33 14.19 -30.37
CA LEU B 228 11.63 14.67 -29.90
C LEU B 228 11.58 16.19 -29.96
N ILE B 229 11.98 16.89 -28.90
CA ILE B 229 11.95 18.35 -29.00
C ILE B 229 13.40 18.83 -28.79
N ILE B 230 13.91 19.64 -29.73
CA ILE B 230 15.21 20.26 -29.61
C ILE B 230 15.06 21.76 -29.90
N GLY B 231 14.52 22.47 -28.92
CA GLY B 231 14.13 23.88 -29.00
C GLY B 231 14.56 24.68 -27.80
N THR B 232 13.68 25.40 -27.14
CA THR B 232 14.01 26.08 -25.88
C THR B 232 14.50 25.08 -24.84
N GLY B 233 13.81 23.99 -24.66
CA GLY B 233 14.28 22.91 -23.79
C GLY B 233 14.54 21.69 -24.66
N THR B 234 14.92 20.56 -24.07
CA THR B 234 15.04 19.32 -24.85
C THR B 234 14.28 18.20 -24.21
N ASN B 235 13.63 17.32 -24.92
CA ASN B 235 13.08 16.12 -24.28
C ASN B 235 12.75 15.11 -25.38
N ALA B 236 12.29 13.91 -25.04
CA ALA B 236 11.81 12.94 -25.97
C ALA B 236 10.77 12.04 -25.32
N CYS B 237 9.87 11.47 -26.12
CA CYS B 237 8.90 10.50 -25.55
C CYS B 237 8.87 9.29 -26.47
N TYR B 238 8.45 8.10 -26.08
CA TYR B 238 8.54 6.93 -26.94
C TYR B 238 7.50 5.91 -26.53
N MET B 239 7.04 5.07 -27.44
CA MET B 239 6.06 4.06 -27.12
C MET B 239 6.71 2.92 -26.36
N GLU B 240 6.34 2.69 -25.10
CA GLU B 240 6.91 1.61 -24.31
C GLU B 240 5.89 0.51 -24.00
N GLU B 241 6.36 -0.72 -23.80
CA GLU B 241 5.44 -1.80 -23.44
C GLU B 241 4.80 -1.62 -22.07
N LEU B 242 3.47 -1.81 -21.98
CA LEU B 242 2.84 -1.72 -20.66
C LEU B 242 3.53 -2.64 -19.66
N ARG B 243 3.92 -3.85 -20.02
CA ARG B 243 4.53 -4.75 -19.05
C ARG B 243 5.93 -4.35 -18.59
N HIS B 244 6.47 -3.25 -19.10
CA HIS B 244 7.73 -2.74 -18.57
C HIS B 244 7.43 -1.48 -17.75
N ILE B 245 6.21 -0.99 -17.72
CA ILE B 245 6.07 0.30 -16.98
C ILE B 245 5.54 -0.04 -15.58
N ASP B 246 6.41 -0.29 -14.58
CA ASP B 246 5.95 -0.79 -13.30
C ASP B 246 4.90 0.15 -12.67
N LEU B 247 5.04 1.47 -12.87
CA LEU B 247 4.13 2.34 -12.15
C LEU B 247 2.73 2.35 -12.71
N VAL B 248 2.39 1.58 -13.73
CA VAL B 248 0.99 1.56 -14.22
C VAL B 248 0.50 0.10 -14.18
N GLU B 249 -0.75 -0.11 -13.74
CA GLU B 249 -1.31 -1.42 -13.73
C GLU B 249 -1.84 -1.83 -15.08
N GLY B 250 -1.17 -2.85 -15.62
CA GLY B 250 -1.63 -3.49 -16.84
C GLY B 250 -0.37 -4.07 -17.51
N ASP B 251 -0.59 -4.89 -18.50
CA ASP B 251 0.53 -5.49 -19.22
C ASP B 251 0.14 -5.69 -20.69
N GLU B 252 -0.96 -5.07 -21.08
CA GLU B 252 -1.41 -5.32 -22.47
C GLU B 252 -0.99 -4.13 -23.32
N GLY B 253 -0.46 -4.35 -24.51
CA GLY B 253 -0.12 -3.21 -25.35
C GLY B 253 0.97 -2.28 -24.80
N ARG B 254 0.88 -1.03 -25.27
CA ARG B 254 1.89 -0.02 -25.07
C ARG B 254 1.35 1.30 -24.55
N MET B 255 2.20 2.15 -23.99
CA MET B 255 1.81 3.47 -23.61
C MET B 255 3.07 4.33 -23.90
N CYS B 256 2.80 5.58 -24.22
CA CYS B 256 3.84 6.54 -24.47
C CYS B 256 4.45 6.95 -23.13
N ILE B 257 5.76 7.13 -23.10
CA ILE B 257 6.42 7.58 -21.90
C ILE B 257 7.10 8.92 -22.14
N ASN B 258 7.00 9.87 -21.23
CA ASN B 258 7.75 11.12 -21.39
C ASN B 258 9.06 10.93 -20.67
N THR B 259 10.21 10.75 -21.35
CA THR B 259 11.42 10.45 -20.55
C THR B 259 11.77 11.57 -19.57
N GLU B 260 11.63 12.82 -20.00
CA GLU B 260 12.19 13.93 -19.23
C GLU B 260 13.71 13.79 -19.11
N TRP B 261 14.33 13.52 -20.25
CA TRP B 261 15.75 13.31 -20.33
C TRP B 261 16.51 14.55 -19.96
N GLY B 262 15.88 15.72 -19.93
CA GLY B 262 16.62 16.95 -19.66
C GLY B 262 17.32 16.79 -18.31
N ALA B 263 16.67 16.01 -17.45
CA ALA B 263 17.16 15.87 -16.09
C ALA B 263 18.34 14.93 -15.96
N PHE B 264 18.69 14.20 -16.99
CA PHE B 264 19.83 13.27 -16.99
C PHE B 264 21.11 13.91 -16.46
N GLY B 265 21.78 13.37 -15.43
CA GLY B 265 22.91 13.97 -14.76
C GLY B 265 22.63 14.83 -13.55
N ASP B 266 21.36 15.00 -13.20
CA ASP B 266 21.03 15.84 -12.05
C ASP B 266 21.52 15.26 -10.73
N ASP B 267 21.88 13.99 -10.67
CA ASP B 267 22.42 13.34 -9.49
C ASP B 267 23.94 13.28 -9.56
N GLY B 268 24.51 13.95 -10.56
CA GLY B 268 25.94 14.04 -10.65
C GLY B 268 26.52 12.99 -11.57
N SER B 269 25.74 12.19 -12.26
CA SER B 269 26.34 11.18 -13.14
C SER B 269 26.99 11.65 -14.43
N LEU B 270 26.96 12.91 -14.84
CA LEU B 270 27.63 13.34 -16.05
C LEU B 270 28.80 14.28 -15.71
N GLU B 271 29.20 14.27 -14.44
CA GLU B 271 30.20 15.21 -13.95
C GLU B 271 31.48 15.13 -14.75
N ASP B 272 31.74 13.99 -15.41
CA ASP B 272 32.98 13.84 -16.19
C ASP B 272 32.83 14.48 -17.57
N ILE B 273 31.58 14.79 -17.96
CA ILE B 273 31.32 15.38 -19.27
C ILE B 273 31.17 16.89 -19.11
N ARG B 274 30.47 17.35 -18.08
CA ARG B 274 30.18 18.79 -17.95
C ARG B 274 31.44 19.62 -17.73
N THR B 275 31.63 20.77 -18.38
CA THR B 275 32.84 21.55 -18.19
C THR B 275 32.56 22.71 -17.22
N GLU B 276 33.56 23.51 -16.93
CA GLU B 276 33.54 24.72 -16.17
C GLU B 276 32.58 25.71 -16.82
N PHE B 277 32.45 25.73 -18.14
CA PHE B 277 31.44 26.65 -18.73
C PHE B 277 30.04 26.18 -18.36
N ASP B 278 29.87 24.85 -18.30
CA ASP B 278 28.54 24.35 -17.91
C ASP B 278 28.24 24.64 -16.45
N ARG B 279 29.26 24.51 -15.56
CA ARG B 279 29.02 24.81 -14.15
C ARG B 279 28.73 26.31 -13.99
N GLU B 280 29.33 27.13 -14.82
CA GLU B 280 29.12 28.56 -14.67
C GLU B 280 27.72 28.94 -15.16
N ILE B 281 27.26 28.26 -16.22
CA ILE B 281 25.92 28.60 -16.72
C ILE B 281 24.90 28.19 -15.68
N ASP B 282 25.08 26.98 -15.12
CA ASP B 282 24.13 26.52 -14.10
C ASP B 282 23.92 27.50 -12.95
N ARG B 283 24.94 28.19 -12.50
CA ARG B 283 24.90 29.10 -11.40
C ARG B 283 24.16 30.40 -11.68
N GLY B 284 24.13 30.80 -12.92
CA GLY B 284 23.37 31.97 -13.31
C GLY B 284 21.95 31.58 -13.68
N SER B 285 21.63 30.29 -13.59
CA SER B 285 20.33 29.85 -14.01
C SER B 285 19.19 29.95 -13.00
N LEU B 286 17.98 29.81 -13.55
CA LEU B 286 16.76 30.06 -12.78
C LEU B 286 16.37 28.75 -12.11
N ASN B 287 17.18 27.72 -12.15
CA ASN B 287 16.93 26.39 -11.64
C ASN B 287 18.25 25.67 -11.36
N PRO B 288 19.14 26.22 -10.58
CA PRO B 288 20.51 25.73 -10.46
C PRO B 288 20.56 24.32 -9.92
N GLY B 289 21.48 23.48 -10.43
CA GLY B 289 21.41 22.08 -10.10
C GLY B 289 20.52 21.21 -10.96
N LYS B 290 19.51 21.74 -11.68
CA LYS B 290 18.55 20.90 -12.35
C LYS B 290 18.63 20.96 -13.87
N GLN B 291 18.14 19.94 -14.56
CA GLN B 291 18.13 19.92 -16.01
C GLN B 291 19.52 20.06 -16.60
N LEU B 292 20.52 19.39 -16.07
CA LEU B 292 21.88 19.58 -16.53
C LEU B 292 22.14 19.04 -17.90
N PHE B 293 21.48 17.98 -18.40
CA PHE B 293 21.81 17.53 -19.77
C PHE B 293 21.31 18.58 -20.77
N GLU B 294 20.16 19.15 -20.47
CA GLU B 294 19.42 20.15 -21.20
C GLU B 294 20.24 21.42 -21.36
N LYS B 295 21.00 21.74 -20.36
CA LYS B 295 21.88 22.88 -20.34
C LYS B 295 23.08 22.70 -21.22
N MET B 296 23.35 21.47 -21.69
CA MET B 296 24.47 21.35 -22.63
C MET B 296 23.96 21.25 -24.04
N VAL B 297 22.64 21.12 -24.26
CA VAL B 297 22.02 20.83 -25.51
C VAL B 297 21.14 21.94 -26.08
N SER B 298 20.18 22.46 -25.35
CA SER B 298 19.07 23.24 -25.86
C SER B 298 19.25 24.69 -26.17
N GLY B 299 18.34 25.25 -26.99
CA GLY B 299 18.55 26.57 -27.55
C GLY B 299 18.72 27.69 -26.60
N MET B 300 18.06 27.58 -25.45
CA MET B 300 18.07 28.60 -24.40
C MET B 300 19.44 28.76 -23.75
N TYR B 301 20.28 27.74 -23.94
CA TYR B 301 21.60 27.75 -23.36
C TYR B 301 22.75 27.92 -24.30
N LEU B 302 22.71 27.41 -25.56
CA LEU B 302 23.96 27.34 -26.33
C LEU B 302 24.64 28.66 -26.54
N GLY B 303 23.86 29.71 -26.85
CA GLY B 303 24.35 31.05 -27.09
C GLY B 303 25.18 31.59 -25.96
N GLU B 304 24.79 31.45 -24.73
CA GLU B 304 25.35 31.86 -23.45
C GLU B 304 26.56 31.02 -23.09
N LEU B 305 26.52 29.76 -23.49
CA LEU B 305 27.68 28.89 -23.41
C LEU B 305 28.79 29.49 -24.26
N VAL B 306 28.54 29.82 -25.55
CA VAL B 306 29.67 30.35 -26.36
C VAL B 306 30.11 31.69 -25.82
N ARG B 307 29.18 32.46 -25.28
CA ARG B 307 29.47 33.80 -24.77
C ARG B 307 30.46 33.60 -23.61
N LEU B 308 30.16 32.64 -22.73
CA LEU B 308 31.02 32.42 -21.59
C LEU B 308 32.43 32.04 -21.99
N ILE B 309 32.57 31.25 -23.05
CA ILE B 309 33.86 30.89 -23.58
C ILE B 309 34.56 32.07 -24.22
N LEU B 310 33.81 32.98 -24.86
CA LEU B 310 34.44 34.14 -25.54
C LEU B 310 35.01 35.11 -24.50
N VAL B 311 34.31 35.32 -23.39
CA VAL B 311 34.78 36.18 -22.31
C VAL B 311 36.07 35.61 -21.75
N LYS B 312 36.13 34.30 -21.53
CA LYS B 312 37.34 33.67 -21.03
C LYS B 312 38.53 33.77 -21.97
N MET B 313 38.30 33.49 -23.26
CA MET B 313 39.39 33.58 -24.24
C MET B 313 39.83 35.04 -24.35
N ALA B 314 38.82 35.94 -24.23
CA ALA B 314 39.06 37.37 -24.29
C ALA B 314 39.94 37.79 -23.11
N LYS B 315 39.58 37.40 -21.90
CA LYS B 315 40.36 37.70 -20.71
C LYS B 315 41.78 37.14 -20.82
N GLU B 316 41.99 36.06 -21.54
CA GLU B 316 43.35 35.52 -21.64
C GLU B 316 44.08 36.01 -22.88
N GLY B 317 43.59 37.07 -23.52
CA GLY B 317 44.16 37.58 -24.75
C GLY B 317 44.13 36.65 -25.96
N LEU B 318 43.20 35.70 -26.04
CA LEU B 318 43.17 34.83 -27.21
C LEU B 318 42.15 35.29 -28.26
N LEU B 319 41.40 36.35 -27.93
CA LEU B 319 40.46 36.90 -28.89
C LEU B 319 40.52 38.44 -28.80
N PHE B 320 40.22 39.09 -29.92
CA PHE B 320 40.05 40.55 -29.91
C PHE B 320 41.28 41.23 -29.29
N GLU B 321 42.40 40.58 -29.45
CA GLU B 321 43.66 40.97 -28.83
C GLU B 321 43.41 41.49 -27.43
N GLY B 322 42.54 40.79 -26.72
CA GLY B 322 42.17 40.94 -25.36
C GLY B 322 41.24 42.06 -24.97
N ARG B 323 40.43 42.60 -25.89
CA ARG B 323 39.53 43.66 -25.49
C ARG B 323 38.15 43.16 -25.07
N ILE B 324 37.83 43.49 -23.83
CA ILE B 324 36.52 43.23 -23.24
C ILE B 324 35.65 44.47 -23.30
N THR B 325 34.38 44.28 -23.62
CA THR B 325 33.48 45.43 -23.49
C THR B 325 32.38 44.94 -22.53
N PRO B 326 31.66 45.88 -21.97
CA PRO B 326 30.56 45.60 -21.08
C PRO B 326 29.56 44.67 -21.75
N GLU B 327 29.32 44.94 -23.03
CA GLU B 327 28.30 44.21 -23.76
C GLU B 327 28.68 42.73 -23.74
N LEU B 328 29.91 42.48 -24.12
CA LEU B 328 30.48 41.14 -24.20
C LEU B 328 30.20 40.40 -22.90
N LEU B 329 30.42 41.11 -21.79
CA LEU B 329 30.27 40.56 -20.46
C LEU B 329 28.82 40.44 -20.03
N THR B 330 27.86 40.75 -20.91
CA THR B 330 26.49 40.80 -20.38
C THR B 330 25.63 39.59 -20.61
N ARG B 331 25.00 39.08 -19.54
CA ARG B 331 24.21 37.86 -19.69
C ARG B 331 23.22 37.99 -20.84
N GLY B 332 23.15 36.98 -21.72
CA GLY B 332 22.08 36.95 -22.71
C GLY B 332 22.45 37.76 -23.97
N LYS B 333 23.58 38.42 -24.06
CA LYS B 333 23.96 39.24 -25.15
C LYS B 333 24.41 38.50 -26.41
N PHE B 334 24.55 37.18 -26.31
CA PHE B 334 24.82 36.31 -27.45
C PHE B 334 23.79 35.19 -27.50
N ASN B 335 22.89 35.19 -28.43
CA ASN B 335 21.83 34.26 -28.67
C ASN B 335 22.16 33.00 -29.44
N THR B 336 21.38 31.93 -29.32
CA THR B 336 21.51 30.77 -30.19
C THR B 336 21.28 31.10 -31.66
N SER B 337 20.51 32.14 -31.92
CA SER B 337 20.25 32.61 -33.28
C SER B 337 21.47 33.28 -33.87
N ASP B 338 22.42 33.73 -33.06
CA ASP B 338 23.69 34.25 -33.51
C ASP B 338 24.63 33.06 -33.77
N VAL B 339 24.49 31.97 -33.02
CA VAL B 339 25.34 30.78 -33.22
C VAL B 339 24.97 30.09 -34.55
N SER B 340 23.66 30.09 -34.81
CA SER B 340 23.18 29.63 -36.11
C SER B 340 23.65 30.50 -37.26
N ALA B 341 23.38 31.80 -37.13
CA ALA B 341 23.80 32.70 -38.23
C ALA B 341 25.31 32.48 -38.47
N ILE B 342 26.09 32.37 -37.41
CA ILE B 342 27.53 32.32 -37.58
C ILE B 342 27.96 31.06 -38.31
N GLU B 343 27.15 30.01 -38.27
CA GLU B 343 27.59 28.75 -38.87
C GLU B 343 27.08 28.53 -40.28
N LYS B 344 26.51 29.58 -40.88
CA LYS B 344 25.98 29.42 -42.25
C LYS B 344 27.14 29.31 -43.22
N ASN B 345 27.00 28.54 -44.27
CA ASN B 345 28.12 28.29 -45.17
C ASN B 345 28.71 29.47 -45.88
N LYS B 346 27.90 30.25 -46.58
CA LYS B 346 28.54 31.34 -47.35
C LYS B 346 28.62 32.58 -46.48
N GLU B 347 27.61 32.83 -45.66
CA GLU B 347 27.55 34.13 -44.97
C GLU B 347 28.07 34.13 -43.56
N GLY B 348 28.41 32.96 -43.00
CA GLY B 348 28.75 32.83 -41.59
C GLY B 348 29.77 33.81 -41.03
N LEU B 349 30.85 33.97 -41.76
CA LEU B 349 31.90 34.89 -41.40
C LEU B 349 31.45 36.33 -41.55
N HIS B 350 30.63 36.61 -42.54
CA HIS B 350 30.11 37.99 -42.62
C HIS B 350 29.19 38.28 -41.43
N ASN B 351 28.39 37.29 -41.04
CA ASN B 351 27.50 37.43 -39.90
C ASN B 351 28.31 37.56 -38.62
N ALA B 352 29.35 36.75 -38.40
CA ALA B 352 30.17 36.95 -37.22
C ALA B 352 30.77 38.32 -37.04
N LYS B 353 31.24 38.97 -38.09
CA LYS B 353 31.87 40.29 -38.01
C LYS B 353 30.84 41.33 -37.57
N GLU B 354 29.67 41.36 -38.22
CA GLU B 354 28.59 42.29 -37.88
C GLU B 354 28.17 42.21 -36.44
N ILE B 355 28.02 40.98 -35.96
CA ILE B 355 27.55 40.77 -34.61
C ILE B 355 28.59 41.06 -33.54
N LEU B 356 29.83 40.70 -33.83
CA LEU B 356 30.90 40.90 -32.82
C LEU B 356 31.21 42.41 -32.80
N THR B 357 31.11 42.98 -34.01
CA THR B 357 31.26 44.43 -34.20
C THR B 357 30.21 45.21 -33.39
N ARG B 358 29.00 44.72 -33.42
CA ARG B 358 27.93 45.20 -32.59
C ARG B 358 28.20 44.94 -31.12
N LEU B 359 29.05 43.98 -30.77
CA LEU B 359 29.30 43.79 -29.34
C LEU B 359 30.45 44.68 -28.87
N GLY B 360 31.11 45.41 -29.76
CA GLY B 360 32.13 46.37 -29.51
C GLY B 360 33.57 45.93 -29.54
N VAL B 361 33.86 44.64 -29.82
CA VAL B 361 35.27 44.26 -29.74
C VAL B 361 36.10 44.52 -30.98
N GLU B 362 35.60 45.30 -31.92
CA GLU B 362 36.46 45.62 -33.09
C GLU B 362 37.16 44.32 -33.51
N PRO B 363 36.36 43.41 -34.06
CA PRO B 363 36.83 42.09 -34.42
C PRO B 363 37.74 42.06 -35.63
N SER B 364 38.70 41.12 -35.69
CA SER B 364 39.43 40.89 -36.93
C SER B 364 38.85 39.69 -37.67
N ASP B 365 39.37 39.48 -38.88
CA ASP B 365 38.99 38.33 -39.67
C ASP B 365 39.35 37.03 -38.98
N ASP B 366 40.51 36.89 -38.35
CA ASP B 366 40.84 35.74 -37.52
C ASP B 366 39.83 35.57 -36.37
N ASP B 367 39.55 36.63 -35.62
CA ASP B 367 38.53 36.50 -34.57
C ASP B 367 37.22 35.91 -35.12
N CYS B 368 36.81 36.33 -36.30
CA CYS B 368 35.58 35.78 -36.86
C CYS B 368 35.76 34.29 -37.10
N VAL B 369 36.93 33.85 -37.60
CA VAL B 369 37.03 32.40 -37.80
C VAL B 369 37.16 31.68 -36.49
N SER B 370 37.65 32.35 -35.45
CA SER B 370 37.75 31.74 -34.14
C SER B 370 36.37 31.60 -33.48
N VAL B 371 35.54 32.64 -33.56
CA VAL B 371 34.20 32.61 -33.00
C VAL B 371 33.30 31.60 -33.73
N GLN B 372 33.53 31.38 -35.02
CA GLN B 372 32.84 30.33 -35.74
C GLN B 372 33.15 28.95 -35.22
N HIS B 373 34.42 28.70 -34.87
CA HIS B 373 34.97 27.43 -34.50
C HIS B 373 34.37 27.10 -33.15
N VAL B 374 34.28 28.08 -32.29
CA VAL B 374 33.68 27.87 -30.97
C VAL B 374 32.17 27.54 -31.06
N CYS B 375 31.45 28.33 -31.83
CA CYS B 375 30.06 28.05 -32.15
C CYS B 375 29.97 26.63 -32.69
N THR B 376 30.88 26.26 -33.57
CA THR B 376 30.84 24.92 -34.16
C THR B 376 30.95 23.85 -33.08
N ILE B 377 31.86 24.00 -32.13
CA ILE B 377 32.06 22.89 -31.17
C ILE B 377 30.92 22.91 -30.17
N VAL B 378 30.37 24.07 -29.79
CA VAL B 378 29.25 23.94 -28.85
C VAL B 378 28.06 23.23 -29.48
N SER B 379 27.65 23.59 -30.70
CA SER B 379 26.41 23.04 -31.26
C SER B 379 26.53 21.62 -31.72
N PHE B 380 27.74 21.19 -32.10
CA PHE B 380 28.03 19.79 -32.46
C PHE B 380 28.08 18.98 -31.16
N ARG B 381 28.56 19.61 -30.07
CA ARG B 381 28.50 18.83 -28.82
C ARG B 381 27.01 18.60 -28.51
N SER B 382 26.18 19.62 -28.66
CA SER B 382 24.74 19.42 -28.49
C SER B 382 24.26 18.31 -29.42
N ALA B 383 24.58 18.40 -30.72
CA ALA B 383 24.08 17.42 -31.67
C ALA B 383 24.48 16.03 -31.23
N ASN B 384 25.71 15.79 -30.82
CA ASN B 384 26.19 14.45 -30.48
C ASN B 384 25.51 13.85 -29.25
N LEU B 385 25.34 14.67 -28.23
CA LEU B 385 24.69 14.26 -26.99
C LEU B 385 23.27 13.77 -27.25
N VAL B 386 22.45 14.43 -28.08
CA VAL B 386 21.12 13.93 -28.26
C VAL B 386 21.08 12.71 -29.19
N ALA B 387 22.13 12.55 -29.98
CA ALA B 387 22.28 11.34 -30.78
C ALA B 387 22.47 10.17 -29.81
N ALA B 388 23.28 10.39 -28.76
CA ALA B 388 23.51 9.33 -27.78
C ALA B 388 22.29 8.96 -26.96
N THR B 389 21.51 9.94 -26.43
CA THR B 389 20.33 9.56 -25.66
C THR B 389 19.22 9.12 -26.58
N LEU B 390 19.08 9.68 -27.78
CA LEU B 390 18.10 9.17 -28.75
C LEU B 390 18.43 7.73 -29.14
N GLY B 391 19.70 7.32 -29.28
CA GLY B 391 20.02 5.95 -29.67
C GLY B 391 19.79 4.90 -28.60
N ALA B 392 19.93 5.30 -27.32
CA ALA B 392 19.52 4.44 -26.24
C ALA B 392 18.02 4.12 -26.45
N ILE B 393 17.21 5.16 -26.66
CA ILE B 393 15.78 4.93 -26.93
C ILE B 393 15.56 3.96 -28.08
N LEU B 394 16.21 4.06 -29.22
CA LEU B 394 16.10 3.15 -30.35
C LEU B 394 16.61 1.75 -30.05
N ASN B 395 17.69 1.66 -29.24
CA ASN B 395 18.11 0.33 -28.81
C ASN B 395 17.05 -0.29 -27.91
N ARG B 396 16.35 0.44 -27.07
CA ARG B 396 15.24 -0.08 -26.29
C ARG B 396 14.05 -0.45 -27.16
N LEU B 397 13.71 0.42 -28.14
CA LEU B 397 12.59 0.06 -29.05
C LEU B 397 12.86 -1.24 -29.79
N ARG B 398 14.07 -1.39 -30.35
CA ARG B 398 14.49 -2.55 -31.08
C ARG B 398 14.54 -3.79 -30.17
N ASP B 399 14.99 -3.60 -28.92
CA ASP B 399 15.02 -4.75 -28.03
C ASP B 399 13.64 -5.25 -27.68
N ASN B 400 12.70 -4.39 -27.33
CA ASN B 400 11.31 -4.72 -27.12
C ASN B 400 10.70 -5.46 -28.29
N LYS B 401 11.00 -5.08 -29.51
CA LYS B 401 10.42 -5.61 -30.72
C LYS B 401 10.88 -7.02 -31.08
N GLY B 402 12.09 -7.43 -30.77
CA GLY B 402 12.55 -8.79 -31.02
C GLY B 402 13.21 -9.04 -32.35
N THR B 403 13.55 -7.99 -33.04
CA THR B 403 14.01 -7.92 -34.42
C THR B 403 15.44 -7.51 -34.61
N PRO B 404 16.13 -8.10 -35.56
CA PRO B 404 17.49 -7.74 -35.94
C PRO B 404 17.69 -6.27 -36.29
N ARG B 405 16.81 -5.68 -37.09
CA ARG B 405 16.96 -4.27 -37.50
C ARG B 405 15.71 -3.53 -37.01
N LEU B 406 15.76 -2.21 -36.84
CA LEU B 406 14.52 -1.54 -36.45
C LEU B 406 14.26 -0.37 -37.38
N ARG B 407 13.09 -0.25 -38.01
CA ARG B 407 12.80 0.96 -38.79
C ARG B 407 11.78 1.84 -38.07
N THR B 408 12.08 3.06 -37.68
CA THR B 408 11.17 3.86 -36.90
C THR B 408 11.25 5.31 -37.36
N THR B 409 10.14 6.02 -37.18
CA THR B 409 10.11 7.42 -37.56
C THR B 409 10.09 8.26 -36.30
N VAL B 410 10.92 9.28 -36.16
CA VAL B 410 10.89 10.20 -35.04
C VAL B 410 10.29 11.53 -35.52
N GLY B 411 9.19 11.95 -34.89
CA GLY B 411 8.62 13.27 -35.15
C GLY B 411 9.51 14.26 -34.40
N VAL B 412 9.95 15.35 -35.02
CA VAL B 412 10.80 16.35 -34.36
C VAL B 412 10.19 17.76 -34.47
N ASP B 413 10.56 18.62 -33.52
CA ASP B 413 10.24 20.03 -33.51
C ASP B 413 11.18 20.82 -32.61
N GLY B 414 11.18 22.15 -32.68
CA GLY B 414 12.08 22.95 -31.85
C GLY B 414 12.78 24.00 -32.71
N SER B 415 13.02 25.20 -32.17
CA SER B 415 13.61 26.25 -33.01
C SER B 415 15.06 26.11 -33.40
N LEU B 416 15.86 25.53 -32.51
CA LEU B 416 17.27 25.31 -32.81
C LEU B 416 17.29 24.25 -33.91
N TYR B 417 16.60 23.14 -33.74
CA TYR B 417 16.54 22.10 -34.74
C TYR B 417 16.15 22.66 -36.12
N LYS B 418 15.10 23.47 -36.18
CA LYS B 418 14.57 24.02 -37.41
C LYS B 418 15.49 25.05 -38.05
N THR B 419 16.16 25.91 -37.30
CA THR B 419 16.85 27.03 -37.91
C THR B 419 18.38 26.82 -37.98
N HIS B 420 19.03 25.93 -37.25
CA HIS B 420 20.48 25.79 -37.35
C HIS B 420 20.81 25.15 -38.72
N PRO B 421 21.80 25.67 -39.41
CA PRO B 421 22.19 25.23 -40.74
C PRO B 421 23.16 24.05 -40.75
N GLN B 422 23.59 23.57 -39.59
CA GLN B 422 24.37 22.33 -39.65
C GLN B 422 23.81 21.24 -38.76
N TYR B 423 23.07 21.60 -37.72
CA TYR B 423 22.76 20.73 -36.59
C TYR B 423 22.13 19.38 -36.91
N SER B 424 20.99 19.45 -37.61
CA SER B 424 20.25 18.28 -37.96
C SER B 424 21.11 17.27 -38.69
N ARG B 425 21.80 17.71 -39.75
CA ARG B 425 22.70 16.85 -40.51
C ARG B 425 23.76 16.21 -39.60
N ARG B 426 24.43 16.98 -38.76
CA ARG B 426 25.41 16.42 -37.84
C ARG B 426 24.82 15.40 -36.90
N PHE B 427 23.67 15.78 -36.35
CA PHE B 427 22.89 14.90 -35.46
C PHE B 427 22.61 13.60 -36.16
N HIS B 428 21.98 13.61 -37.33
CA HIS B 428 21.62 12.42 -38.08
C HIS B 428 22.81 11.52 -38.34
N LYS B 429 23.96 12.09 -38.73
CA LYS B 429 25.12 11.27 -39.03
C LYS B 429 25.62 10.53 -37.81
N THR B 430 25.77 11.26 -36.69
CA THR B 430 26.26 10.59 -35.46
C THR B 430 25.35 9.41 -35.10
N LEU B 431 24.04 9.69 -35.18
CA LEU B 431 23.02 8.70 -34.81
C LEU B 431 23.31 7.43 -35.60
N ARG B 432 23.38 7.55 -36.93
CA ARG B 432 23.58 6.33 -37.72
C ARG B 432 24.89 5.66 -37.33
N ARG B 433 26.00 6.32 -37.04
CA ARG B 433 27.18 5.67 -36.55
C ARG B 433 26.91 4.96 -35.23
N LEU B 434 26.17 5.55 -34.30
CA LEU B 434 26.06 4.96 -32.95
C LEU B 434 25.13 3.77 -32.93
N VAL B 435 24.16 3.79 -33.86
CA VAL B 435 23.12 2.79 -33.95
C VAL B 435 22.89 2.28 -35.38
N PRO B 436 23.80 1.45 -35.90
CA PRO B 436 23.73 0.86 -37.21
C PRO B 436 22.63 -0.15 -37.45
N ASP B 437 22.06 -0.73 -36.41
CA ASP B 437 20.98 -1.70 -36.61
C ASP B 437 19.60 -1.11 -36.68
N SER B 438 19.55 0.21 -36.56
CA SER B 438 18.27 0.92 -36.61
C SER B 438 18.22 1.87 -37.80
N ASP B 439 17.18 1.85 -38.58
CA ASP B 439 16.96 2.85 -39.63
C ASP B 439 15.90 3.86 -39.20
N VAL B 440 16.24 5.10 -39.05
CA VAL B 440 15.39 6.17 -38.64
C VAL B 440 15.07 7.18 -39.76
N ARG B 441 13.81 7.49 -39.91
CA ARG B 441 13.34 8.60 -40.73
C ARG B 441 13.02 9.78 -39.82
N PHE B 442 13.54 10.98 -40.03
CA PHE B 442 13.09 12.12 -39.23
C PHE B 442 12.02 12.88 -40.04
N LEU B 443 10.89 13.12 -39.34
CA LEU B 443 9.78 13.87 -39.92
C LEU B 443 9.72 15.16 -39.10
N LEU B 444 9.76 16.30 -39.71
CA LEU B 444 9.83 17.60 -39.07
C LEU B 444 8.45 18.16 -38.84
N SER B 445 8.07 18.49 -37.61
CA SER B 445 6.69 18.94 -37.45
C SER B 445 6.57 20.34 -38.01
N GLU B 446 6.19 20.49 -39.27
CA GLU B 446 5.98 21.79 -39.88
C GLU B 446 5.09 22.71 -39.06
N SER B 447 3.94 22.26 -38.56
CA SER B 447 3.05 23.17 -37.86
C SER B 447 2.88 22.89 -36.38
N GLY B 448 3.91 22.37 -35.74
CA GLY B 448 3.92 22.18 -34.31
C GLY B 448 2.89 21.16 -33.88
N SER B 449 2.65 21.16 -32.57
CA SER B 449 2.02 20.05 -31.91
C SER B 449 0.51 20.11 -31.84
N GLY B 450 -0.18 21.04 -32.53
CA GLY B 450 -1.61 21.16 -32.21
C GLY B 450 -2.46 20.02 -32.73
N LYS B 451 -2.10 19.54 -33.89
CA LYS B 451 -2.80 18.47 -34.58
C LYS B 451 -2.86 17.26 -33.62
N GLY B 452 -1.66 17.00 -33.11
CA GLY B 452 -1.51 15.87 -32.23
C GLY B 452 -2.32 16.08 -30.96
N ALA B 453 -2.14 17.22 -30.33
CA ALA B 453 -2.77 17.34 -29.01
C ALA B 453 -4.26 17.15 -29.25
N ALA B 454 -4.72 17.76 -30.35
CA ALA B 454 -6.12 17.63 -30.76
C ALA B 454 -6.51 16.15 -30.91
N MET B 455 -5.60 15.33 -31.44
CA MET B 455 -5.92 13.93 -31.64
C MET B 455 -6.07 13.19 -30.32
N VAL B 456 -5.33 13.61 -29.30
CA VAL B 456 -5.36 12.94 -27.99
C VAL B 456 -6.61 13.46 -27.26
N THR B 457 -6.91 14.75 -27.46
CA THR B 457 -8.12 15.34 -26.93
C THR B 457 -9.35 14.62 -27.47
N ALA B 458 -9.33 14.13 -28.70
CA ALA B 458 -10.50 13.45 -29.26
C ALA B 458 -10.70 12.11 -28.54
N VAL B 459 -9.61 11.38 -28.29
CA VAL B 459 -9.75 10.08 -27.62
C VAL B 459 -10.15 10.27 -26.17
N ALA B 460 -9.52 11.19 -25.47
CA ALA B 460 -9.84 11.47 -24.08
C ALA B 460 -11.34 11.79 -23.99
N TYR B 461 -11.81 12.57 -24.93
CA TYR B 461 -13.19 13.00 -24.99
C TYR B 461 -14.17 11.84 -25.17
N ARG B 462 -13.95 10.95 -26.13
CA ARG B 462 -14.80 9.79 -26.25
C ARG B 462 -14.81 8.93 -24.99
N LEU B 463 -13.73 8.91 -24.24
CA LEU B 463 -13.59 8.12 -23.03
C LEU B 463 -14.28 8.74 -21.81
N ALA B 464 -14.14 10.07 -21.70
CA ALA B 464 -14.83 10.77 -20.62
C ALA B 464 -16.35 10.64 -20.79
N GLU B 465 -16.91 10.49 -21.97
CA GLU B 465 -18.31 10.33 -22.24
C GLU B 465 -18.79 8.96 -21.75
N GLN B 466 -17.99 7.95 -22.08
CA GLN B 466 -18.24 6.60 -21.60
C GLN B 466 -18.13 6.56 -20.08
N HIS B 467 -17.21 7.31 -19.49
CA HIS B 467 -17.15 7.38 -18.04
C HIS B 467 -18.40 8.12 -17.54
N ARG B 468 -18.76 9.20 -18.23
CA ARG B 468 -19.93 9.96 -17.80
C ARG B 468 -21.12 9.00 -17.69
N GLN B 469 -21.27 8.10 -18.64
CA GLN B 469 -22.42 7.20 -18.67
C GLN B 469 -22.37 6.06 -17.65
N ILE B 470 -21.20 5.51 -17.34
CA ILE B 470 -21.11 4.44 -16.35
C ILE B 470 -21.45 5.01 -14.97
N GLU B 471 -21.03 6.22 -14.69
CA GLU B 471 -21.30 6.90 -13.44
C GLU B 471 -22.75 7.23 -13.22
N GLU B 472 -23.48 7.60 -14.27
CA GLU B 472 -24.90 7.86 -14.15
C GLU B 472 -25.65 6.55 -13.85
N THR B 473 -25.34 5.46 -14.54
CA THR B 473 -25.93 4.17 -14.25
C THR B 473 -25.59 3.80 -12.80
N LEU B 474 -24.33 3.94 -12.37
CA LEU B 474 -23.97 3.49 -11.03
C LEU B 474 -24.52 4.32 -9.88
N ALA B 475 -24.75 5.60 -10.13
CA ALA B 475 -25.28 6.47 -9.09
C ALA B 475 -26.71 6.12 -8.70
N HIS B 476 -27.45 5.34 -9.45
CA HIS B 476 -28.75 4.86 -9.03
C HIS B 476 -28.68 3.88 -7.86
N PHE B 477 -27.51 3.37 -7.55
CA PHE B 477 -27.31 2.46 -6.45
C PHE B 477 -26.83 3.20 -5.20
N HIS B 478 -26.64 4.52 -5.31
CA HIS B 478 -26.03 5.23 -4.18
C HIS B 478 -27.05 5.67 -3.16
N LEU B 479 -26.87 5.33 -1.90
CA LEU B 479 -27.84 5.78 -0.90
C LEU B 479 -27.20 6.76 0.07
N THR B 480 -27.84 7.90 0.39
CA THR B 480 -27.34 8.74 1.46
C THR B 480 -27.92 8.40 2.84
N LYS B 481 -27.22 8.94 3.83
CA LYS B 481 -27.72 8.95 5.16
C LYS B 481 -29.23 9.20 5.13
N ASP B 482 -29.64 10.35 4.63
CA ASP B 482 -31.05 10.65 4.57
C ASP B 482 -31.82 9.56 3.86
N MET B 483 -31.27 8.91 2.85
CA MET B 483 -32.00 7.87 2.13
C MET B 483 -32.18 6.67 3.08
N LEU B 484 -31.14 6.37 3.84
CA LEU B 484 -31.02 5.19 4.63
C LEU B 484 -31.89 5.38 5.86
N LEU B 485 -32.10 6.66 6.22
CA LEU B 485 -32.96 6.89 7.40
C LEU B 485 -34.42 6.72 7.03
N GLU B 486 -34.76 6.80 5.76
CA GLU B 486 -36.12 6.64 5.26
C GLU B 486 -36.46 5.17 5.09
N VAL B 487 -35.47 4.33 4.79
CA VAL B 487 -35.62 2.89 4.71
C VAL B 487 -35.80 2.36 6.13
N LYS B 488 -35.04 2.84 7.09
CA LYS B 488 -35.18 2.40 8.47
C LYS B 488 -36.57 2.70 9.04
N LYS B 489 -36.99 3.94 8.76
CA LYS B 489 -38.31 4.43 9.11
C LYS B 489 -39.37 3.62 8.38
N ARG B 490 -39.20 3.31 7.09
CA ARG B 490 -40.24 2.44 6.51
C ARG B 490 -40.24 1.09 7.17
N MET B 491 -39.08 0.51 7.47
CA MET B 491 -39.00 -0.82 8.08
C MET B 491 -39.80 -0.83 9.40
N ARG B 492 -39.61 0.16 10.26
CA ARG B 492 -40.33 0.34 11.46
C ARG B 492 -41.84 0.44 11.25
N ALA B 493 -42.24 1.07 10.12
CA ALA B 493 -43.72 1.20 9.97
C ALA B 493 -44.29 -0.15 9.55
N GLU B 494 -43.49 -0.98 8.91
CA GLU B 494 -43.83 -2.31 8.44
C GLU B 494 -43.82 -3.42 9.50
N MET B 495 -42.90 -3.45 10.43
CA MET B 495 -42.90 -4.38 11.55
C MET B 495 -44.20 -4.14 12.36
N GLU B 496 -44.53 -2.87 12.56
CA GLU B 496 -45.71 -2.50 13.27
C GLU B 496 -46.98 -2.87 12.56
N LEU B 497 -47.07 -2.91 11.22
CA LEU B 497 -48.29 -3.48 10.64
C LEU B 497 -48.37 -4.99 10.66
N GLY B 498 -47.20 -5.69 10.65
CA GLY B 498 -47.25 -7.14 10.69
C GLY B 498 -47.62 -7.68 12.07
N LEU B 499 -47.21 -6.99 13.12
CA LEU B 499 -47.53 -7.32 14.46
C LEU B 499 -49.02 -7.15 14.85
N ARG B 500 -49.71 -6.11 14.39
CA ARG B 500 -51.01 -5.72 14.86
C ARG B 500 -52.08 -6.58 14.18
N LYS B 501 -53.08 -6.91 14.92
CA LYS B 501 -54.16 -7.81 14.49
C LYS B 501 -54.92 -7.29 13.30
N GLN B 502 -55.19 -5.98 13.25
CA GLN B 502 -56.06 -5.41 12.25
C GLN B 502 -55.37 -5.42 10.88
N THR B 503 -54.10 -5.05 10.89
CA THR B 503 -53.33 -4.91 9.67
C THR B 503 -52.57 -6.14 9.22
N HIS B 504 -52.57 -7.24 9.98
CA HIS B 504 -51.58 -8.28 9.71
C HIS B 504 -51.73 -9.00 8.39
N ASN B 505 -52.95 -9.43 8.04
CA ASN B 505 -53.17 -10.14 6.78
C ASN B 505 -52.70 -9.32 5.60
N ASN B 506 -52.77 -8.01 5.62
CA ASN B 506 -52.37 -7.27 4.42
C ASN B 506 -50.88 -6.92 4.49
N ALA B 507 -50.29 -6.96 5.68
CA ALA B 507 -48.89 -6.69 5.85
C ALA B 507 -47.97 -7.60 5.05
N VAL B 508 -46.83 -7.04 4.60
CA VAL B 508 -45.87 -7.75 3.79
C VAL B 508 -44.75 -8.39 4.61
N VAL B 509 -44.45 -7.85 5.78
CA VAL B 509 -43.48 -8.36 6.74
C VAL B 509 -44.26 -8.98 7.88
N LYS B 510 -44.40 -10.30 7.84
CA LYS B 510 -45.28 -11.00 8.75
C LYS B 510 -44.95 -11.09 10.19
N MET B 511 -43.80 -10.66 10.72
CA MET B 511 -43.66 -10.67 12.19
C MET B 511 -44.20 -11.95 12.77
N LEU B 512 -43.71 -13.12 12.40
CA LEU B 512 -44.19 -14.41 12.80
C LEU B 512 -43.70 -14.90 14.15
N PRO B 513 -44.64 -15.43 14.92
CA PRO B 513 -44.34 -15.94 16.27
C PRO B 513 -43.61 -17.26 16.13
N SER B 514 -42.53 -17.48 16.84
CA SER B 514 -41.81 -18.77 16.71
C SER B 514 -42.12 -19.69 17.88
N PHE B 515 -42.90 -19.20 18.85
CA PHE B 515 -43.11 -19.90 20.12
C PHE B 515 -41.89 -20.16 20.97
N VAL B 516 -40.77 -19.45 20.81
CA VAL B 516 -39.65 -19.59 21.73
C VAL B 516 -39.78 -18.34 22.58
N ARG B 517 -39.93 -18.51 23.87
CA ARG B 517 -40.28 -17.50 24.83
C ARG B 517 -39.11 -17.04 25.67
N ARG B 518 -37.96 -17.66 25.57
CA ARG B 518 -36.81 -17.06 26.26
C ARG B 518 -35.54 -17.57 25.58
N THR B 519 -34.49 -16.88 25.86
CA THR B 519 -33.13 -17.32 25.55
C THR B 519 -32.78 -18.43 26.54
N PRO B 520 -31.70 -19.13 26.32
CA PRO B 520 -31.36 -20.33 27.08
C PRO B 520 -31.11 -19.96 28.55
N ASP B 521 -31.70 -20.75 29.44
CA ASP B 521 -31.64 -20.54 30.84
C ASP B 521 -30.74 -21.49 31.62
N GLY B 522 -29.88 -22.28 31.00
CA GLY B 522 -28.94 -23.12 31.72
C GLY B 522 -29.50 -24.42 32.26
N THR B 523 -30.76 -24.75 32.07
CA THR B 523 -31.33 -25.99 32.53
C THR B 523 -31.36 -27.08 31.48
N GLU B 524 -31.23 -26.66 30.22
CA GLU B 524 -31.35 -27.56 29.06
C GLU B 524 -30.43 -28.76 29.13
N ASN B 525 -30.98 -29.94 28.87
CA ASN B 525 -30.17 -31.15 29.06
C ASN B 525 -30.72 -32.30 28.25
N GLY B 526 -29.89 -33.06 27.52
CA GLY B 526 -30.44 -34.20 26.77
C GLY B 526 -29.66 -34.43 25.50
N ASP B 527 -30.13 -35.35 24.68
CA ASP B 527 -29.48 -35.71 23.43
C ASP B 527 -30.52 -35.52 22.34
N PHE B 528 -30.29 -34.57 21.43
CA PHE B 528 -31.33 -34.28 20.43
C PHE B 528 -30.77 -34.47 19.03
N LEU B 529 -31.70 -34.79 18.15
CA LEU B 529 -31.46 -34.81 16.71
C LEU B 529 -31.83 -33.41 16.20
N ALA B 530 -31.18 -32.99 15.11
CA ALA B 530 -31.62 -31.73 14.47
C ALA B 530 -31.50 -31.91 12.94
N LEU B 531 -32.29 -31.09 12.23
CA LEU B 531 -32.22 -30.95 10.79
C LEU B 531 -31.89 -29.47 10.49
N ASP B 532 -31.11 -29.22 9.46
CA ASP B 532 -30.76 -27.89 8.98
C ASP B 532 -31.07 -27.80 7.48
N LEU B 533 -32.19 -27.28 7.08
CA LEU B 533 -32.64 -27.24 5.71
C LEU B 533 -33.02 -25.85 5.22
N GLY B 534 -32.45 -25.42 4.11
CA GLY B 534 -32.82 -24.14 3.53
C GLY B 534 -31.65 -23.22 3.28
N GLY B 535 -30.48 -23.50 3.86
CA GLY B 535 -29.27 -22.70 3.57
C GLY B 535 -28.49 -23.41 2.46
N THR B 536 -27.16 -23.20 2.42
CA THR B 536 -26.32 -23.78 1.38
C THR B 536 -26.09 -25.29 1.52
N ASN B 537 -26.08 -25.84 2.74
CA ASN B 537 -25.99 -27.31 2.78
C ASN B 537 -27.12 -27.82 3.65
N PHE B 538 -27.73 -28.95 3.30
CA PHE B 538 -28.61 -29.66 4.21
C PHE B 538 -27.77 -30.49 5.18
N ARG B 539 -28.05 -30.47 6.48
CA ARG B 539 -27.40 -31.36 7.43
C ARG B 539 -28.37 -32.08 8.34
N VAL B 540 -27.94 -33.21 8.90
CA VAL B 540 -28.54 -33.98 9.98
C VAL B 540 -27.52 -33.92 11.13
N LEU B 541 -27.89 -33.62 12.35
CA LEU B 541 -27.02 -33.30 13.44
C LEU B 541 -27.54 -34.10 14.66
N LEU B 542 -26.58 -34.30 15.56
CA LEU B 542 -26.83 -34.91 16.86
C LEU B 542 -26.14 -34.01 17.88
N VAL B 543 -26.87 -33.38 18.78
CA VAL B 543 -26.25 -32.49 19.77
C VAL B 543 -26.52 -33.00 21.19
N LYS B 544 -25.48 -33.13 21.99
CA LYS B 544 -25.56 -33.59 23.36
C LYS B 544 -25.28 -32.43 24.29
N ILE B 545 -26.32 -32.14 25.08
CA ILE B 545 -26.12 -30.94 25.94
C ILE B 545 -26.15 -31.42 27.38
N ARG B 546 -25.27 -30.95 28.22
CA ARG B 546 -25.24 -31.31 29.64
C ARG B 546 -25.12 -30.01 30.42
N SER B 547 -26.13 -29.73 31.23
CA SER B 547 -26.16 -28.55 32.09
C SER B 547 -25.36 -28.88 33.35
N GLY B 548 -25.29 -27.90 34.24
CA GLY B 548 -24.73 -28.00 35.55
C GLY B 548 -23.33 -27.41 35.70
N LYS B 549 -22.66 -27.98 36.70
CA LYS B 549 -21.27 -27.67 37.00
C LYS B 549 -20.46 -27.57 35.72
N LYS B 550 -20.03 -28.74 35.23
CA LYS B 550 -19.32 -28.73 33.95
C LYS B 550 -20.39 -28.73 32.85
N ARG B 551 -20.52 -27.56 32.25
CA ARG B 551 -21.53 -27.43 31.19
C ARG B 551 -20.88 -27.90 29.89
N THR B 552 -21.57 -28.71 29.11
CA THR B 552 -20.96 -29.21 27.89
C THR B 552 -21.92 -29.22 26.72
N VAL B 553 -21.41 -28.90 25.53
CA VAL B 553 -22.21 -29.14 24.33
C VAL B 553 -21.35 -29.94 23.35
N GLU B 554 -21.93 -31.04 22.89
CA GLU B 554 -21.21 -31.95 22.00
C GLU B 554 -21.98 -32.09 20.70
N MET B 555 -21.42 -31.66 19.58
CA MET B 555 -22.14 -31.71 18.31
C MET B 555 -21.52 -32.67 17.33
N HIS B 556 -22.32 -33.15 16.37
CA HIS B 556 -21.72 -33.98 15.30
C HIS B 556 -22.60 -33.74 14.08
N ASN B 557 -22.05 -33.81 12.87
CA ASN B 557 -22.94 -33.68 11.72
C ASN B 557 -22.41 -34.29 10.43
N LYS B 558 -23.33 -34.43 9.47
CA LYS B 558 -23.10 -35.04 8.22
C LYS B 558 -23.78 -34.18 7.13
N ILE B 559 -23.05 -33.86 6.03
CA ILE B 559 -23.71 -33.13 4.96
C ILE B 559 -24.31 -34.16 4.00
N TYR B 560 -25.50 -33.85 3.50
CA TYR B 560 -26.17 -34.66 2.49
C TYR B 560 -26.61 -33.72 1.36
N ALA B 561 -26.25 -34.05 0.10
CA ALA B 561 -26.78 -33.30 -1.02
C ALA B 561 -28.24 -33.68 -1.30
N ILE B 562 -28.94 -32.77 -1.93
CA ILE B 562 -30.30 -32.91 -2.41
C ILE B 562 -30.35 -32.45 -3.88
N PRO B 563 -30.37 -33.35 -4.84
CA PRO B 563 -30.46 -32.97 -6.25
C PRO B 563 -31.45 -31.83 -6.51
N ILE B 564 -31.19 -30.92 -7.45
CA ILE B 564 -32.14 -29.85 -7.78
C ILE B 564 -33.48 -30.44 -8.24
N GLU B 565 -33.46 -31.60 -8.87
CA GLU B 565 -34.62 -32.39 -9.17
C GLU B 565 -35.52 -32.50 -7.93
N ILE B 566 -34.93 -32.83 -6.79
CA ILE B 566 -35.73 -33.08 -5.59
C ILE B 566 -36.19 -31.78 -4.98
N MET B 567 -35.36 -30.78 -5.02
CA MET B 567 -35.60 -29.51 -4.35
C MET B 567 -36.81 -28.83 -5.06
N GLN B 568 -36.93 -29.25 -6.33
CA GLN B 568 -37.99 -28.72 -7.15
C GLN B 568 -38.85 -29.87 -7.67
N GLY B 569 -38.87 -30.96 -6.94
CA GLY B 569 -39.76 -32.06 -7.25
C GLY B 569 -41.04 -31.90 -6.44
N THR B 570 -41.52 -33.06 -6.05
CA THR B 570 -42.73 -33.24 -5.24
C THR B 570 -42.44 -33.11 -3.77
N GLY B 571 -43.36 -32.46 -3.03
CA GLY B 571 -43.17 -32.37 -1.58
C GLY B 571 -42.71 -33.72 -0.99
N GLU B 572 -43.27 -34.76 -1.60
CA GLU B 572 -43.18 -36.10 -1.06
C GLU B 572 -41.91 -36.82 -1.41
N GLU B 573 -41.31 -36.51 -2.53
CA GLU B 573 -39.98 -36.91 -2.86
C GLU B 573 -39.03 -36.14 -1.93
N LEU B 574 -39.36 -34.94 -1.50
CA LEU B 574 -38.44 -34.09 -0.78
C LEU B 574 -38.27 -34.67 0.62
N PHE B 575 -39.40 -34.90 1.28
CA PHE B 575 -39.41 -35.46 2.61
C PHE B 575 -39.00 -36.91 2.73
N ASP B 576 -39.30 -37.76 1.76
CA ASP B 576 -38.72 -39.11 1.75
C ASP B 576 -37.21 -38.99 1.67
N HIS B 577 -36.72 -38.08 0.81
CA HIS B 577 -35.28 -37.87 0.69
C HIS B 577 -34.73 -37.40 2.03
N ILE B 578 -35.45 -36.52 2.72
CA ILE B 578 -35.01 -36.12 4.05
C ILE B 578 -34.89 -37.27 5.02
N VAL B 579 -35.85 -38.18 5.09
CA VAL B 579 -35.87 -39.19 6.19
C VAL B 579 -34.78 -40.22 5.99
N SER B 580 -34.67 -40.65 4.75
CA SER B 580 -33.62 -41.45 4.18
C SER B 580 -32.20 -40.96 4.47
N CYS B 581 -31.91 -39.69 4.74
CA CYS B 581 -30.55 -39.28 5.14
C CYS B 581 -30.50 -39.27 6.67
N ILE B 582 -31.71 -39.15 7.22
CA ILE B 582 -31.86 -39.21 8.69
C ILE B 582 -31.50 -40.64 9.08
N SER B 583 -32.12 -41.59 8.38
CA SER B 583 -31.85 -42.99 8.60
C SER B 583 -30.35 -43.27 8.38
N ASP B 584 -29.70 -42.70 7.39
CA ASP B 584 -28.29 -42.91 7.16
C ASP B 584 -27.43 -42.36 8.29
N PHE B 585 -27.83 -41.15 8.72
CA PHE B 585 -27.24 -40.50 9.88
C PHE B 585 -27.40 -41.20 11.21
N LEU B 586 -28.46 -41.90 11.55
CA LEU B 586 -28.67 -42.61 12.81
C LEU B 586 -27.82 -43.88 12.87
N ASP B 587 -27.54 -44.44 11.68
CA ASP B 587 -26.59 -45.50 11.54
C ASP B 587 -25.17 -44.98 11.86
N TYR B 588 -24.84 -43.83 11.30
CA TYR B 588 -23.50 -43.29 11.42
C TYR B 588 -23.19 -42.89 12.83
N MET B 589 -24.15 -42.56 13.65
CA MET B 589 -23.91 -42.15 15.03
C MET B 589 -24.14 -43.38 15.92
N GLY B 590 -24.50 -44.55 15.38
CA GLY B 590 -24.77 -45.69 16.22
C GLY B 590 -25.97 -45.52 17.14
N ILE B 591 -27.05 -44.89 16.67
CA ILE B 591 -28.27 -44.68 17.41
C ILE B 591 -29.46 -45.06 16.52
N LYS B 592 -29.33 -46.03 15.63
CA LYS B 592 -30.52 -46.52 14.92
C LYS B 592 -31.34 -47.48 15.77
N GLY B 593 -32.48 -47.04 16.27
CA GLY B 593 -33.48 -47.89 16.88
C GLY B 593 -34.29 -47.05 17.85
N PRO B 594 -33.63 -46.49 18.83
CA PRO B 594 -34.25 -45.68 19.85
C PRO B 594 -35.06 -44.53 19.28
N ARG B 595 -36.17 -44.23 19.90
CA ARG B 595 -37.03 -43.09 19.57
C ARG B 595 -36.36 -41.87 20.18
N MET B 596 -36.13 -40.82 19.43
CA MET B 596 -35.45 -39.63 19.91
C MET B 596 -36.15 -38.38 19.42
N PRO B 597 -36.02 -37.28 20.17
CA PRO B 597 -36.59 -35.99 19.85
C PRO B 597 -35.78 -35.23 18.80
N LEU B 598 -36.41 -34.46 17.92
CA LEU B 598 -35.72 -33.75 16.85
C LEU B 598 -36.17 -32.31 16.68
N GLY B 599 -35.23 -31.41 16.47
CA GLY B 599 -35.60 -30.01 16.17
C GLY B 599 -35.36 -29.80 14.66
N PHE B 600 -36.33 -29.28 13.97
CA PHE B 600 -36.33 -29.06 12.55
C PHE B 600 -36.09 -27.57 12.20
N THR B 601 -34.82 -27.22 12.02
CA THR B 601 -34.44 -25.93 11.50
C THR B 601 -34.85 -25.90 10.02
N PHE B 602 -35.93 -25.15 9.72
CA PHE B 602 -36.40 -25.11 8.30
C PHE B 602 -36.47 -23.64 7.92
N SER B 603 -35.66 -23.18 6.97
CA SER B 603 -35.56 -21.72 6.85
C SER B 603 -36.40 -21.10 5.76
N PHE B 604 -37.71 -21.25 5.92
CA PHE B 604 -38.79 -20.73 5.14
C PHE B 604 -39.89 -20.20 6.06
N PRO B 605 -40.62 -19.21 5.59
CA PRO B 605 -41.69 -18.58 6.40
C PRO B 605 -42.84 -19.54 6.72
N CYS B 606 -43.06 -19.78 7.99
CA CYS B 606 -44.02 -20.72 8.52
C CYS B 606 -45.02 -20.08 9.45
N GLN B 607 -46.29 -20.45 9.27
CA GLN B 607 -47.29 -19.86 10.23
C GLN B 607 -47.37 -20.90 11.34
N GLN B 608 -46.89 -20.58 12.52
CA GLN B 608 -46.96 -21.56 13.60
C GLN B 608 -48.10 -21.24 14.57
N THR B 609 -48.77 -22.28 15.02
CA THR B 609 -49.73 -22.20 16.11
C THR B 609 -49.12 -22.80 17.39
N SER B 610 -47.98 -23.49 17.31
CA SER B 610 -47.18 -23.91 18.46
C SER B 610 -45.72 -24.14 18.00
N LEU B 611 -44.87 -24.54 18.88
CA LEU B 611 -43.49 -24.88 18.68
C LEU B 611 -43.33 -26.05 17.73
N ASP B 612 -44.14 -27.09 17.86
CA ASP B 612 -44.06 -28.22 16.93
C ASP B 612 -45.02 -28.19 15.77
N ALA B 613 -45.44 -27.06 15.25
CA ALA B 613 -46.29 -26.99 14.09
C ALA B 613 -45.80 -25.86 13.19
N GLY B 614 -45.83 -26.00 11.88
CA GLY B 614 -45.42 -24.91 11.02
C GLY B 614 -45.97 -25.08 9.61
N ILE B 615 -46.97 -24.26 9.26
CA ILE B 615 -47.49 -24.27 7.90
C ILE B 615 -46.71 -23.42 6.93
N LEU B 616 -46.12 -24.04 5.91
CA LEU B 616 -45.36 -23.29 4.91
C LEU B 616 -46.24 -22.25 4.19
N ILE B 617 -45.88 -20.99 4.40
CA ILE B 617 -46.55 -19.86 3.78
C ILE B 617 -46.26 -19.71 2.31
N THR B 618 -45.01 -19.81 1.90
CA THR B 618 -44.62 -19.76 0.52
C THR B 618 -43.15 -20.19 0.46
N TRP B 619 -42.75 -20.71 -0.69
CA TRP B 619 -41.31 -20.98 -0.82
C TRP B 619 -40.60 -19.64 -1.10
N THR B 620 -39.29 -19.73 -0.89
CA THR B 620 -38.32 -18.67 -1.06
C THR B 620 -36.99 -19.27 -1.52
N LYS B 621 -36.07 -18.37 -1.94
CA LYS B 621 -34.75 -18.84 -2.34
C LYS B 621 -34.98 -19.85 -3.44
N GLY B 622 -34.24 -20.93 -3.50
CA GLY B 622 -34.29 -21.81 -4.69
C GLY B 622 -35.27 -22.94 -4.48
N PHE B 623 -35.93 -23.15 -3.35
CA PHE B 623 -36.75 -24.34 -3.17
C PHE B 623 -38.09 -24.20 -3.88
N LYS B 624 -38.69 -25.34 -4.23
CA LYS B 624 -39.98 -25.28 -4.88
C LYS B 624 -40.66 -26.63 -5.02
N ALA B 625 -40.61 -27.49 -4.00
CA ALA B 625 -41.28 -28.77 -4.13
C ALA B 625 -42.79 -28.56 -4.12
N THR B 626 -43.42 -29.32 -5.02
CA THR B 626 -44.88 -29.29 -5.06
C THR B 626 -45.59 -29.94 -3.92
N ASP B 627 -46.80 -29.50 -3.64
CA ASP B 627 -47.64 -29.87 -2.54
C ASP B 627 -47.00 -29.69 -1.17
N CYS B 628 -46.28 -28.61 -0.94
CA CYS B 628 -45.76 -28.30 0.37
C CYS B 628 -46.39 -27.02 0.89
N VAL B 629 -46.47 -26.00 0.01
CA VAL B 629 -47.11 -24.75 0.42
C VAL B 629 -48.52 -25.01 0.91
N GLY B 630 -48.86 -24.50 2.08
CA GLY B 630 -50.15 -24.69 2.69
C GLY B 630 -50.16 -25.84 3.67
N HIS B 631 -49.15 -26.72 3.73
CA HIS B 631 -49.19 -27.86 4.64
C HIS B 631 -48.30 -27.62 5.85
N ASP B 632 -48.46 -28.50 6.82
CA ASP B 632 -47.63 -28.42 8.03
C ASP B 632 -46.39 -29.30 7.79
N VAL B 633 -45.26 -28.61 7.71
CA VAL B 633 -44.02 -29.28 7.39
C VAL B 633 -43.70 -30.31 8.45
N VAL B 634 -44.17 -30.17 9.67
CA VAL B 634 -43.93 -31.20 10.68
C VAL B 634 -44.73 -32.46 10.33
N THR B 635 -45.96 -32.25 9.81
CA THR B 635 -46.79 -33.32 9.31
C THR B 635 -46.12 -34.02 8.17
N LEU B 636 -45.57 -33.29 7.23
CA LEU B 636 -44.99 -33.86 6.01
C LEU B 636 -43.79 -34.76 6.37
N LEU B 637 -43.08 -34.34 7.40
CA LEU B 637 -41.93 -35.05 7.90
C LEU B 637 -42.43 -36.29 8.64
N ARG B 638 -43.40 -36.08 9.53
CA ARG B 638 -43.97 -37.27 10.19
C ARG B 638 -44.63 -38.20 9.17
N ASP B 639 -45.10 -37.83 7.98
CA ASP B 639 -45.67 -38.83 7.09
C ASP B 639 -44.56 -39.61 6.38
N ALA B 640 -43.46 -38.94 6.10
CA ALA B 640 -42.30 -39.63 5.54
C ALA B 640 -41.63 -40.62 6.48
N ILE B 641 -41.53 -40.38 7.76
CA ILE B 641 -41.02 -41.32 8.76
C ILE B 641 -41.93 -42.57 8.79
N LYS B 642 -43.22 -42.34 9.03
CA LYS B 642 -44.15 -43.48 9.14
C LYS B 642 -44.02 -44.24 7.82
N ARG B 643 -44.14 -43.50 6.74
CA ARG B 643 -43.94 -44.03 5.41
C ARG B 643 -42.72 -44.96 5.26
N ARG B 644 -41.58 -44.66 5.85
CA ARG B 644 -40.38 -45.46 5.70
C ARG B 644 -40.50 -46.69 6.61
N GLU B 645 -41.15 -46.56 7.75
CA GLU B 645 -41.38 -47.65 8.66
C GLU B 645 -40.08 -48.38 8.99
N GLU B 646 -39.11 -47.62 9.50
CA GLU B 646 -37.81 -48.09 9.90
C GLU B 646 -37.45 -47.75 11.32
N PHE B 647 -37.80 -46.59 11.81
CA PHE B 647 -37.63 -46.05 13.12
C PHE B 647 -38.75 -45.02 13.42
N ASP B 648 -39.11 -44.84 14.70
CA ASP B 648 -39.99 -43.76 15.03
C ASP B 648 -39.11 -42.59 15.48
N LEU B 649 -39.65 -41.40 15.29
CA LEU B 649 -38.91 -40.22 15.73
C LEU B 649 -39.91 -39.31 16.43
N ASP B 650 -39.46 -38.39 17.27
CA ASP B 650 -40.44 -37.48 17.88
C ASP B 650 -40.18 -36.02 17.54
N VAL B 651 -40.82 -35.49 16.50
CA VAL B 651 -40.54 -34.14 16.02
C VAL B 651 -41.17 -33.12 16.96
N VAL B 652 -40.36 -32.46 17.71
CA VAL B 652 -40.79 -31.53 18.72
C VAL B 652 -40.74 -30.08 18.36
N ALA B 653 -40.17 -29.65 17.24
CA ALA B 653 -40.03 -28.20 17.09
C ALA B 653 -39.68 -27.83 15.68
N VAL B 654 -40.27 -26.81 15.08
CA VAL B 654 -39.90 -26.24 13.81
C VAL B 654 -39.41 -24.83 14.01
N VAL B 655 -38.18 -24.63 13.50
CA VAL B 655 -37.41 -23.44 13.82
C VAL B 655 -36.84 -22.82 12.55
N ASN B 656 -36.87 -21.48 12.54
CA ASN B 656 -36.24 -20.73 11.45
C ASN B 656 -34.75 -20.54 11.76
N ASP B 657 -33.92 -20.46 10.75
CA ASP B 657 -32.47 -20.32 10.96
C ASP B 657 -32.11 -19.05 11.71
N THR B 658 -32.95 -18.01 11.62
CA THR B 658 -32.63 -16.80 12.38
C THR B 658 -32.70 -17.12 13.88
N VAL B 659 -33.82 -17.78 14.20
CA VAL B 659 -34.10 -18.02 15.63
C VAL B 659 -33.07 -18.96 16.21
N GLY B 660 -32.73 -20.03 15.51
CA GLY B 660 -31.72 -20.96 15.95
C GLY B 660 -30.35 -20.31 15.98
N THR B 661 -30.02 -19.41 15.08
CA THR B 661 -28.81 -18.60 15.18
C THR B 661 -28.81 -17.73 16.42
N MET B 662 -29.91 -17.07 16.75
CA MET B 662 -29.99 -16.22 17.96
C MET B 662 -29.84 -17.11 19.20
N MET B 663 -30.51 -18.22 19.23
CA MET B 663 -30.41 -19.18 20.32
C MET B 663 -29.00 -19.73 20.56
N THR B 664 -28.29 -20.01 19.46
CA THR B 664 -26.91 -20.45 19.48
C THR B 664 -25.99 -19.46 20.18
N CYS B 665 -26.14 -18.20 19.78
CA CYS B 665 -25.23 -17.12 20.17
C CYS B 665 -25.59 -16.68 21.59
N ALA B 666 -26.87 -16.89 21.96
CA ALA B 666 -27.31 -16.59 23.31
C ALA B 666 -26.99 -17.73 24.27
N TYR B 667 -26.47 -18.88 23.83
CA TYR B 667 -26.21 -19.94 24.81
C TYR B 667 -25.14 -19.43 25.78
N GLU B 668 -24.20 -18.66 25.28
CA GLU B 668 -23.13 -18.01 26.00
C GLU B 668 -23.37 -16.50 26.27
N GLU B 669 -24.30 -15.81 25.63
CA GLU B 669 -24.31 -14.35 25.66
C GLU B 669 -25.73 -13.86 25.90
N PRO B 670 -25.97 -13.42 27.12
CA PRO B 670 -27.29 -13.10 27.57
C PRO B 670 -27.78 -11.80 26.98
N THR B 671 -26.89 -10.96 26.50
CA THR B 671 -27.35 -9.76 25.83
C THR B 671 -27.74 -10.05 24.39
N CYS B 672 -27.74 -11.31 23.93
CA CYS B 672 -28.13 -11.54 22.54
C CYS B 672 -29.62 -11.75 22.46
N GLU B 673 -30.34 -10.79 21.87
CA GLU B 673 -31.79 -10.91 21.68
C GLU B 673 -32.17 -10.73 20.22
N VAL B 674 -31.22 -10.78 19.33
CA VAL B 674 -31.46 -10.55 17.89
C VAL B 674 -30.66 -11.61 17.12
N GLY B 675 -31.26 -12.14 16.09
CA GLY B 675 -30.60 -12.94 15.08
C GLY B 675 -30.74 -12.34 13.67
N LEU B 676 -29.68 -12.56 12.88
CA LEU B 676 -29.56 -12.09 11.54
C LEU B 676 -28.97 -13.18 10.63
N ILE B 677 -29.52 -13.30 9.43
CA ILE B 677 -28.85 -14.16 8.45
C ILE B 677 -28.62 -13.35 7.19
N VAL B 678 -27.45 -13.36 6.62
CA VAL B 678 -27.16 -12.90 5.27
C VAL B 678 -26.32 -13.98 4.63
N GLY B 679 -26.97 -14.84 3.88
CA GLY B 679 -26.34 -15.97 3.18
C GLY B 679 -27.07 -16.03 1.86
N THR B 680 -27.66 -17.17 1.54
CA THR B 680 -28.45 -17.38 0.38
C THR B 680 -29.61 -16.37 0.43
N GLY B 681 -30.30 -16.30 1.57
CA GLY B 681 -31.37 -15.30 1.70
C GLY B 681 -31.01 -14.34 2.84
N SER B 682 -31.91 -13.42 3.22
CA SER B 682 -31.52 -12.55 4.37
C SER B 682 -32.73 -12.42 5.28
N ASN B 683 -32.54 -12.43 6.59
CA ASN B 683 -33.71 -12.29 7.45
C ASN B 683 -33.20 -12.11 8.87
N ALA B 684 -34.11 -11.70 9.75
CA ALA B 684 -33.75 -11.40 11.13
C ALA B 684 -34.89 -11.82 12.06
N CYS B 685 -34.57 -12.01 13.33
CA CYS B 685 -35.56 -12.31 14.36
C CYS B 685 -35.16 -11.46 15.57
N TYR B 686 -36.01 -11.34 16.59
CA TYR B 686 -35.62 -10.59 17.78
C TYR B 686 -36.64 -10.92 18.86
N MET B 687 -36.35 -10.58 20.12
CA MET B 687 -37.25 -10.84 21.23
C MET B 687 -38.23 -9.69 21.41
N GLU B 688 -39.49 -9.97 21.13
CA GLU B 688 -40.55 -9.00 21.29
C GLU B 688 -41.32 -9.21 22.59
N GLU B 689 -41.91 -8.09 23.06
CA GLU B 689 -42.76 -8.22 24.27
C GLU B 689 -44.13 -8.72 23.86
N MET B 690 -44.72 -9.57 24.66
CA MET B 690 -45.93 -10.25 24.26
C MET B 690 -47.08 -9.26 24.10
N LYS B 691 -47.08 -8.23 24.91
CA LYS B 691 -48.09 -7.17 24.74
C LYS B 691 -48.10 -6.74 23.26
N ASN B 692 -46.87 -6.62 22.68
CA ASN B 692 -46.83 -6.29 21.27
C ASN B 692 -47.18 -7.39 20.32
N VAL B 693 -47.30 -8.64 20.71
CA VAL B 693 -47.60 -9.67 19.69
C VAL B 693 -49.08 -9.91 19.65
N GLU B 694 -49.85 -9.09 18.96
CA GLU B 694 -51.33 -9.13 19.05
C GLU B 694 -51.89 -10.37 18.40
N MET B 695 -51.04 -11.12 17.69
CA MET B 695 -51.57 -12.24 16.93
C MET B 695 -51.55 -13.49 17.76
N VAL B 696 -50.88 -13.48 18.90
CA VAL B 696 -50.87 -14.61 19.82
C VAL B 696 -51.47 -14.08 21.14
N GLU B 697 -52.38 -14.85 21.70
CA GLU B 697 -53.02 -14.49 22.94
C GLU B 697 -52.06 -14.53 24.14
N GLY B 698 -52.16 -13.52 24.98
CA GLY B 698 -51.39 -13.47 26.20
C GLY B 698 -50.49 -12.24 26.20
N ASP B 699 -50.25 -11.61 27.34
CA ASP B 699 -49.36 -10.48 27.44
C ASP B 699 -48.18 -10.74 28.33
N GLN B 700 -48.05 -11.93 28.90
CA GLN B 700 -46.96 -12.12 29.88
C GLN B 700 -45.67 -12.54 29.15
N GLY B 701 -44.56 -11.96 29.52
CA GLY B 701 -43.31 -12.26 28.90
C GLY B 701 -43.00 -11.75 27.49
N GLN B 702 -42.01 -12.43 26.87
CA GLN B 702 -41.62 -12.14 25.53
C GLN B 702 -41.80 -13.32 24.60
N MET B 703 -41.64 -13.04 23.29
CA MET B 703 -41.58 -14.05 22.27
C MET B 703 -40.60 -13.63 21.14
N CYS B 704 -39.95 -14.68 20.59
CA CYS B 704 -39.04 -14.45 19.48
C CYS B 704 -39.85 -14.32 18.20
N ILE B 705 -39.54 -13.24 17.47
CA ILE B 705 -40.36 -12.99 16.28
C ILE B 705 -39.48 -13.20 15.04
N ASN B 706 -39.94 -14.05 14.15
CA ASN B 706 -39.30 -14.32 12.89
C ASN B 706 -39.85 -13.31 11.89
N MET B 707 -39.15 -12.23 11.59
CA MET B 707 -39.67 -11.09 10.87
C MET B 707 -40.09 -11.43 9.46
N GLU B 708 -39.30 -12.32 8.86
CA GLU B 708 -39.45 -12.53 7.45
C GLU B 708 -39.37 -11.15 6.77
N TRP B 709 -38.26 -10.46 7.06
CA TRP B 709 -37.92 -9.20 6.47
C TRP B 709 -37.50 -9.19 5.04
N GLY B 710 -37.37 -10.34 4.40
CA GLY B 710 -37.05 -10.39 2.98
C GLY B 710 -38.14 -9.72 2.16
N ALA B 711 -39.38 -9.77 2.62
CA ALA B 711 -40.56 -9.41 1.86
C ALA B 711 -40.91 -7.93 1.94
N PHE B 712 -40.11 -7.19 2.68
CA PHE B 712 -40.18 -5.72 2.71
C PHE B 712 -40.01 -5.20 1.29
N GLY B 713 -40.97 -4.37 0.86
CA GLY B 713 -41.01 -3.87 -0.50
C GLY B 713 -41.98 -4.65 -1.36
N ASP B 714 -42.58 -5.72 -0.88
CA ASP B 714 -43.42 -6.55 -1.78
C ASP B 714 -44.74 -5.82 -2.08
N ASN B 715 -45.09 -4.76 -1.38
CA ASN B 715 -46.20 -3.90 -1.71
C ASN B 715 -45.79 -2.63 -2.45
N GLY B 716 -44.60 -2.55 -3.07
CA GLY B 716 -44.10 -1.39 -3.75
C GLY B 716 -43.41 -0.35 -2.92
N CYS B 717 -43.10 -0.53 -1.66
CA CYS B 717 -42.60 0.48 -0.77
C CYS B 717 -41.11 0.79 -0.83
N LEU B 718 -40.44 0.17 -1.81
CA LEU B 718 -39.01 0.49 -1.96
C LEU B 718 -38.89 0.73 -3.46
N ASP B 719 -40.01 0.81 -4.19
CA ASP B 719 -39.93 1.01 -5.63
C ASP B 719 -39.09 2.20 -6.06
N ASP B 720 -39.09 3.25 -5.24
CA ASP B 720 -38.41 4.47 -5.59
C ASP B 720 -36.91 4.40 -5.31
N ILE B 721 -36.43 3.21 -5.08
CA ILE B 721 -35.02 2.94 -4.81
C ILE B 721 -34.59 1.72 -5.61
N ARG B 722 -35.54 0.93 -6.15
CA ARG B 722 -35.23 -0.19 -7.00
C ARG B 722 -34.90 0.19 -8.41
N THR B 723 -33.89 -0.47 -9.02
CA THR B 723 -33.39 -0.10 -10.33
C THR B 723 -33.92 -1.03 -11.41
N HIS B 724 -33.75 -0.67 -12.66
CA HIS B 724 -33.99 -1.58 -13.79
C HIS B 724 -33.39 -2.97 -13.57
N TYR B 725 -32.14 -3.08 -13.13
CA TYR B 725 -31.45 -4.32 -12.92
C TYR B 725 -32.03 -5.10 -11.74
N ASP B 726 -32.49 -4.36 -10.71
CA ASP B 726 -33.23 -5.05 -9.66
C ASP B 726 -34.56 -5.56 -10.22
N ARG B 727 -35.15 -4.89 -11.22
CA ARG B 727 -36.42 -5.40 -11.73
C ARG B 727 -36.23 -6.58 -12.66
N LEU B 728 -35.12 -6.67 -13.37
CA LEU B 728 -34.86 -7.83 -14.22
C LEU B 728 -34.63 -9.09 -13.44
N VAL B 729 -33.77 -9.11 -12.43
CA VAL B 729 -33.51 -10.21 -11.52
C VAL B 729 -34.77 -10.65 -10.83
N ASN B 730 -35.61 -9.71 -10.38
CA ASN B 730 -36.87 -10.14 -9.72
C ASN B 730 -37.80 -10.79 -10.70
N GLU B 731 -37.98 -10.24 -11.89
CA GLU B 731 -38.87 -10.75 -12.92
C GLU B 731 -38.42 -12.08 -13.51
N TYR B 732 -37.14 -12.43 -13.46
CA TYR B 732 -36.66 -13.70 -14.01
C TYR B 732 -36.46 -14.70 -12.89
N SER B 733 -36.96 -14.37 -11.72
CA SER B 733 -36.84 -15.25 -10.56
C SER B 733 -37.97 -16.25 -10.46
N LEU B 734 -37.70 -17.23 -9.59
CA LEU B 734 -38.61 -18.28 -9.24
C LEU B 734 -39.74 -17.70 -8.39
N ASN B 735 -39.61 -16.45 -7.96
CA ASN B 735 -40.74 -15.92 -7.14
C ASN B 735 -40.85 -14.44 -7.48
N ALA B 736 -41.17 -14.23 -8.76
CA ALA B 736 -41.37 -12.93 -9.35
C ALA B 736 -42.27 -12.09 -8.48
N GLY B 737 -41.79 -10.95 -7.96
CA GLY B 737 -42.61 -10.08 -7.12
C GLY B 737 -42.35 -10.24 -5.66
N LYS B 738 -41.68 -11.31 -5.23
CA LYS B 738 -41.59 -11.53 -3.77
C LYS B 738 -40.12 -11.53 -3.33
N GLN B 739 -39.90 -11.30 -2.06
CA GLN B 739 -38.68 -11.11 -1.35
C GLN B 739 -37.84 -10.04 -2.03
N ARG B 740 -38.46 -8.86 -2.23
CA ARG B 740 -37.76 -7.79 -2.92
C ARG B 740 -36.54 -7.26 -2.19
N TYR B 741 -36.64 -6.96 -0.94
CA TYR B 741 -35.51 -6.51 -0.11
C TYR B 741 -34.38 -7.55 -0.12
N GLU B 742 -34.67 -8.83 0.10
CA GLU B 742 -33.68 -9.89 0.12
C GLU B 742 -32.90 -9.94 -1.18
N LYS B 743 -33.64 -9.75 -2.25
CA LYS B 743 -33.14 -9.55 -3.59
C LYS B 743 -32.17 -8.41 -3.81
N MET B 744 -32.12 -7.37 -3.02
CA MET B 744 -31.09 -6.36 -3.05
C MET B 744 -29.93 -6.63 -2.08
N ILE B 745 -29.99 -7.65 -1.24
CA ILE B 745 -29.10 -7.90 -0.14
C ILE B 745 -28.34 -9.23 -0.20
N SER B 746 -28.91 -10.36 -0.54
CA SER B 746 -28.29 -11.66 -0.34
C SER B 746 -27.49 -12.32 -1.43
N GLY B 747 -26.75 -13.37 -1.02
CA GLY B 747 -25.81 -14.06 -1.85
C GLY B 747 -26.37 -14.74 -3.07
N MET B 748 -27.64 -15.21 -2.99
CA MET B 748 -28.24 -15.72 -4.20
C MET B 748 -28.49 -14.67 -5.26
N TYR B 749 -28.53 -13.36 -4.92
CA TYR B 749 -28.99 -12.42 -5.96
C TYR B 749 -28.09 -11.27 -6.37
N LEU B 750 -27.13 -10.90 -5.54
CA LEU B 750 -26.22 -9.81 -5.80
C LEU B 750 -25.46 -10.01 -7.11
N GLY B 751 -25.02 -11.24 -7.32
CA GLY B 751 -24.22 -11.56 -8.51
C GLY B 751 -25.08 -11.41 -9.79
N GLU B 752 -26.39 -11.66 -9.66
CA GLU B 752 -27.30 -11.57 -10.81
C GLU B 752 -27.56 -10.09 -11.11
N ILE B 753 -27.53 -9.26 -10.04
CA ILE B 753 -27.63 -7.83 -10.23
C ILE B 753 -26.44 -7.37 -11.04
N VAL B 754 -25.25 -7.81 -10.59
CA VAL B 754 -23.96 -7.40 -11.17
C VAL B 754 -23.85 -7.88 -12.61
N ARG B 755 -24.37 -9.08 -12.83
CA ARG B 755 -24.36 -9.65 -14.16
C ARG B 755 -25.24 -8.88 -15.12
N ASN B 756 -26.41 -8.41 -14.71
CA ASN B 756 -27.24 -7.62 -15.64
C ASN B 756 -26.65 -6.24 -15.91
N ILE B 757 -26.00 -5.63 -14.89
CA ILE B 757 -25.36 -4.34 -15.14
C ILE B 757 -24.29 -4.51 -16.23
N LEU B 758 -23.51 -5.55 -16.14
CA LEU B 758 -22.41 -5.84 -17.05
C LEU B 758 -22.95 -6.12 -18.47
N ILE B 759 -24.09 -6.80 -18.55
CA ILE B 759 -24.78 -7.04 -19.79
C ILE B 759 -25.12 -5.76 -20.52
N ASP B 760 -25.74 -4.81 -19.87
CA ASP B 760 -25.94 -3.47 -20.37
C ASP B 760 -24.70 -2.76 -20.91
N PHE B 761 -23.75 -2.57 -20.01
CA PHE B 761 -22.45 -1.99 -20.30
C PHE B 761 -21.78 -2.67 -21.49
N THR B 762 -21.94 -3.97 -21.65
CA THR B 762 -21.33 -4.69 -22.78
C THR B 762 -22.07 -4.27 -24.06
N LYS B 763 -23.39 -4.24 -24.05
CA LYS B 763 -24.20 -3.85 -25.18
C LYS B 763 -23.91 -2.41 -25.55
N LYS B 764 -23.48 -1.58 -24.61
CA LYS B 764 -23.10 -0.22 -25.01
C LYS B 764 -21.65 -0.18 -25.43
N GLY B 765 -20.97 -1.29 -25.67
CA GLY B 765 -19.55 -1.27 -25.96
C GLY B 765 -18.60 -0.91 -24.84
N PHE B 766 -18.90 -0.84 -23.54
CA PHE B 766 -17.96 -0.33 -22.56
C PHE B 766 -17.00 -1.36 -22.00
N LEU B 767 -17.34 -2.61 -22.22
CA LEU B 767 -16.71 -3.75 -21.57
C LEU B 767 -16.63 -4.89 -22.60
N PHE B 768 -15.76 -5.83 -22.40
CA PHE B 768 -15.74 -7.01 -23.27
C PHE B 768 -15.80 -6.73 -24.75
N ARG B 769 -15.23 -5.61 -25.23
CA ARG B 769 -15.26 -5.31 -26.65
C ARG B 769 -16.68 -5.37 -27.21
N GLY B 770 -17.68 -5.15 -26.39
CA GLY B 770 -19.04 -5.13 -26.88
C GLY B 770 -19.66 -6.46 -27.24
N GLN B 771 -18.92 -7.53 -26.97
CA GLN B 771 -19.41 -8.87 -27.28
C GLN B 771 -20.07 -9.56 -26.09
N ILE B 772 -21.39 -9.67 -26.07
CA ILE B 772 -22.07 -10.39 -24.99
C ILE B 772 -21.98 -11.89 -25.24
N SER B 773 -21.16 -12.60 -24.46
CA SER B 773 -20.95 -14.02 -24.60
C SER B 773 -21.91 -14.94 -23.87
N GLU B 774 -21.64 -16.23 -24.06
CA GLU B 774 -22.42 -17.28 -23.43
C GLU B 774 -22.17 -17.31 -21.93
N THR B 775 -20.93 -17.09 -21.54
CA THR B 775 -20.66 -16.96 -20.10
C THR B 775 -21.49 -15.85 -19.50
N LEU B 776 -21.52 -14.65 -20.06
CA LEU B 776 -22.20 -13.52 -19.45
C LEU B 776 -23.70 -13.77 -19.41
N LYS B 777 -24.21 -14.68 -20.23
CA LYS B 777 -25.64 -14.97 -20.22
C LYS B 777 -26.09 -16.06 -19.27
N THR B 778 -25.12 -16.73 -18.67
CA THR B 778 -25.38 -17.84 -17.74
C THR B 778 -25.70 -17.35 -16.34
N ARG B 779 -26.80 -17.75 -15.74
CA ARG B 779 -27.26 -17.34 -14.44
C ARG B 779 -26.37 -17.94 -13.35
N GLY B 780 -25.98 -17.17 -12.37
CA GLY B 780 -25.24 -17.70 -11.22
C GLY B 780 -23.73 -17.58 -11.42
N ILE B 781 -23.28 -16.93 -12.48
CA ILE B 781 -21.82 -16.95 -12.73
C ILE B 781 -21.06 -16.28 -11.63
N PHE B 782 -21.64 -15.23 -11.03
CA PHE B 782 -21.10 -14.50 -9.91
C PHE B 782 -21.59 -14.91 -8.52
N GLU B 783 -21.17 -16.12 -8.11
CA GLU B 783 -21.56 -16.64 -6.79
C GLU B 783 -20.82 -15.96 -5.68
N THR B 784 -21.19 -16.07 -4.43
CA THR B 784 -20.65 -15.36 -3.29
C THR B 784 -19.14 -15.42 -3.19
N LYS B 785 -18.65 -16.62 -3.26
CA LYS B 785 -17.20 -16.93 -3.22
C LYS B 785 -16.48 -16.08 -4.26
N PHE B 786 -16.95 -15.92 -5.52
CA PHE B 786 -16.20 -15.10 -6.44
C PHE B 786 -16.37 -13.60 -6.20
N LEU B 787 -17.55 -13.20 -5.72
CA LEU B 787 -17.89 -11.82 -5.49
C LEU B 787 -16.95 -11.32 -4.38
N SER B 788 -16.82 -12.10 -3.32
CA SER B 788 -15.91 -11.77 -2.25
C SER B 788 -14.47 -11.67 -2.68
N GLN B 789 -13.97 -12.62 -3.46
CA GLN B 789 -12.57 -12.49 -3.93
C GLN B 789 -12.29 -11.28 -4.79
N ILE B 790 -13.15 -11.16 -5.83
CA ILE B 790 -12.93 -10.06 -6.77
C ILE B 790 -12.78 -8.74 -6.01
N GLU B 791 -13.48 -8.65 -4.90
CA GLU B 791 -13.49 -7.39 -4.17
C GLU B 791 -12.45 -7.33 -3.07
N SER B 792 -11.75 -8.41 -2.82
CA SER B 792 -10.74 -8.42 -1.77
C SER B 792 -9.55 -7.47 -1.94
N ASP B 793 -9.20 -6.76 -0.89
CA ASP B 793 -8.02 -5.92 -0.79
C ASP B 793 -6.75 -6.77 -0.82
N ARG B 794 -6.91 -8.05 -0.52
CA ARG B 794 -5.88 -9.04 -0.73
C ARG B 794 -5.54 -9.23 -2.20
N LEU B 795 -6.40 -8.91 -3.18
CA LEU B 795 -6.06 -9.22 -4.56
C LEU B 795 -5.52 -8.03 -5.33
N ALA B 796 -4.71 -8.29 -6.38
CA ALA B 796 -4.30 -7.15 -7.23
C ALA B 796 -5.05 -7.28 -8.54
N LEU B 797 -5.20 -6.20 -9.29
CA LEU B 797 -5.89 -6.22 -10.57
C LEU B 797 -5.56 -7.47 -11.37
N LEU B 798 -4.30 -7.85 -11.41
CA LEU B 798 -3.82 -9.06 -12.10
C LEU B 798 -4.65 -10.31 -11.77
N GLN B 799 -4.86 -10.54 -10.48
CA GLN B 799 -5.61 -11.67 -9.96
C GLN B 799 -7.10 -11.47 -10.09
N VAL B 800 -7.61 -10.25 -10.11
CA VAL B 800 -8.99 -9.97 -10.51
C VAL B 800 -9.20 -10.43 -11.93
N ARG B 801 -8.34 -9.97 -12.86
CA ARG B 801 -8.43 -10.42 -14.23
C ARG B 801 -8.40 -11.93 -14.37
N ALA B 802 -7.49 -12.60 -13.66
CA ALA B 802 -7.41 -14.08 -13.76
C ALA B 802 -8.68 -14.74 -13.23
N ILE B 803 -9.34 -14.23 -12.19
CA ILE B 803 -10.63 -14.77 -11.77
C ILE B 803 -11.64 -14.64 -12.90
N LEU B 804 -11.77 -13.45 -13.48
CA LEU B 804 -12.75 -13.25 -14.57
C LEU B 804 -12.51 -14.19 -15.73
N GLN B 805 -11.23 -14.45 -16.01
CA GLN B 805 -10.90 -15.40 -17.10
C GLN B 805 -11.23 -16.85 -16.79
N GLN B 806 -10.91 -17.27 -15.56
CA GLN B 806 -11.31 -18.62 -15.19
C GLN B 806 -12.82 -18.65 -15.12
N LEU B 807 -13.55 -17.57 -14.84
CA LEU B 807 -15.02 -17.77 -14.89
C LEU B 807 -15.41 -18.13 -16.33
N GLY B 808 -14.60 -17.65 -17.27
CA GLY B 808 -14.90 -17.75 -18.66
C GLY B 808 -15.02 -16.42 -19.36
N LEU B 809 -14.67 -15.31 -18.72
CA LEU B 809 -14.86 -14.03 -19.43
C LEU B 809 -13.58 -13.54 -20.09
N ASN B 810 -13.72 -12.98 -21.28
CA ASN B 810 -12.60 -12.39 -21.99
C ASN B 810 -12.38 -10.97 -21.55
N SER B 811 -11.79 -10.86 -20.38
CA SER B 811 -11.59 -9.60 -19.69
C SER B 811 -10.20 -9.00 -19.70
N THR B 812 -10.10 -7.75 -20.14
CA THR B 812 -8.84 -7.02 -20.13
C THR B 812 -8.71 -6.36 -18.75
N CYS B 813 -7.56 -5.75 -18.53
CA CYS B 813 -7.32 -5.01 -17.31
C CYS B 813 -8.36 -3.91 -17.15
N ASP B 814 -8.69 -3.14 -18.19
CA ASP B 814 -9.69 -2.09 -18.06
C ASP B 814 -11.04 -2.72 -17.71
N ASP B 815 -11.43 -3.78 -18.39
CA ASP B 815 -12.65 -4.49 -18.03
C ASP B 815 -12.71 -4.91 -16.57
N SER B 816 -11.62 -5.46 -16.05
CA SER B 816 -11.51 -5.94 -14.69
C SER B 816 -11.60 -4.74 -13.76
N ILE B 817 -11.01 -3.58 -14.09
CA ILE B 817 -11.21 -2.46 -13.16
C ILE B 817 -12.69 -2.12 -13.03
N LEU B 818 -13.46 -2.18 -14.09
CA LEU B 818 -14.86 -1.84 -14.10
C LEU B 818 -15.73 -2.93 -13.48
N VAL B 819 -15.55 -4.23 -13.70
CA VAL B 819 -16.28 -5.28 -13.01
C VAL B 819 -16.21 -5.13 -11.49
N LYS B 820 -15.03 -4.83 -10.97
CA LYS B 820 -14.76 -4.60 -9.56
C LYS B 820 -15.54 -3.40 -9.03
N THR B 821 -15.44 -2.25 -9.68
CA THR B 821 -16.24 -1.11 -9.28
C THR B 821 -17.70 -1.48 -9.19
N VAL B 822 -18.26 -2.17 -10.19
CA VAL B 822 -19.61 -2.65 -10.20
C VAL B 822 -19.95 -3.54 -9.01
N CYS B 823 -19.15 -4.58 -8.81
CA CYS B 823 -19.35 -5.48 -7.69
C CYS B 823 -19.44 -4.69 -6.41
N GLY B 824 -18.60 -3.65 -6.35
CA GLY B 824 -18.51 -2.88 -5.10
C GLY B 824 -19.79 -2.06 -4.91
N VAL B 825 -20.28 -1.53 -6.04
CA VAL B 825 -21.42 -0.63 -5.84
C VAL B 825 -22.56 -1.43 -5.24
N VAL B 826 -22.81 -2.64 -5.75
CA VAL B 826 -23.94 -3.51 -5.42
C VAL B 826 -23.78 -4.10 -4.02
N SER B 827 -22.57 -4.47 -3.62
CA SER B 827 -22.31 -5.09 -2.35
C SER B 827 -22.37 -4.06 -1.22
N ARG B 828 -21.98 -2.85 -1.55
CA ARG B 828 -22.04 -1.75 -0.60
C ARG B 828 -23.48 -1.36 -0.33
N ARG B 829 -24.27 -1.36 -1.41
CA ARG B 829 -25.66 -0.98 -1.25
C ARG B 829 -26.32 -2.08 -0.44
N ALA B 830 -26.01 -3.36 -0.71
CA ALA B 830 -26.63 -4.42 0.11
C ALA B 830 -26.32 -4.26 1.59
N ALA B 831 -25.10 -3.89 2.00
CA ALA B 831 -24.77 -3.82 3.43
C ALA B 831 -25.47 -2.61 4.06
N GLN B 832 -25.68 -1.56 3.25
CA GLN B 832 -26.35 -0.39 3.78
C GLN B 832 -27.85 -0.64 3.98
N LEU B 833 -28.43 -1.34 3.04
CA LEU B 833 -29.87 -1.68 3.13
C LEU B 833 -30.06 -2.63 4.30
N CYS B 834 -29.11 -3.56 4.45
CA CYS B 834 -29.21 -4.49 5.59
C CYS B 834 -29.03 -3.77 6.93
N GLY B 835 -28.16 -2.79 7.01
CA GLY B 835 -27.97 -1.94 8.16
C GLY B 835 -29.16 -1.06 8.52
N ALA B 836 -29.93 -0.60 7.56
CA ALA B 836 -31.07 0.31 7.78
C ALA B 836 -32.20 -0.48 8.38
N GLY B 837 -32.35 -1.76 8.00
CA GLY B 837 -33.36 -2.62 8.62
C GLY B 837 -32.97 -3.05 10.02
N MET B 838 -31.69 -3.39 10.23
CA MET B 838 -31.22 -3.75 11.56
C MET B 838 -31.31 -2.52 12.47
N ALA B 839 -30.96 -1.35 11.92
CA ALA B 839 -31.17 -0.10 12.64
C ALA B 839 -32.58 0.00 13.21
N ALA B 840 -33.58 -0.25 12.37
CA ALA B 840 -34.96 -0.20 12.81
C ALA B 840 -35.15 -1.16 13.99
N VAL B 841 -34.81 -2.43 13.80
CA VAL B 841 -35.02 -3.43 14.85
C VAL B 841 -34.41 -2.94 16.16
N VAL B 842 -33.13 -2.59 16.23
CA VAL B 842 -32.60 -2.31 17.57
C VAL B 842 -33.31 -1.10 18.15
N ASP B 843 -33.69 -0.12 17.33
CA ASP B 843 -34.33 1.08 17.86
C ASP B 843 -35.69 0.68 18.46
N LYS B 844 -36.39 -0.22 17.81
CA LYS B 844 -37.68 -0.65 18.29
C LYS B 844 -37.52 -1.39 19.61
N ILE B 845 -36.43 -2.16 19.81
CA ILE B 845 -36.33 -2.77 21.13
C ILE B 845 -35.98 -1.75 22.18
N ARG B 846 -34.95 -0.94 21.96
CA ARG B 846 -34.52 0.06 22.91
C ARG B 846 -35.69 0.87 23.44
N GLU B 847 -36.37 1.51 22.51
CA GLU B 847 -37.42 2.47 22.67
C GLU B 847 -38.76 1.91 23.09
N ASN B 848 -38.98 0.59 22.97
CA ASN B 848 -40.19 -0.01 23.50
C ASN B 848 -39.99 -0.16 25.01
N ARG B 849 -38.75 -0.40 25.41
CA ARG B 849 -38.32 -0.53 26.78
C ARG B 849 -38.15 0.76 27.55
N GLY B 850 -38.33 1.91 26.90
CA GLY B 850 -38.25 3.17 27.60
C GLY B 850 -36.79 3.56 27.80
N LEU B 851 -35.89 2.73 27.31
CA LEU B 851 -34.46 3.03 27.43
C LEU B 851 -34.01 4.17 26.55
N ASP B 852 -32.95 4.83 26.93
CA ASP B 852 -32.25 5.90 26.29
C ASP B 852 -31.01 5.35 25.59
N ARG B 853 -30.31 4.40 26.16
CA ARG B 853 -29.14 3.74 25.61
C ARG B 853 -29.31 2.22 25.76
N LEU B 854 -29.46 1.54 24.63
CA LEU B 854 -29.49 0.11 24.55
C LEU B 854 -28.16 -0.47 24.08
N ASN B 855 -27.59 -1.41 24.83
CA ASN B 855 -26.49 -2.24 24.30
C ASN B 855 -27.13 -3.59 23.88
N VAL B 856 -26.91 -4.04 22.65
CA VAL B 856 -27.56 -5.32 22.32
C VAL B 856 -26.61 -6.13 21.46
N THR B 857 -26.66 -7.44 21.59
CA THR B 857 -25.82 -8.28 20.73
C THR B 857 -26.66 -8.99 19.68
N VAL B 858 -26.20 -9.00 18.44
CA VAL B 858 -26.88 -9.69 17.33
C VAL B 858 -26.03 -10.94 16.98
N GLY B 859 -26.61 -12.13 17.03
CA GLY B 859 -25.88 -13.32 16.51
C GLY B 859 -26.18 -13.50 15.02
N VAL B 860 -25.19 -13.73 14.18
CA VAL B 860 -25.39 -13.66 12.71
C VAL B 860 -24.74 -14.94 12.10
N ASP B 861 -25.17 -15.30 10.94
CA ASP B 861 -24.56 -16.34 10.12
C ASP B 861 -24.92 -16.09 8.66
N GLY B 862 -24.44 -16.95 7.77
CA GLY B 862 -24.59 -16.81 6.34
C GLY B 862 -23.22 -16.66 5.63
N THR B 863 -23.14 -17.25 4.42
CA THR B 863 -21.90 -17.25 3.67
C THR B 863 -21.51 -15.88 3.13
N LEU B 864 -22.44 -15.02 2.70
CA LEU B 864 -22.07 -13.70 2.19
C LEU B 864 -21.37 -12.94 3.31
N TYR B 865 -22.04 -12.81 4.41
CA TYR B 865 -21.55 -12.16 5.62
C TYR B 865 -20.20 -12.76 6.02
N LYS B 866 -20.05 -14.10 6.04
CA LYS B 866 -18.79 -14.67 6.42
C LYS B 866 -17.70 -14.42 5.37
N LEU B 867 -17.96 -14.57 4.08
CA LEU B 867 -16.93 -14.49 3.09
C LEU B 867 -16.71 -13.08 2.50
N HIS B 868 -17.66 -12.16 2.55
CA HIS B 868 -17.40 -10.90 1.84
C HIS B 868 -16.39 -10.08 2.61
N PRO B 869 -15.39 -9.45 2.03
CA PRO B 869 -14.42 -8.63 2.70
C PRO B 869 -14.91 -7.27 3.18
N HIS B 870 -15.99 -6.72 2.63
CA HIS B 870 -16.52 -5.43 3.03
C HIS B 870 -17.87 -5.42 3.69
N PHE B 871 -18.78 -6.32 3.32
CA PHE B 871 -20.16 -6.28 3.79
C PHE B 871 -20.28 -6.02 5.28
N SER B 872 -19.70 -6.87 6.14
CA SER B 872 -19.94 -6.74 7.55
C SER B 872 -19.47 -5.43 8.14
N ARG B 873 -18.32 -4.91 7.71
CA ARG B 873 -17.80 -3.66 8.17
C ARG B 873 -18.73 -2.51 7.80
N ILE B 874 -19.25 -2.49 6.57
CA ILE B 874 -20.12 -1.42 6.12
C ILE B 874 -21.45 -1.43 6.81
N MET B 875 -22.02 -2.62 6.98
CA MET B 875 -23.21 -2.83 7.76
C MET B 875 -23.04 -2.39 9.20
N HIS B 876 -22.05 -2.82 9.93
CA HIS B 876 -21.93 -2.41 11.34
C HIS B 876 -21.83 -0.89 11.33
N GLN B 877 -21.04 -0.36 10.38
CA GLN B 877 -20.94 1.12 10.35
C GLN B 877 -22.33 1.71 10.15
N THR B 878 -23.20 1.15 9.30
CA THR B 878 -24.49 1.76 9.00
C THR B 878 -25.45 1.81 10.19
N VAL B 879 -25.46 0.71 10.91
CA VAL B 879 -26.23 0.52 12.13
C VAL B 879 -25.78 1.54 13.15
N LYS B 880 -24.47 1.72 13.26
CA LYS B 880 -23.92 2.70 14.18
C LYS B 880 -24.34 4.12 13.79
N GLU B 881 -24.46 4.46 12.52
CA GLU B 881 -24.74 5.81 12.11
C GLU B 881 -26.20 6.20 12.21
N LEU B 882 -27.11 5.28 11.93
CA LEU B 882 -28.54 5.45 11.95
C LEU B 882 -29.14 5.15 13.30
N SER B 883 -28.54 4.24 14.12
CA SER B 883 -29.11 4.06 15.46
C SER B 883 -28.11 4.38 16.53
N PRO B 884 -27.68 5.63 16.61
CA PRO B 884 -26.70 6.07 17.57
C PRO B 884 -26.94 5.91 19.04
N LYS B 885 -28.11 5.44 19.49
CA LYS B 885 -28.31 5.21 20.91
C LYS B 885 -28.23 3.72 21.22
N CYS B 886 -28.12 2.92 20.16
CA CYS B 886 -27.93 1.49 20.39
C CYS B 886 -26.45 1.20 20.22
N ASN B 887 -25.83 0.47 21.12
CA ASN B 887 -24.44 0.03 20.86
C ASN B 887 -24.56 -1.45 20.50
N VAL B 888 -24.46 -1.82 19.24
CA VAL B 888 -24.73 -3.18 18.82
C VAL B 888 -23.43 -3.97 18.64
N SER B 889 -23.34 -5.17 19.18
CA SER B 889 -22.28 -6.09 18.91
C SER B 889 -22.81 -7.23 18.03
N PHE B 890 -22.00 -7.69 17.08
CA PHE B 890 -22.42 -8.75 16.17
C PHE B 890 -21.58 -9.97 16.48
N LEU B 891 -22.15 -11.12 16.78
CA LEU B 891 -21.32 -12.23 17.27
C LEU B 891 -21.49 -13.30 16.20
N LEU B 892 -20.45 -13.67 15.52
CA LEU B 892 -20.57 -14.55 14.39
C LEU B 892 -20.84 -15.99 14.80
N SER B 893 -21.85 -16.69 14.31
CA SER B 893 -21.91 -18.07 14.86
C SER B 893 -21.09 -18.98 13.98
N GLU B 894 -20.10 -19.66 14.55
CA GLU B 894 -19.15 -20.45 13.80
C GLU B 894 -19.59 -21.89 13.68
N ASP B 895 -20.48 -22.36 14.53
CA ASP B 895 -20.92 -23.73 14.59
C ASP B 895 -22.21 -24.02 13.82
N GLY B 896 -22.76 -23.11 13.01
CA GLY B 896 -24.06 -23.45 12.40
C GLY B 896 -25.16 -23.23 13.45
N SER B 897 -26.38 -23.51 13.08
CA SER B 897 -27.60 -23.30 13.83
C SER B 897 -27.95 -24.41 14.83
N GLY B 898 -27.14 -25.45 14.96
CA GLY B 898 -27.65 -26.66 15.60
C GLY B 898 -27.82 -26.61 17.11
N LYS B 899 -26.82 -26.03 17.73
CA LYS B 899 -26.80 -25.92 19.18
C LYS B 899 -28.16 -25.31 19.57
N GLY B 900 -28.54 -24.26 18.84
CA GLY B 900 -29.71 -23.46 19.11
C GLY B 900 -30.98 -24.28 18.88
N ALA B 901 -31.08 -24.94 17.73
CA ALA B 901 -32.29 -25.74 17.51
C ALA B 901 -32.36 -26.78 18.65
N ALA B 902 -31.18 -27.30 18.99
CA ALA B 902 -31.03 -28.21 20.10
C ALA B 902 -31.50 -27.64 21.43
N LEU B 903 -31.15 -26.45 21.83
CA LEU B 903 -31.61 -25.73 23.00
C LEU B 903 -33.11 -25.49 23.01
N ILE B 904 -33.69 -25.22 21.87
CA ILE B 904 -35.11 -24.98 21.67
C ILE B 904 -35.77 -26.34 21.72
N THR B 905 -35.17 -27.33 21.02
CA THR B 905 -35.75 -28.69 21.08
C THR B 905 -35.87 -29.16 22.55
N ALA B 906 -34.91 -28.83 23.39
CA ALA B 906 -35.06 -29.22 24.79
C ALA B 906 -36.29 -28.61 25.43
N VAL B 907 -36.74 -27.47 24.94
CA VAL B 907 -37.91 -26.80 25.50
C VAL B 907 -39.19 -27.48 25.07
N GLY B 908 -39.37 -27.93 23.85
CA GLY B 908 -40.49 -28.85 23.56
C GLY B 908 -40.23 -29.98 24.57
N VAL B 909 -39.92 -31.21 24.15
CA VAL B 909 -39.68 -32.23 25.14
C VAL B 909 -40.30 -31.84 26.47
N ARG B 910 -39.69 -30.93 27.22
CA ARG B 910 -40.21 -30.50 28.48
C ARG B 910 -41.71 -30.17 28.44
N LEU B 911 -42.12 -29.48 27.38
CA LEU B 911 -43.50 -29.09 27.26
C LEU B 911 -44.35 -30.13 26.58
N ARG B 912 -43.81 -30.98 25.71
CA ARG B 912 -44.60 -32.11 25.19
C ARG B 912 -44.68 -33.15 26.30
N THR B 913 -43.87 -32.88 27.32
CA THR B 913 -43.81 -33.73 28.51
C THR B 913 -44.59 -33.14 29.68
N GLU B 914 -44.95 -31.86 29.58
CA GLU B 914 -45.76 -31.24 30.62
C GLU B 914 -45.28 -31.69 31.99
#